data_3LYG
# 
_entry.id   3LYG 
# 
_audit_conform.dict_name       mmcif_pdbx.dic 
_audit_conform.dict_version    5.399 
_audit_conform.dict_location   http://mmcif.pdb.org/dictionaries/ascii/mmcif_pdbx.dic 
# 
loop_
_database_2.database_id 
_database_2.database_code 
_database_2.pdbx_database_accession 
_database_2.pdbx_DOI 
PDB   3LYG         pdb_00003lyg 10.2210/pdb3lyg/pdb 
RCSB  RCSB057887   ?            ?                   
WWPDB D_1000057887 ?            ?                   
# 
loop_
_pdbx_audit_revision_history.ordinal 
_pdbx_audit_revision_history.data_content_type 
_pdbx_audit_revision_history.major_revision 
_pdbx_audit_revision_history.minor_revision 
_pdbx_audit_revision_history.revision_date 
1 'Structure model' 1 0 2010-04-14 
2 'Structure model' 1 1 2011-07-13 
3 'Structure model' 1 2 2017-11-08 
4 'Structure model' 1 3 2019-07-17 
5 'Structure model' 1 4 2023-02-01 
6 'Structure model' 1 5 2024-11-20 
# 
_pdbx_audit_revision_details.ordinal             1 
_pdbx_audit_revision_details.revision_ordinal    1 
_pdbx_audit_revision_details.data_content_type   'Structure model' 
_pdbx_audit_revision_details.provider            repository 
_pdbx_audit_revision_details.type                'Initial release' 
_pdbx_audit_revision_details.description         ? 
_pdbx_audit_revision_details.details             ? 
# 
loop_
_pdbx_audit_revision_group.ordinal 
_pdbx_audit_revision_group.revision_ordinal 
_pdbx_audit_revision_group.data_content_type 
_pdbx_audit_revision_group.group 
1  2 'Structure model' Advisory                    
2  2 'Structure model' 'Version format compliance' 
3  3 'Structure model' 'Refinement description'    
4  4 'Structure model' 'Data collection'           
5  4 'Structure model' 'Derived calculations'      
6  4 'Structure model' 'Refinement description'    
7  5 'Structure model' 'Database references'       
8  5 'Structure model' 'Derived calculations'      
9  6 'Structure model' 'Data collection'           
10 6 'Structure model' 'Structure summary'         
# 
loop_
_pdbx_audit_revision_category.ordinal 
_pdbx_audit_revision_category.revision_ordinal 
_pdbx_audit_revision_category.data_content_type 
_pdbx_audit_revision_category.category 
1  3 'Structure model' software                  
2  4 'Structure model' software                  
3  4 'Structure model' struct_conn               
4  5 'Structure model' database_2                
5  5 'Structure model' struct_ref_seq_dif        
6  5 'Structure model' struct_site               
7  6 'Structure model' chem_comp_atom            
8  6 'Structure model' chem_comp_bond            
9  6 'Structure model' pdbx_entry_details        
10 6 'Structure model' pdbx_modification_feature 
# 
loop_
_pdbx_audit_revision_item.ordinal 
_pdbx_audit_revision_item.revision_ordinal 
_pdbx_audit_revision_item.data_content_type 
_pdbx_audit_revision_item.item 
1  3 'Structure model' '_software.classification'                     
2  3 'Structure model' '_software.name'                               
3  4 'Structure model' '_software.classification'                     
4  4 'Structure model' '_software.contact_author'                     
5  4 'Structure model' '_software.contact_author_email'               
6  4 'Structure model' '_software.language'                           
7  4 'Structure model' '_software.location'                           
8  4 'Structure model' '_software.name'                               
9  4 'Structure model' '_software.type'                               
10 4 'Structure model' '_software.version'                            
11 4 'Structure model' '_struct_conn.pdbx_leaving_atom_flag'          
12 5 'Structure model' '_database_2.pdbx_DOI'                         
13 5 'Structure model' '_database_2.pdbx_database_accession'          
14 5 'Structure model' '_struct_ref_seq_dif.details'                  
15 5 'Structure model' '_struct_site.pdbx_auth_asym_id'               
16 5 'Structure model' '_struct_site.pdbx_auth_comp_id'               
17 5 'Structure model' '_struct_site.pdbx_auth_seq_id'                
18 6 'Structure model' '_pdbx_entry_details.has_protein_modification' 
# 
_pdbx_database_status.SG_entry                        Y 
_pdbx_database_status.entry_id                        3LYG 
_pdbx_database_status.deposit_site                    RCSB 
_pdbx_database_status.process_site                    RCSB 
_pdbx_database_status.recvd_initial_deposition_date   2010-02-26 
_pdbx_database_status.status_code                     REL 
_pdbx_database_status.status_code_sf                  REL 
_pdbx_database_status.status_code_mr                  ? 
_pdbx_database_status.pdb_format_compatible           Y 
_pdbx_database_status.status_code_cs                  ? 
_pdbx_database_status.methods_development_category    ? 
_pdbx_database_status.status_code_nmr_data            ? 
# 
_pdbx_database_related.db_name        TargetDB 
_pdbx_database_related.db_id          402769 
_pdbx_database_related.details        . 
_pdbx_database_related.content_type   unspecified 
# 
_audit_author.name           'Joint Center for Structural Genomics (JCSG)' 
_audit_author.pdbx_ordinal   1 
# 
_citation.id                        primary 
_citation.title                     
'Crystal structure of NTF2-like protein of unknown function (YP_270605.1) from Colwellia psychrerythraea 34H at 1.61 A resolution' 
_citation.journal_abbrev            'To be published' 
_citation.journal_volume            ? 
_citation.page_first                ? 
_citation.page_last                 ? 
_citation.year                      ? 
_citation.journal_id_ASTM           ? 
_citation.country                   ? 
_citation.journal_id_ISSN           ? 
_citation.journal_id_CSD            0353 
_citation.book_publisher            ? 
_citation.pdbx_database_id_PubMed   ? 
_citation.pdbx_database_id_DOI      ? 
# 
_citation_author.citation_id        primary 
_citation_author.name               'Joint Center for Structural Genomics (JCSG)' 
_citation_author.ordinal            1 
_citation_author.identifier_ORCID   ? 
# 
loop_
_entity.id 
_entity.type 
_entity.src_method 
_entity.pdbx_description 
_entity.formula_weight 
_entity.pdbx_number_of_molecules 
_entity.pdbx_ec 
_entity.pdbx_mutation 
_entity.pdbx_fragment 
_entity.details 
1 polymer     man 'NTF2-like protein of unknown function' 13862.056 1   ? ? ? ? 
2 non-polymer syn IMIDAZOLE                               69.085    1   ? ? ? ? 
3 non-polymer syn 'UNKNOWN LIGAND'                        ?         1   ? ? ? ? 
4 non-polymer syn 'SULFATE ION'                           96.063    1   ? ? ? ? 
5 non-polymer syn GLYCEROL                                92.094    1   ? ? ? ? 
6 water       nat water                                   18.015    150 ? ? ? ? 
# 
_entity_poly.entity_id                      1 
_entity_poly.type                           'polypeptide(L)' 
_entity_poly.nstd_linkage                   no 
_entity_poly.nstd_monomer                   yes 
_entity_poly.pdbx_seq_one_letter_code       
;G(MSE)NLANIVQRGWEALGAGDFDTLVTDYVEK(MSE)IFI(MSE)PGQADVLKGRQAFRSALDNLGEILPPGFEITGL
RQLEGENEIVSIVEWKSDK(MSE)IASQLSVLFKFEGDQIYEERWFVDTEQWKSVF
;
_entity_poly.pdbx_seq_one_letter_code_can   
;GMNLANIVQRGWEALGAGDFDTLVTDYVEKMIFIMPGQADVLKGRQAFRSALDNLGEILPPGFEITGLRQLEGENEIVSI
VEWKSDKMIASQLSVLFKFEGDQIYEERWFVDTEQWKSVF
;
_entity_poly.pdbx_strand_id                 A 
_entity_poly.pdbx_target_identifier         402769 
# 
loop_
_pdbx_entity_nonpoly.entity_id 
_pdbx_entity_nonpoly.name 
_pdbx_entity_nonpoly.comp_id 
2 IMIDAZOLE        IMD 
3 'UNKNOWN LIGAND' UNL 
4 'SULFATE ION'    SO4 
5 GLYCEROL         GOL 
6 water            HOH 
# 
loop_
_entity_poly_seq.entity_id 
_entity_poly_seq.num 
_entity_poly_seq.mon_id 
_entity_poly_seq.hetero 
1 1   GLY n 
1 2   MSE n 
1 3   ASN n 
1 4   LEU n 
1 5   ALA n 
1 6   ASN n 
1 7   ILE n 
1 8   VAL n 
1 9   GLN n 
1 10  ARG n 
1 11  GLY n 
1 12  TRP n 
1 13  GLU n 
1 14  ALA n 
1 15  LEU n 
1 16  GLY n 
1 17  ALA n 
1 18  GLY n 
1 19  ASP n 
1 20  PHE n 
1 21  ASP n 
1 22  THR n 
1 23  LEU n 
1 24  VAL n 
1 25  THR n 
1 26  ASP n 
1 27  TYR n 
1 28  VAL n 
1 29  GLU n 
1 30  LYS n 
1 31  MSE n 
1 32  ILE n 
1 33  PHE n 
1 34  ILE n 
1 35  MSE n 
1 36  PRO n 
1 37  GLY n 
1 38  GLN n 
1 39  ALA n 
1 40  ASP n 
1 41  VAL n 
1 42  LEU n 
1 43  LYS n 
1 44  GLY n 
1 45  ARG n 
1 46  GLN n 
1 47  ALA n 
1 48  PHE n 
1 49  ARG n 
1 50  SER n 
1 51  ALA n 
1 52  LEU n 
1 53  ASP n 
1 54  ASN n 
1 55  LEU n 
1 56  GLY n 
1 57  GLU n 
1 58  ILE n 
1 59  LEU n 
1 60  PRO n 
1 61  PRO n 
1 62  GLY n 
1 63  PHE n 
1 64  GLU n 
1 65  ILE n 
1 66  THR n 
1 67  GLY n 
1 68  LEU n 
1 69  ARG n 
1 70  GLN n 
1 71  LEU n 
1 72  GLU n 
1 73  GLY n 
1 74  GLU n 
1 75  ASN n 
1 76  GLU n 
1 77  ILE n 
1 78  VAL n 
1 79  SER n 
1 80  ILE n 
1 81  VAL n 
1 82  GLU n 
1 83  TRP n 
1 84  LYS n 
1 85  SER n 
1 86  ASP n 
1 87  LYS n 
1 88  MSE n 
1 89  ILE n 
1 90  ALA n 
1 91  SER n 
1 92  GLN n 
1 93  LEU n 
1 94  SER n 
1 95  VAL n 
1 96  LEU n 
1 97  PHE n 
1 98  LYS n 
1 99  PHE n 
1 100 GLU n 
1 101 GLY n 
1 102 ASP n 
1 103 GLN n 
1 104 ILE n 
1 105 TYR n 
1 106 GLU n 
1 107 GLU n 
1 108 ARG n 
1 109 TRP n 
1 110 PHE n 
1 111 VAL n 
1 112 ASP n 
1 113 THR n 
1 114 GLU n 
1 115 GLN n 
1 116 TRP n 
1 117 LYS n 
1 118 SER n 
1 119 VAL n 
1 120 PHE n 
# 
_entity_src_gen.entity_id                          1 
_entity_src_gen.pdbx_src_id                        1 
_entity_src_gen.pdbx_alt_source_flag               sample 
_entity_src_gen.pdbx_seq_type                      ? 
_entity_src_gen.pdbx_beg_seq_num                   ? 
_entity_src_gen.pdbx_end_seq_num                   ? 
_entity_src_gen.gene_src_common_name               ? 
_entity_src_gen.gene_src_genus                     ? 
_entity_src_gen.pdbx_gene_src_gene                 CPS_3947 
_entity_src_gen.gene_src_species                   ? 
_entity_src_gen.gene_src_strain                    '34H / ATCC BAA-681' 
_entity_src_gen.gene_src_tissue                    ? 
_entity_src_gen.gene_src_tissue_fraction           ? 
_entity_src_gen.gene_src_details                   ? 
_entity_src_gen.pdbx_gene_src_fragment             ? 
_entity_src_gen.pdbx_gene_src_scientific_name      'Colwellia psychrerythraea' 
_entity_src_gen.pdbx_gene_src_ncbi_taxonomy_id     167879 
_entity_src_gen.pdbx_gene_src_variant              ? 
_entity_src_gen.pdbx_gene_src_cell_line            ? 
_entity_src_gen.pdbx_gene_src_atcc                 ? 
_entity_src_gen.pdbx_gene_src_organ                ? 
_entity_src_gen.pdbx_gene_src_organelle            ? 
_entity_src_gen.pdbx_gene_src_cell                 ? 
_entity_src_gen.pdbx_gene_src_cellular_location    ? 
_entity_src_gen.host_org_common_name               ? 
_entity_src_gen.pdbx_host_org_scientific_name      'Escherichia coli' 
_entity_src_gen.pdbx_host_org_ncbi_taxonomy_id     562 
_entity_src_gen.host_org_genus                     ? 
_entity_src_gen.pdbx_host_org_gene                 ? 
_entity_src_gen.pdbx_host_org_organ                ? 
_entity_src_gen.host_org_species                   ? 
_entity_src_gen.pdbx_host_org_tissue               ? 
_entity_src_gen.pdbx_host_org_tissue_fraction      ? 
_entity_src_gen.pdbx_host_org_strain               HK100 
_entity_src_gen.pdbx_host_org_variant              ? 
_entity_src_gen.pdbx_host_org_cell_line            ? 
_entity_src_gen.pdbx_host_org_atcc                 ? 
_entity_src_gen.pdbx_host_org_culture_collection   ? 
_entity_src_gen.pdbx_host_org_cell                 ? 
_entity_src_gen.pdbx_host_org_organelle            ? 
_entity_src_gen.pdbx_host_org_cellular_location    ? 
_entity_src_gen.pdbx_host_org_vector_type          Plasmid 
_entity_src_gen.pdbx_host_org_vector               ? 
_entity_src_gen.host_org_details                   ? 
_entity_src_gen.expression_system_id               ? 
_entity_src_gen.plasmid_name                       SpeedET 
_entity_src_gen.plasmid_details                    ? 
_entity_src_gen.pdbx_description                   ? 
# 
loop_
_chem_comp.id 
_chem_comp.type 
_chem_comp.mon_nstd_flag 
_chem_comp.name 
_chem_comp.pdbx_synonyms 
_chem_comp.formula 
_chem_comp.formula_weight 
ALA 'L-peptide linking' y ALANINE          ?                               'C3 H7 N O2'     89.093  
ARG 'L-peptide linking' y ARGININE         ?                               'C6 H15 N4 O2 1' 175.209 
ASN 'L-peptide linking' y ASPARAGINE       ?                               'C4 H8 N2 O3'    132.118 
ASP 'L-peptide linking' y 'ASPARTIC ACID'  ?                               'C4 H7 N O4'     133.103 
GLN 'L-peptide linking' y GLUTAMINE        ?                               'C5 H10 N2 O3'   146.144 
GLU 'L-peptide linking' y 'GLUTAMIC ACID'  ?                               'C5 H9 N O4'     147.129 
GLY 'peptide linking'   y GLYCINE          ?                               'C2 H5 N O2'     75.067  
GOL non-polymer         . GLYCEROL         'GLYCERIN; PROPANE-1,2,3-TRIOL' 'C3 H8 O3'       92.094  
HOH non-polymer         . WATER            ?                               'H2 O'           18.015  
ILE 'L-peptide linking' y ISOLEUCINE       ?                               'C6 H13 N O2'    131.173 
IMD non-polymer         . IMIDAZOLE        ?                               'C3 H5 N2 1'     69.085  
LEU 'L-peptide linking' y LEUCINE          ?                               'C6 H13 N O2'    131.173 
LYS 'L-peptide linking' y LYSINE           ?                               'C6 H15 N2 O2 1' 147.195 
MSE 'L-peptide linking' n SELENOMETHIONINE ?                               'C5 H11 N O2 Se' 196.106 
PHE 'L-peptide linking' y PHENYLALANINE    ?                               'C9 H11 N O2'    165.189 
PRO 'L-peptide linking' y PROLINE          ?                               'C5 H9 N O2'     115.130 
SER 'L-peptide linking' y SERINE           ?                               'C3 H7 N O3'     105.093 
SO4 non-polymer         . 'SULFATE ION'    ?                               'O4 S -2'        96.063  
THR 'L-peptide linking' y THREONINE        ?                               'C4 H9 N O3'     119.119 
TRP 'L-peptide linking' y TRYPTOPHAN       ?                               'C11 H12 N2 O2'  204.225 
TYR 'L-peptide linking' y TYROSINE         ?                               'C9 H11 N O3'    181.189 
UNL non-polymer         . 'UNKNOWN LIGAND' ?                               ?                ?       
VAL 'L-peptide linking' y VALINE           ?                               'C5 H11 N O2'    117.146 
# 
loop_
_pdbx_poly_seq_scheme.asym_id 
_pdbx_poly_seq_scheme.entity_id 
_pdbx_poly_seq_scheme.seq_id 
_pdbx_poly_seq_scheme.mon_id 
_pdbx_poly_seq_scheme.ndb_seq_num 
_pdbx_poly_seq_scheme.pdb_seq_num 
_pdbx_poly_seq_scheme.auth_seq_num 
_pdbx_poly_seq_scheme.pdb_mon_id 
_pdbx_poly_seq_scheme.auth_mon_id 
_pdbx_poly_seq_scheme.pdb_strand_id 
_pdbx_poly_seq_scheme.pdb_ins_code 
_pdbx_poly_seq_scheme.hetero 
A 1 1   GLY 1   0   0   GLY GLY A . n 
A 1 2   MSE 2   1   1   MSE MSE A . n 
A 1 3   ASN 3   2   2   ASN ASN A . n 
A 1 4   LEU 4   3   3   LEU LEU A . n 
A 1 5   ALA 5   4   4   ALA ALA A . n 
A 1 6   ASN 6   5   5   ASN ASN A . n 
A 1 7   ILE 7   6   6   ILE ILE A . n 
A 1 8   VAL 8   7   7   VAL VAL A . n 
A 1 9   GLN 9   8   8   GLN GLN A . n 
A 1 10  ARG 10  9   9   ARG ARG A . n 
A 1 11  GLY 11  10  10  GLY GLY A . n 
A 1 12  TRP 12  11  11  TRP TRP A . n 
A 1 13  GLU 13  12  12  GLU GLU A . n 
A 1 14  ALA 14  13  13  ALA ALA A . n 
A 1 15  LEU 15  14  14  LEU LEU A . n 
A 1 16  GLY 16  15  15  GLY GLY A . n 
A 1 17  ALA 17  16  16  ALA ALA A . n 
A 1 18  GLY 18  17  17  GLY GLY A . n 
A 1 19  ASP 19  18  18  ASP ASP A . n 
A 1 20  PHE 20  19  19  PHE PHE A . n 
A 1 21  ASP 21  20  20  ASP ASP A . n 
A 1 22  THR 22  21  21  THR THR A . n 
A 1 23  LEU 23  22  22  LEU LEU A . n 
A 1 24  VAL 24  23  23  VAL VAL A . n 
A 1 25  THR 25  24  24  THR THR A . n 
A 1 26  ASP 26  25  25  ASP ASP A . n 
A 1 27  TYR 27  26  26  TYR TYR A . n 
A 1 28  VAL 28  27  27  VAL VAL A . n 
A 1 29  GLU 29  28  28  GLU GLU A . n 
A 1 30  LYS 30  29  29  LYS LYS A . n 
A 1 31  MSE 31  30  30  MSE MSE A . n 
A 1 32  ILE 32  31  31  ILE ILE A . n 
A 1 33  PHE 33  32  32  PHE PHE A . n 
A 1 34  ILE 34  33  33  ILE ILE A . n 
A 1 35  MSE 35  34  34  MSE MSE A . n 
A 1 36  PRO 36  35  35  PRO PRO A . n 
A 1 37  GLY 37  36  36  GLY GLY A . n 
A 1 38  GLN 38  37  37  GLN GLN A . n 
A 1 39  ALA 39  38  38  ALA ALA A . n 
A 1 40  ASP 40  39  39  ASP ASP A . n 
A 1 41  VAL 41  40  40  VAL VAL A . n 
A 1 42  LEU 42  41  41  LEU LEU A . n 
A 1 43  LYS 43  42  42  LYS LYS A . n 
A 1 44  GLY 44  43  43  GLY GLY A . n 
A 1 45  ARG 45  44  44  ARG ARG A . n 
A 1 46  GLN 46  45  45  GLN GLN A . n 
A 1 47  ALA 47  46  46  ALA ALA A . n 
A 1 48  PHE 48  47  47  PHE PHE A . n 
A 1 49  ARG 49  48  48  ARG ARG A . n 
A 1 50  SER 50  49  49  SER SER A . n 
A 1 51  ALA 51  50  50  ALA ALA A . n 
A 1 52  LEU 52  51  51  LEU LEU A . n 
A 1 53  ASP 53  52  52  ASP ASP A . n 
A 1 54  ASN 54  53  53  ASN ASN A . n 
A 1 55  LEU 55  54  54  LEU LEU A . n 
A 1 56  GLY 56  55  55  GLY GLY A . n 
A 1 57  GLU 57  56  56  GLU GLU A . n 
A 1 58  ILE 58  57  57  ILE ILE A . n 
A 1 59  LEU 59  58  58  LEU LEU A . n 
A 1 60  PRO 60  59  59  PRO PRO A . n 
A 1 61  PRO 61  60  60  PRO PRO A . n 
A 1 62  GLY 62  61  61  GLY GLY A . n 
A 1 63  PHE 63  62  62  PHE PHE A . n 
A 1 64  GLU 64  63  63  GLU GLU A . n 
A 1 65  ILE 65  64  64  ILE ILE A . n 
A 1 66  THR 66  65  65  THR THR A . n 
A 1 67  GLY 67  66  66  GLY GLY A . n 
A 1 68  LEU 68  67  67  LEU LEU A . n 
A 1 69  ARG 69  68  68  ARG ARG A . n 
A 1 70  GLN 70  69  69  GLN GLN A . n 
A 1 71  LEU 71  70  70  LEU LEU A . n 
A 1 72  GLU 72  71  71  GLU GLU A . n 
A 1 73  GLY 73  72  72  GLY GLY A . n 
A 1 74  GLU 74  73  73  GLU GLU A . n 
A 1 75  ASN 75  74  74  ASN ASN A . n 
A 1 76  GLU 76  75  75  GLU GLU A . n 
A 1 77  ILE 77  76  76  ILE ILE A . n 
A 1 78  VAL 78  77  77  VAL VAL A . n 
A 1 79  SER 79  78  78  SER SER A . n 
A 1 80  ILE 80  79  79  ILE ILE A . n 
A 1 81  VAL 81  80  80  VAL VAL A . n 
A 1 82  GLU 82  81  81  GLU GLU A . n 
A 1 83  TRP 83  82  82  TRP TRP A . n 
A 1 84  LYS 84  83  83  LYS LYS A . n 
A 1 85  SER 85  84  84  SER SER A . n 
A 1 86  ASP 86  85  85  ASP ASP A . n 
A 1 87  LYS 87  86  86  LYS LYS A . n 
A 1 88  MSE 88  87  87  MSE MSE A . n 
A 1 89  ILE 89  88  88  ILE ILE A . n 
A 1 90  ALA 90  89  89  ALA ALA A . n 
A 1 91  SER 91  90  90  SER SER A . n 
A 1 92  GLN 92  91  91  GLN GLN A . n 
A 1 93  LEU 93  92  92  LEU LEU A . n 
A 1 94  SER 94  93  93  SER SER A . n 
A 1 95  VAL 95  94  94  VAL VAL A . n 
A 1 96  LEU 96  95  95  LEU LEU A . n 
A 1 97  PHE 97  96  96  PHE PHE A . n 
A 1 98  LYS 98  97  97  LYS LYS A . n 
A 1 99  PHE 99  98  98  PHE PHE A . n 
A 1 100 GLU 100 99  99  GLU GLU A . n 
A 1 101 GLY 101 100 100 GLY GLY A . n 
A 1 102 ASP 102 101 101 ASP ASP A . n 
A 1 103 GLN 103 102 102 GLN GLN A . n 
A 1 104 ILE 104 103 103 ILE ILE A . n 
A 1 105 TYR 105 104 104 TYR TYR A . n 
A 1 106 GLU 106 105 105 GLU GLU A . n 
A 1 107 GLU 107 106 106 GLU GLU A . n 
A 1 108 ARG 108 107 107 ARG ARG A . n 
A 1 109 TRP 109 108 108 TRP TRP A . n 
A 1 110 PHE 110 109 109 PHE PHE A . n 
A 1 111 VAL 111 110 110 VAL VAL A . n 
A 1 112 ASP 112 111 111 ASP ASP A . n 
A 1 113 THR 113 112 112 THR THR A . n 
A 1 114 GLU 114 113 113 GLU GLU A . n 
A 1 115 GLN 115 114 114 GLN GLN A . n 
A 1 116 TRP 116 115 115 TRP TRP A . n 
A 1 117 LYS 117 116 116 LYS LYS A . n 
A 1 118 SER 118 117 117 SER SER A . n 
A 1 119 VAL 119 118 118 VAL VAL A . n 
A 1 120 PHE 120 119 119 PHE PHE A . n 
# 
loop_
_pdbx_nonpoly_scheme.asym_id 
_pdbx_nonpoly_scheme.entity_id 
_pdbx_nonpoly_scheme.mon_id 
_pdbx_nonpoly_scheme.ndb_seq_num 
_pdbx_nonpoly_scheme.pdb_seq_num 
_pdbx_nonpoly_scheme.auth_seq_num 
_pdbx_nonpoly_scheme.pdb_mon_id 
_pdbx_nonpoly_scheme.auth_mon_id 
_pdbx_nonpoly_scheme.pdb_strand_id 
_pdbx_nonpoly_scheme.pdb_ins_code 
B 2 IMD 1   120 1   IMD IMD A . 
C 3 UNL 1   121 2   UNL UNL A . 
D 4 SO4 1   122 3   SO4 SO4 A . 
E 5 GOL 1   123 4   GOL GOL A . 
F 6 HOH 1   124 124 HOH HOH A . 
F 6 HOH 2   125 125 HOH HOH A . 
F 6 HOH 3   126 126 HOH HOH A . 
F 6 HOH 4   127 127 HOH HOH A . 
F 6 HOH 5   128 128 HOH HOH A . 
F 6 HOH 6   129 129 HOH HOH A . 
F 6 HOH 7   130 130 HOH HOH A . 
F 6 HOH 8   131 131 HOH HOH A . 
F 6 HOH 9   132 132 HOH HOH A . 
F 6 HOH 10  133 133 HOH HOH A . 
F 6 HOH 11  134 134 HOH HOH A . 
F 6 HOH 12  135 135 HOH HOH A . 
F 6 HOH 13  136 136 HOH HOH A . 
F 6 HOH 14  137 137 HOH HOH A . 
F 6 HOH 15  138 138 HOH HOH A . 
F 6 HOH 16  139 139 HOH HOH A . 
F 6 HOH 17  140 140 HOH HOH A . 
F 6 HOH 18  141 141 HOH HOH A . 
F 6 HOH 19  142 142 HOH HOH A . 
F 6 HOH 20  143 143 HOH HOH A . 
F 6 HOH 21  144 144 HOH HOH A . 
F 6 HOH 22  145 145 HOH HOH A . 
F 6 HOH 23  146 146 HOH HOH A . 
F 6 HOH 24  147 147 HOH HOH A . 
F 6 HOH 25  148 148 HOH HOH A . 
F 6 HOH 26  149 149 HOH HOH A . 
F 6 HOH 27  150 150 HOH HOH A . 
F 6 HOH 28  151 151 HOH HOH A . 
F 6 HOH 29  152 152 HOH HOH A . 
F 6 HOH 30  153 153 HOH HOH A . 
F 6 HOH 31  154 154 HOH HOH A . 
F 6 HOH 32  155 5   HOH HOH A . 
F 6 HOH 33  156 6   HOH HOH A . 
F 6 HOH 34  157 7   HOH HOH A . 
F 6 HOH 35  158 8   HOH HOH A . 
F 6 HOH 36  159 9   HOH HOH A . 
F 6 HOH 37  160 10  HOH HOH A . 
F 6 HOH 38  161 11  HOH HOH A . 
F 6 HOH 39  162 12  HOH HOH A . 
F 6 HOH 40  163 13  HOH HOH A . 
F 6 HOH 41  164 14  HOH HOH A . 
F 6 HOH 42  165 15  HOH HOH A . 
F 6 HOH 43  166 16  HOH HOH A . 
F 6 HOH 44  167 17  HOH HOH A . 
F 6 HOH 45  168 18  HOH HOH A . 
F 6 HOH 46  169 19  HOH HOH A . 
F 6 HOH 47  170 20  HOH HOH A . 
F 6 HOH 48  171 21  HOH HOH A . 
F 6 HOH 49  172 22  HOH HOH A . 
F 6 HOH 50  173 23  HOH HOH A . 
F 6 HOH 51  174 24  HOH HOH A . 
F 6 HOH 52  175 25  HOH HOH A . 
F 6 HOH 53  176 26  HOH HOH A . 
F 6 HOH 54  177 27  HOH HOH A . 
F 6 HOH 55  178 28  HOH HOH A . 
F 6 HOH 56  179 29  HOH HOH A . 
F 6 HOH 57  180 30  HOH HOH A . 
F 6 HOH 58  181 31  HOH HOH A . 
F 6 HOH 59  182 32  HOH HOH A . 
F 6 HOH 60  183 33  HOH HOH A . 
F 6 HOH 61  184 34  HOH HOH A . 
F 6 HOH 62  185 35  HOH HOH A . 
F 6 HOH 63  186 36  HOH HOH A . 
F 6 HOH 64  187 37  HOH HOH A . 
F 6 HOH 65  188 38  HOH HOH A . 
F 6 HOH 66  189 39  HOH HOH A . 
F 6 HOH 67  190 40  HOH HOH A . 
F 6 HOH 68  191 41  HOH HOH A . 
F 6 HOH 69  192 42  HOH HOH A . 
F 6 HOH 70  193 43  HOH HOH A . 
F 6 HOH 71  194 44  HOH HOH A . 
F 6 HOH 72  195 45  HOH HOH A . 
F 6 HOH 73  196 46  HOH HOH A . 
F 6 HOH 74  197 47  HOH HOH A . 
F 6 HOH 75  198 48  HOH HOH A . 
F 6 HOH 76  199 49  HOH HOH A . 
F 6 HOH 77  200 50  HOH HOH A . 
F 6 HOH 78  201 51  HOH HOH A . 
F 6 HOH 79  202 52  HOH HOH A . 
F 6 HOH 80  203 53  HOH HOH A . 
F 6 HOH 81  204 54  HOH HOH A . 
F 6 HOH 82  205 55  HOH HOH A . 
F 6 HOH 83  206 56  HOH HOH A . 
F 6 HOH 84  207 57  HOH HOH A . 
F 6 HOH 85  208 58  HOH HOH A . 
F 6 HOH 86  209 59  HOH HOH A . 
F 6 HOH 87  210 60  HOH HOH A . 
F 6 HOH 88  211 61  HOH HOH A . 
F 6 HOH 89  212 62  HOH HOH A . 
F 6 HOH 90  213 63  HOH HOH A . 
F 6 HOH 91  214 64  HOH HOH A . 
F 6 HOH 92  215 65  HOH HOH A . 
F 6 HOH 93  216 66  HOH HOH A . 
F 6 HOH 94  217 67  HOH HOH A . 
F 6 HOH 95  218 68  HOH HOH A . 
F 6 HOH 96  219 69  HOH HOH A . 
F 6 HOH 97  220 70  HOH HOH A . 
F 6 HOH 98  221 71  HOH HOH A . 
F 6 HOH 99  222 72  HOH HOH A . 
F 6 HOH 100 223 73  HOH HOH A . 
F 6 HOH 101 224 74  HOH HOH A . 
F 6 HOH 102 225 75  HOH HOH A . 
F 6 HOH 103 226 76  HOH HOH A . 
F 6 HOH 104 227 77  HOH HOH A . 
F 6 HOH 105 228 78  HOH HOH A . 
F 6 HOH 106 229 79  HOH HOH A . 
F 6 HOH 107 230 80  HOH HOH A . 
F 6 HOH 108 231 81  HOH HOH A . 
F 6 HOH 109 232 82  HOH HOH A . 
F 6 HOH 110 233 83  HOH HOH A . 
F 6 HOH 111 234 84  HOH HOH A . 
F 6 HOH 112 235 85  HOH HOH A . 
F 6 HOH 113 236 86  HOH HOH A . 
F 6 HOH 114 237 87  HOH HOH A . 
F 6 HOH 115 238 88  HOH HOH A . 
F 6 HOH 116 239 89  HOH HOH A . 
F 6 HOH 117 240 90  HOH HOH A . 
F 6 HOH 118 241 91  HOH HOH A . 
F 6 HOH 119 242 92  HOH HOH A . 
F 6 HOH 120 243 93  HOH HOH A . 
F 6 HOH 121 244 94  HOH HOH A . 
F 6 HOH 122 245 95  HOH HOH A . 
F 6 HOH 123 246 96  HOH HOH A . 
F 6 HOH 124 247 97  HOH HOH A . 
F 6 HOH 125 248 98  HOH HOH A . 
F 6 HOH 126 249 99  HOH HOH A . 
F 6 HOH 127 250 100 HOH HOH A . 
F 6 HOH 128 251 101 HOH HOH A . 
F 6 HOH 129 252 102 HOH HOH A . 
F 6 HOH 130 253 103 HOH HOH A . 
F 6 HOH 131 254 104 HOH HOH A . 
F 6 HOH 132 255 105 HOH HOH A . 
F 6 HOH 133 256 106 HOH HOH A . 
F 6 HOH 134 257 107 HOH HOH A . 
F 6 HOH 135 258 108 HOH HOH A . 
F 6 HOH 136 259 109 HOH HOH A . 
F 6 HOH 137 260 110 HOH HOH A . 
F 6 HOH 138 261 111 HOH HOH A . 
F 6 HOH 139 262 112 HOH HOH A . 
F 6 HOH 140 263 113 HOH HOH A . 
F 6 HOH 141 264 114 HOH HOH A . 
F 6 HOH 142 265 115 HOH HOH A . 
F 6 HOH 143 266 116 HOH HOH A . 
F 6 HOH 144 267 117 HOH HOH A . 
F 6 HOH 145 268 118 HOH HOH A . 
F 6 HOH 146 269 119 HOH HOH A . 
F 6 HOH 147 270 120 HOH HOH A . 
F 6 HOH 148 271 121 HOH HOH A . 
F 6 HOH 149 272 122 HOH HOH A . 
F 6 HOH 150 273 123 HOH HOH A . 
# 
loop_
_software.name 
_software.version 
_software.date 
_software.type 
_software.contact_author 
_software.contact_author_email 
_software.classification 
_software.location 
_software.language 
_software.citation_id 
_software.pdbx_ordinal 
REFMAC      5.5.0102 ?               program 'Garib N. Murshudov'         garib@ysbl.york.ac.uk                refinement        
http://www.ccp4.ac.uk/dist/html/refmac5.html Fortran_77 ? 1 
PHENIX      .        ?               package 'P.D. Adams'                 PDAdams@lbl.gov                      refinement        
http://www.phenix-online.org/                C++        ? 2 
SHELX       .        ?               package 'George M. Sheldrick'        gsheldr@shelx.uni-ac.gwdg.de         phasing           
http://shelx.uni-ac.gwdg.de/SHELX/           Fortran_77 ? 3 
MolProbity  3beta29  ?               package 'D.C. & J.S. Richardson lab' molprobity@kinemage.biochem.duke.edu 'model building'  
http://kinemage.biochem.duke.edu/molprobity/ ?          ? 4 
SCALA       3.3.15   2009/03/31      other   'Phil R. Evans'              pre@mrc-lmb.cam.ac.uk                'data scaling'    
http://www.ccp4.ac.uk/dist/html/scala.html   Fortran_77 ? 5 
PDB_EXTRACT 3.006    'June 11, 2008' package PDB                          help@deposit.rcsb.org                'data extraction' 
http://sw-tools.pdb.org/apps/PDB_EXTRACT/    C++        ? 6 
MOSFLM      .        ?               ?       ?                            ?                                    'data reduction'  ? 
?          ? 7 
SHELXD      .        ?               ?       ?                            ?                                    phasing           ? 
?          ? 8 
autoSHARP   .        ?               ?       ?                            ?                                    phasing           ? 
?          ? 9 
# 
_cell.entry_id           3LYG 
_cell.length_a           57.387 
_cell.length_b           57.387 
_cell.length_c           67.339 
_cell.angle_alpha        90.000 
_cell.angle_beta         90.000 
_cell.angle_gamma        90.000 
_cell.pdbx_unique_axis   ? 
_cell.Z_PDB              8 
_cell.length_a_esd       ? 
_cell.length_b_esd       ? 
_cell.length_c_esd       ? 
_cell.angle_alpha_esd    ? 
_cell.angle_beta_esd     ? 
_cell.angle_gamma_esd    ? 
# 
_symmetry.entry_id                         3LYG 
_symmetry.Int_Tables_number                96 
_symmetry.space_group_name_H-M             'P 43 21 2' 
_symmetry.pdbx_full_space_group_name_H-M   ? 
_symmetry.cell_setting                     ? 
_symmetry.space_group_name_Hall            ? 
# 
_exptl.crystals_number   1 
_exptl.method            'X-RAY DIFFRACTION' 
_exptl.entry_id          3LYG 
# 
_exptl_crystal.id                    1 
_exptl_crystal.density_Matthews      2.00 
_exptl_crystal.density_meas          ? 
_exptl_crystal.density_percent_sol   38.49 
_exptl_crystal.description           ? 
_exptl_crystal.F_000                 ? 
_exptl_crystal.preparation           ? 
# 
_exptl_crystal_grow.crystal_id      1 
_exptl_crystal_grow.method          'VAPOR DIFFUSION, SITTING DROP' 
_exptl_crystal_grow.pH              9.0 
_exptl_crystal_grow.temp            277 
_exptl_crystal_grow.pdbx_details    
'3.2000M (NH4)2SO4, 0.1M Bicine pH 9.0, NANODROP, VAPOR DIFFUSION, SITTING DROP, temperature 277K' 
_exptl_crystal_grow.temp_details    ? 
_exptl_crystal_grow.pdbx_pH_range   ? 
# 
_diffrn.id                     1 
_diffrn.ambient_temp           100 
_diffrn.ambient_temp_details   ? 
_diffrn.crystal_id             1 
# 
_diffrn_detector.diffrn_id              1 
_diffrn_detector.detector               CCD 
_diffrn_detector.type                   'MARMOSAIC 325 mm CCD' 
_diffrn_detector.details                'Flat mirror (vertical focusing)' 
_diffrn_detector.pdbx_collection_date   2009-12-03 
# 
_diffrn_radiation.diffrn_id                        1 
_diffrn_radiation.pdbx_monochromatic_or_laue_m_l   M 
_diffrn_radiation.monochromator                    'Single crystal Si(111) bent monochromator (horizontal focusing)' 
_diffrn_radiation.pdbx_diffrn_protocol             MAD 
_diffrn_radiation.wavelength_id                    1 
_diffrn_radiation.pdbx_scattering_type             x-ray 
# 
loop_
_diffrn_radiation_wavelength.id 
_diffrn_radiation_wavelength.wavelength 
_diffrn_radiation_wavelength.wt 
1 0.91837 1.0 
2 0.97925 1.0 
3 0.97901 1.0 
# 
_diffrn_source.diffrn_id                   1 
_diffrn_source.source                      SYNCHROTRON 
_diffrn_source.pdbx_synchrotron_beamline   BL11-1 
_diffrn_source.type                        'SSRL BEAMLINE BL11-1' 
_diffrn_source.pdbx_wavelength_list        0.91837,0.97925,0.97901 
_diffrn_source.pdbx_wavelength             ? 
_diffrn_source.pdbx_synchrotron_site       SSRL 
# 
_reflns.entry_id                     3LYG 
_reflns.d_resolution_high            1.61 
_reflns.d_resolution_low             67.335 
_reflns.number_all                   ? 
_reflns.number_obs                   15075 
_reflns.pdbx_Rsym_value              0.095 
_reflns.pdbx_redundancy              6.900 
_reflns.percent_possible_obs         100.000 
_reflns.observed_criterion_sigma_F   ? 
_reflns.observed_criterion_sigma_I   ? 
_reflns.pdbx_Rmerge_I_obs            ? 
_reflns.pdbx_netI_over_sigmaI        ? 
_reflns.B_iso_Wilson_estimate        15.570 
_reflns.R_free_details               ? 
_reflns.limit_h_max                  ? 
_reflns.limit_h_min                  ? 
_reflns.limit_k_max                  ? 
_reflns.limit_k_min                  ? 
_reflns.limit_l_max                  ? 
_reflns.limit_l_min                  ? 
_reflns.observed_criterion_F_max     ? 
_reflns.observed_criterion_F_min     ? 
_reflns.pdbx_chi_squared             ? 
_reflns.pdbx_scaling_rejects         ? 
_reflns.pdbx_ordinal                 1 
_reflns.pdbx_diffrn_id               1 
# 
_refine.entry_id                                 3LYG 
_refine.ls_d_res_high                            1.610 
_refine.ls_d_res_low                             67.335 
_refine.pdbx_ls_sigma_F                          0.00 
_refine.pdbx_data_cutoff_high_absF               ? 
_refine.pdbx_data_cutoff_low_absF                ? 
_refine.ls_percent_reflns_obs                    99.930 
_refine.ls_number_reflns_obs                     15033 
_refine.ls_number_reflns_all                     ? 
_refine.pdbx_ls_cross_valid_method               THROUGHOUT 
_refine.pdbx_R_Free_selection_details            RANDOM 
_refine.details                                  
;1. HYDROGENS HAVE BEEN ADDED IN THE RIDING POSITIONS 2. A MET-INHIBITION PROTOCOL WAS USED FOR SELENOMETHIONINE INCORPORATION DURING PROTEIN EXPRESSION. THE OCCUPANCY OF THE SE ATOMS IN THE MSE RESIDUES WAS REDUCED TO 0.75 FOR THE REDUCED SCATTERING POWER DUE TO PARTIAL S-MET INCORPORATION. 3. ATOM RECORDS CONTAIN RESIDUAL B FACTORS ONLY. 4. AN IMIDAZOLE WAS MODELED IN THE ACTIVE SITE. A BENZOIC ACID LIKE MOLECULE WAS MODELED AS UNL. SULFATE (SO4) AND GLYCEROL (GOL) MODELEED WERE WERE PRESENT IN CRYTALLIZATION/CRYO CONDITIONS.
;
_refine.ls_R_factor_all                          ? 
_refine.ls_R_factor_obs                          0.152 
_refine.ls_R_factor_R_work                       0.151 
_refine.ls_wR_factor_R_work                      ? 
_refine.ls_R_factor_R_free                       0.181 
_refine.ls_wR_factor_R_free                      ? 
_refine.ls_percent_reflns_R_free                 5.000 
_refine.ls_number_reflns_R_free                  758 
_refine.ls_R_factor_R_free_error                 ? 
_refine.B_iso_mean                               15.581 
_refine.solvent_model_param_bsol                 ? 
_refine.solvent_model_param_ksol                 ? 
_refine.pdbx_isotropic_thermal_model             ? 
_refine.aniso_B[1][1]                            -0.450 
_refine.aniso_B[2][2]                            -0.450 
_refine.aniso_B[3][3]                            0.900 
_refine.aniso_B[1][2]                            0.000 
_refine.aniso_B[1][3]                            0.000 
_refine.aniso_B[2][3]                            0.000 
_refine.correlation_coeff_Fo_to_Fc               0.967 
_refine.correlation_coeff_Fo_to_Fc_free          0.952 
_refine.overall_SU_R_Cruickshank_DPI             ? 
_refine.overall_SU_R_free                        ? 
_refine.pdbx_overall_ESU_R                       0.088 
_refine.pdbx_overall_ESU_R_Free                  0.086 
_refine.overall_SU_ML                            0.052 
_refine.overall_SU_B                             3.292 
_refine.solvent_model_details                    MASK 
_refine.pdbx_solvent_vdw_probe_radii             1.200 
_refine.pdbx_solvent_ion_probe_radii             0.800 
_refine.pdbx_solvent_shrinkage_radii             0.800 
_refine.ls_number_parameters                     ? 
_refine.ls_number_restraints                     ? 
_refine.pdbx_method_to_determine_struct          MAD 
_refine.pdbx_stereochemistry_target_values       'MAXIMUM LIKELIHOOD WITH PHASES' 
_refine.pdbx_stereochem_target_val_spec_case     ? 
_refine.overall_FOM_work_R_set                   ? 
_refine.B_iso_max                                60.62 
_refine.B_iso_min                                4.54 
_refine.occupancy_max                            1.00 
_refine.occupancy_min                            0.15 
_refine.pdbx_ls_sigma_I                          ? 
_refine.ls_redundancy_reflns_obs                 ? 
_refine.ls_R_factor_R_free_error_details         ? 
_refine.pdbx_starting_model                      ? 
_refine.pdbx_data_cutoff_high_rms_absF           ? 
_refine.overall_FOM_free_R_set                   ? 
_refine.pdbx_overall_phase_error                 ? 
_refine.pdbx_refine_id                           'X-RAY DIFFRACTION' 
_refine.pdbx_TLS_residual_ADP_flag               'LIKELY RESIDUAL' 
_refine.pdbx_diffrn_id                           1 
_refine.pdbx_overall_SU_R_free_Cruickshank_DPI   ? 
_refine.pdbx_overall_SU_R_Blow_DPI               ? 
_refine.pdbx_overall_SU_R_free_Blow_DPI          ? 
# 
_refine_hist.pdbx_refine_id                   'X-RAY DIFFRACTION' 
_refine_hist.cycle_id                         LAST 
_refine_hist.pdbx_number_atoms_protein        964 
_refine_hist.pdbx_number_atoms_nucleic_acid   0 
_refine_hist.pdbx_number_atoms_ligand         25 
_refine_hist.number_atoms_solvent             150 
_refine_hist.number_atoms_total               1139 
_refine_hist.d_res_high                       1.610 
_refine_hist.d_res_low                        67.335 
# 
loop_
_refine_ls_restr.type 
_refine_ls_restr.pdbx_refine_id 
_refine_ls_restr.number 
_refine_ls_restr.dev_ideal 
_refine_ls_restr.dev_ideal_target 
_refine_ls_restr.weight 
_refine_ls_restr.pdbx_restraint_function 
r_bond_refined_d       'X-RAY DIFFRACTION' 1065 0.017  0.022  ? ? 
r_bond_other_d         'X-RAY DIFFRACTION' 733  0.002  0.020  ? ? 
r_angle_refined_deg    'X-RAY DIFFRACTION' 1444 1.528  1.978  ? ? 
r_angle_other_deg      'X-RAY DIFFRACTION' 1793 0.914  3.000  ? ? 
r_dihedral_angle_1_deg 'X-RAY DIFFRACTION' 134  5.970  5.000  ? ? 
r_dihedral_angle_2_deg 'X-RAY DIFFRACTION' 54   35.433 25.556 ? ? 
r_dihedral_angle_3_deg 'X-RAY DIFFRACTION' 193  11.484 15.000 ? ? 
r_dihedral_angle_4_deg 'X-RAY DIFFRACTION' 5    12.638 15.000 ? ? 
r_chiral_restr         'X-RAY DIFFRACTION' 152  0.101  0.200  ? ? 
r_gen_planes_refined   'X-RAY DIFFRACTION' 1189 0.008  0.020  ? ? 
r_gen_planes_other     'X-RAY DIFFRACTION' 217  0.001  0.020  ? ? 
r_mcbond_it            'X-RAY DIFFRACTION' 619  1.726  3.000  ? ? 
r_mcbond_other         'X-RAY DIFFRACTION' 255  0.497  3.000  ? ? 
r_mcangle_it           'X-RAY DIFFRACTION' 1002 2.545  5.000  ? ? 
r_scbond_it            'X-RAY DIFFRACTION' 446  4.007  8.000  ? ? 
r_scangle_it           'X-RAY DIFFRACTION' 434  5.896  11.000 ? ? 
# 
_refine_ls_shell.d_res_high                       1.614 
_refine_ls_shell.d_res_low                        1.656 
_refine_ls_shell.pdbx_total_number_of_bins_used   20 
_refine_ls_shell.percent_reflns_obs               99.730 
_refine_ls_shell.number_reflns_R_work             1033 
_refine_ls_shell.R_factor_all                     ? 
_refine_ls_shell.R_factor_R_work                  0.234 
_refine_ls_shell.R_factor_R_free                  0.283 
_refine_ls_shell.percent_reflns_R_free            ? 
_refine_ls_shell.number_reflns_R_free             56 
_refine_ls_shell.R_factor_R_free_error            ? 
_refine_ls_shell.number_reflns_all                1089 
_refine_ls_shell.number_reflns_obs                ? 
_refine_ls_shell.redundancy_reflns_obs            ? 
_refine_ls_shell.pdbx_refine_id                   'X-RAY DIFFRACTION' 
# 
_struct.entry_id                  3LYG 
_struct.title                     
'Crystal structure of NTF2-like protein of unknown function (YP_270605.1) from Colwellia psychrerythraea 34H at 1.61 A resolution' 
_struct.pdbx_model_details        ? 
_struct.pdbx_CASP_flag            ? 
_struct.pdbx_model_type_details   ? 
# 
_struct_keywords.text            
'Structural Genomics, Joint Center for Structural Genomics, JCSG, Protein Structure Initiative, PSI-2, Unknown function' 
_struct_keywords.pdbx_keywords   'Structural Genomics, Unknown function' 
_struct_keywords.entry_id        3LYG 
# 
loop_
_struct_asym.id 
_struct_asym.pdbx_blank_PDB_chainid_flag 
_struct_asym.pdbx_modified 
_struct_asym.entity_id 
_struct_asym.details 
A N N 1 ? 
B N N 2 ? 
C N N 3 ? 
D N N 4 ? 
E N N 5 ? 
F N N 6 ? 
# 
_struct_ref.id                         1 
_struct_ref.db_name                    UNP 
_struct_ref.db_code                    Q47X65_COLP3 
_struct_ref.pdbx_db_accession          Q47X65 
_struct_ref.entity_id                  1 
_struct_ref.pdbx_seq_one_letter_code   
;MNLANIVQRGWEALGAGDFDTLVTDYVEKMIFIMPGQADVLKGRQAFRSALDNLGEILPPGFEITGLRQLEGENEIVSIV
EWKSDKMIASQLSVLFKFEGDQIYEERWFVDTEQWKSVF
;
_struct_ref.pdbx_align_begin           1 
_struct_ref.pdbx_db_isoform            ? 
# 
_struct_ref_seq.align_id                      1 
_struct_ref_seq.ref_id                        1 
_struct_ref_seq.pdbx_PDB_id_code              3LYG 
_struct_ref_seq.pdbx_strand_id                A 
_struct_ref_seq.seq_align_beg                 2 
_struct_ref_seq.pdbx_seq_align_beg_ins_code   ? 
_struct_ref_seq.seq_align_end                 120 
_struct_ref_seq.pdbx_seq_align_end_ins_code   ? 
_struct_ref_seq.pdbx_db_accession             Q47X65 
_struct_ref_seq.db_align_beg                  1 
_struct_ref_seq.pdbx_db_align_beg_ins_code    ? 
_struct_ref_seq.db_align_end                  119 
_struct_ref_seq.pdbx_db_align_end_ins_code    ? 
_struct_ref_seq.pdbx_auth_seq_align_beg       1 
_struct_ref_seq.pdbx_auth_seq_align_end       119 
# 
_struct_ref_seq_dif.align_id                     1 
_struct_ref_seq_dif.pdbx_pdb_id_code             3LYG 
_struct_ref_seq_dif.mon_id                       GLY 
_struct_ref_seq_dif.pdbx_pdb_strand_id           A 
_struct_ref_seq_dif.seq_num                      1 
_struct_ref_seq_dif.pdbx_pdb_ins_code            ? 
_struct_ref_seq_dif.pdbx_seq_db_name             UNP 
_struct_ref_seq_dif.pdbx_seq_db_accession_code   Q47X65 
_struct_ref_seq_dif.db_mon_id                    ? 
_struct_ref_seq_dif.pdbx_seq_db_seq_num          ? 
_struct_ref_seq_dif.details                      'expression tag' 
_struct_ref_seq_dif.pdbx_auth_seq_num            0 
_struct_ref_seq_dif.pdbx_ordinal                 1 
# 
_pdbx_struct_assembly.id                   1 
_pdbx_struct_assembly.details              author_and_software_defined_assembly 
_pdbx_struct_assembly.method_details       PISA 
_pdbx_struct_assembly.oligomeric_details   dimeric 
_pdbx_struct_assembly.oligomeric_count     2 
# 
loop_
_pdbx_struct_assembly_prop.biol_id 
_pdbx_struct_assembly_prop.type 
_pdbx_struct_assembly_prop.value 
_pdbx_struct_assembly_prop.details 
1 'ABSA (A^2)' 3740  ? 
1 MORE         -15   ? 
1 'SSA (A^2)'  11370 ? 
# 
_pdbx_struct_assembly_gen.assembly_id       1 
_pdbx_struct_assembly_gen.oper_expression   1,2 
_pdbx_struct_assembly_gen.asym_id_list      A,B,C,D,E,F 
# 
loop_
_pdbx_struct_oper_list.id 
_pdbx_struct_oper_list.type 
_pdbx_struct_oper_list.name 
_pdbx_struct_oper_list.symmetry_operation 
_pdbx_struct_oper_list.matrix[1][1] 
_pdbx_struct_oper_list.matrix[1][2] 
_pdbx_struct_oper_list.matrix[1][3] 
_pdbx_struct_oper_list.vector[1] 
_pdbx_struct_oper_list.matrix[2][1] 
_pdbx_struct_oper_list.matrix[2][2] 
_pdbx_struct_oper_list.matrix[2][3] 
_pdbx_struct_oper_list.vector[2] 
_pdbx_struct_oper_list.matrix[3][1] 
_pdbx_struct_oper_list.matrix[3][2] 
_pdbx_struct_oper_list.matrix[3][3] 
_pdbx_struct_oper_list.vector[3] 
1 'identity operation'         1_555 x,y,z    1.0000000000  0.0000000000  0.0000000000  0.0000000000 0.0000000000  1.0000000000  0.0000000000 0.0000000000  0.0000000000  0.0000000000 1.0000000000 0.0000000000  
2 'crystal symmetry operation' 7_556 y,x,-z+1 -0.6171724861 -0.2916944316 -0.7307615760 3.5928930298 -0.2916944316 -0.7777441842 0.5568018880 21.7755960181 -0.7307615760 0.5568018880 0.3949166703 -6.8098295799 
# 
_struct_biol.id        1 
_struct_biol.details   ? 
# 
loop_
_struct_conf.conf_type_id 
_struct_conf.id 
_struct_conf.pdbx_PDB_helix_id 
_struct_conf.beg_label_comp_id 
_struct_conf.beg_label_asym_id 
_struct_conf.beg_label_seq_id 
_struct_conf.pdbx_beg_PDB_ins_code 
_struct_conf.end_label_comp_id 
_struct_conf.end_label_asym_id 
_struct_conf.end_label_seq_id 
_struct_conf.pdbx_end_PDB_ins_code 
_struct_conf.beg_auth_comp_id 
_struct_conf.beg_auth_asym_id 
_struct_conf.beg_auth_seq_id 
_struct_conf.end_auth_comp_id 
_struct_conf.end_auth_asym_id 
_struct_conf.end_auth_seq_id 
_struct_conf.pdbx_PDB_helix_class 
_struct_conf.details 
_struct_conf.pdbx_PDB_helix_length 
HELX_P HELX_P1 1 ASN A 3   ? GLY A 18  ? ASN A 2   GLY A 17  1 ? 16 
HELX_P HELX_P2 2 ASP A 19  ? VAL A 24  ? ASP A 18  VAL A 23  1 ? 6  
HELX_P HELX_P3 3 GLY A 44  ? ASP A 53  ? GLY A 43  ASP A 52  1 ? 10 
HELX_P HELX_P4 4 ASN A 54  ? LEU A 59  ? ASN A 53  LEU A 58  1 ? 6  
HELX_P HELX_P5 5 ASP A 112 ? VAL A 119 ? ASP A 111 VAL A 118 1 ? 8  
# 
_struct_conf_type.id          HELX_P 
_struct_conf_type.criteria    ? 
_struct_conf_type.reference   ? 
# 
loop_
_struct_conn.id 
_struct_conn.conn_type_id 
_struct_conn.pdbx_leaving_atom_flag 
_struct_conn.pdbx_PDB_id 
_struct_conn.ptnr1_label_asym_id 
_struct_conn.ptnr1_label_comp_id 
_struct_conn.ptnr1_label_seq_id 
_struct_conn.ptnr1_label_atom_id 
_struct_conn.pdbx_ptnr1_label_alt_id 
_struct_conn.pdbx_ptnr1_PDB_ins_code 
_struct_conn.pdbx_ptnr1_standard_comp_id 
_struct_conn.ptnr1_symmetry 
_struct_conn.ptnr2_label_asym_id 
_struct_conn.ptnr2_label_comp_id 
_struct_conn.ptnr2_label_seq_id 
_struct_conn.ptnr2_label_atom_id 
_struct_conn.pdbx_ptnr2_label_alt_id 
_struct_conn.pdbx_ptnr2_PDB_ins_code 
_struct_conn.ptnr1_auth_asym_id 
_struct_conn.ptnr1_auth_comp_id 
_struct_conn.ptnr1_auth_seq_id 
_struct_conn.ptnr2_auth_asym_id 
_struct_conn.ptnr2_auth_comp_id 
_struct_conn.ptnr2_auth_seq_id 
_struct_conn.ptnr2_symmetry 
_struct_conn.pdbx_ptnr3_label_atom_id 
_struct_conn.pdbx_ptnr3_label_seq_id 
_struct_conn.pdbx_ptnr3_label_comp_id 
_struct_conn.pdbx_ptnr3_label_asym_id 
_struct_conn.pdbx_ptnr3_label_alt_id 
_struct_conn.pdbx_ptnr3_PDB_ins_code 
_struct_conn.details 
_struct_conn.pdbx_dist_value 
_struct_conn.pdbx_value_order 
_struct_conn.pdbx_role 
covale1 covale both ? A GLY 1  C ? ? ? 1_555 A MSE 2  N ? ? A GLY 0  A MSE 1  1_555 ? ? ? ? ? ? ? 1.326 ? ? 
covale2 covale both ? A MSE 2  C ? ? ? 1_555 A ASN 3  N ? ? A MSE 1  A ASN 2  1_555 ? ? ? ? ? ? ? 1.324 ? ? 
covale3 covale both ? A LYS 30 C ? ? ? 1_555 A MSE 31 N ? ? A LYS 29 A MSE 30 1_555 ? ? ? ? ? ? ? 1.316 ? ? 
covale4 covale both ? A MSE 31 C ? ? ? 1_555 A ILE 32 N ? ? A MSE 30 A ILE 31 1_555 ? ? ? ? ? ? ? 1.321 ? ? 
covale5 covale both ? A ILE 34 C ? ? ? 1_555 A MSE 35 N ? ? A ILE 33 A MSE 34 1_555 ? ? ? ? ? ? ? 1.325 ? ? 
covale6 covale both ? A MSE 35 C ? ? ? 1_555 A PRO 36 N ? ? A MSE 34 A PRO 35 1_555 ? ? ? ? ? ? ? 1.341 ? ? 
covale7 covale both ? A LYS 87 C ? ? ? 1_555 A MSE 88 N ? ? A LYS 86 A MSE 87 1_555 ? ? ? ? ? ? ? 1.325 ? ? 
covale8 covale both ? A MSE 88 C ? ? ? 1_555 A ILE 89 N ? ? A MSE 87 A ILE 88 1_555 ? ? ? ? ? ? ? 1.326 ? ? 
# 
_struct_conn_type.id          covale 
_struct_conn_type.criteria    ? 
_struct_conn_type.reference   ? 
# 
loop_
_pdbx_modification_feature.ordinal 
_pdbx_modification_feature.label_comp_id 
_pdbx_modification_feature.label_asym_id 
_pdbx_modification_feature.label_seq_id 
_pdbx_modification_feature.label_alt_id 
_pdbx_modification_feature.modified_residue_label_comp_id 
_pdbx_modification_feature.modified_residue_label_asym_id 
_pdbx_modification_feature.modified_residue_label_seq_id 
_pdbx_modification_feature.modified_residue_label_alt_id 
_pdbx_modification_feature.auth_comp_id 
_pdbx_modification_feature.auth_asym_id 
_pdbx_modification_feature.auth_seq_id 
_pdbx_modification_feature.PDB_ins_code 
_pdbx_modification_feature.symmetry 
_pdbx_modification_feature.modified_residue_auth_comp_id 
_pdbx_modification_feature.modified_residue_auth_asym_id 
_pdbx_modification_feature.modified_residue_auth_seq_id 
_pdbx_modification_feature.modified_residue_PDB_ins_code 
_pdbx_modification_feature.modified_residue_symmetry 
_pdbx_modification_feature.comp_id_linking_atom 
_pdbx_modification_feature.modified_residue_id_linking_atom 
_pdbx_modification_feature.modified_residue_id 
_pdbx_modification_feature.ref_pcm_id 
_pdbx_modification_feature.ref_comp_id 
_pdbx_modification_feature.type 
_pdbx_modification_feature.category 
1 MSE A 2  ? . . . . MSE A 1  ? 1_555 . . . . . . . MET 1 MSE Selenomethionine 'Named protein modification' 
2 MSE A 31 ? . . . . MSE A 30 ? 1_555 . . . . . . . MET 1 MSE Selenomethionine 'Named protein modification' 
3 MSE A 35 ? . . . . MSE A 34 ? 1_555 . . . . . . . MET 1 MSE Selenomethionine 'Named protein modification' 
4 MSE A 88 ? . . . . MSE A 87 ? 1_555 . . . . . . . MET 1 MSE Selenomethionine 'Named protein modification' 
# 
_struct_mon_prot_cis.pdbx_id                1 
_struct_mon_prot_cis.label_comp_id          MSE 
_struct_mon_prot_cis.label_seq_id           35 
_struct_mon_prot_cis.label_asym_id          A 
_struct_mon_prot_cis.label_alt_id           . 
_struct_mon_prot_cis.pdbx_PDB_ins_code      ? 
_struct_mon_prot_cis.auth_comp_id           MSE 
_struct_mon_prot_cis.auth_seq_id            34 
_struct_mon_prot_cis.auth_asym_id           A 
_struct_mon_prot_cis.pdbx_label_comp_id_2   PRO 
_struct_mon_prot_cis.pdbx_label_seq_id_2    36 
_struct_mon_prot_cis.pdbx_label_asym_id_2   A 
_struct_mon_prot_cis.pdbx_PDB_ins_code_2    ? 
_struct_mon_prot_cis.pdbx_auth_comp_id_2    PRO 
_struct_mon_prot_cis.pdbx_auth_seq_id_2     35 
_struct_mon_prot_cis.pdbx_auth_asym_id_2    A 
_struct_mon_prot_cis.pdbx_PDB_model_num     1 
_struct_mon_prot_cis.pdbx_omega_angle       3.39 
# 
_struct_sheet.id               A 
_struct_sheet.type             ? 
_struct_sheet.number_strands   6 
_struct_sheet.details          ? 
# 
loop_
_struct_sheet_order.sheet_id 
_struct_sheet_order.range_id_1 
_struct_sheet_order.range_id_2 
_struct_sheet_order.offset 
_struct_sheet_order.sense 
A 1 2 ? anti-parallel 
A 2 3 ? parallel      
A 3 4 ? anti-parallel 
A 4 5 ? anti-parallel 
A 5 6 ? anti-parallel 
# 
loop_
_struct_sheet_range.sheet_id 
_struct_sheet_range.id 
_struct_sheet_range.beg_label_comp_id 
_struct_sheet_range.beg_label_asym_id 
_struct_sheet_range.beg_label_seq_id 
_struct_sheet_range.pdbx_beg_PDB_ins_code 
_struct_sheet_range.end_label_comp_id 
_struct_sheet_range.end_label_asym_id 
_struct_sheet_range.end_label_seq_id 
_struct_sheet_range.pdbx_end_PDB_ins_code 
_struct_sheet_range.beg_auth_comp_id 
_struct_sheet_range.beg_auth_asym_id 
_struct_sheet_range.beg_auth_seq_id 
_struct_sheet_range.end_auth_comp_id 
_struct_sheet_range.end_auth_asym_id 
_struct_sheet_range.end_auth_seq_id 
A 1 VAL A 41  ? LYS A 43  ? VAL A 40  LYS A 42  
A 2 TYR A 27  ? ILE A 34  ? TYR A 26  ILE A 33  
A 3 GLN A 103 ? PHE A 110 ? GLN A 102 PHE A 109 
A 4 MSE A 88  ? GLU A 100 ? MSE A 87  GLU A 99  
A 5 GLU A 76  ? SER A 85  ? GLU A 75  SER A 84  
A 6 GLU A 64  ? GLU A 72  ? GLU A 63  GLU A 71  
# 
loop_
_pdbx_struct_sheet_hbond.sheet_id 
_pdbx_struct_sheet_hbond.range_id_1 
_pdbx_struct_sheet_hbond.range_id_2 
_pdbx_struct_sheet_hbond.range_1_label_atom_id 
_pdbx_struct_sheet_hbond.range_1_label_comp_id 
_pdbx_struct_sheet_hbond.range_1_label_asym_id 
_pdbx_struct_sheet_hbond.range_1_label_seq_id 
_pdbx_struct_sheet_hbond.range_1_PDB_ins_code 
_pdbx_struct_sheet_hbond.range_1_auth_atom_id 
_pdbx_struct_sheet_hbond.range_1_auth_comp_id 
_pdbx_struct_sheet_hbond.range_1_auth_asym_id 
_pdbx_struct_sheet_hbond.range_1_auth_seq_id 
_pdbx_struct_sheet_hbond.range_2_label_atom_id 
_pdbx_struct_sheet_hbond.range_2_label_comp_id 
_pdbx_struct_sheet_hbond.range_2_label_asym_id 
_pdbx_struct_sheet_hbond.range_2_label_seq_id 
_pdbx_struct_sheet_hbond.range_2_PDB_ins_code 
_pdbx_struct_sheet_hbond.range_2_auth_atom_id 
_pdbx_struct_sheet_hbond.range_2_auth_comp_id 
_pdbx_struct_sheet_hbond.range_2_auth_asym_id 
_pdbx_struct_sheet_hbond.range_2_auth_seq_id 
A 1 2 O LEU A 42  ? O LEU A 41  N PHE A 33  ? N PHE A 32  
A 2 3 N ILE A 34  ? N ILE A 33  O GLU A 107 ? O GLU A 106 
A 3 4 O GLN A 103 ? O GLN A 102 N GLU A 100 ? N GLU A 99  
A 4 5 O PHE A 97  ? O PHE A 96  N ILE A 77  ? N ILE A 76  
A 5 6 O VAL A 78  ? O VAL A 77  N LEU A 71  ? N LEU A 70  
# 
loop_
_struct_site.id 
_struct_site.pdbx_evidence_code 
_struct_site.pdbx_auth_asym_id 
_struct_site.pdbx_auth_comp_id 
_struct_site.pdbx_auth_seq_id 
_struct_site.pdbx_auth_ins_code 
_struct_site.pdbx_num_residues 
_struct_site.details 
AC1 Software A IMD 120 ? 7 'BINDING SITE FOR RESIDUE IMD A 120' 
AC2 Software A SO4 122 ? 6 'BINDING SITE FOR RESIDUE SO4 A 122' 
AC3 Software A GOL 123 ? 8 'BINDING SITE FOR RESIDUE GOL A 123' 
# 
loop_
_struct_site_gen.id 
_struct_site_gen.site_id 
_struct_site_gen.pdbx_num_res 
_struct_site_gen.label_comp_id 
_struct_site_gen.label_asym_id 
_struct_site_gen.label_seq_id 
_struct_site_gen.pdbx_auth_ins_code 
_struct_site_gen.auth_comp_id 
_struct_site_gen.auth_asym_id 
_struct_site_gen.auth_seq_id 
_struct_site_gen.label_atom_id 
_struct_site_gen.label_alt_id 
_struct_site_gen.symmetry 
_struct_site_gen.details 
1  AC1 7 VAL A 8  ? VAL A 7   . ? 1_555 ? 
2  AC1 7 GLY A 11 ? GLY A 10  . ? 1_555 ? 
3  AC1 7 TRP A 12 ? TRP A 11  . ? 1_555 ? 
4  AC1 7 TYR A 27 ? TYR A 26  . ? 1_555 ? 
5  AC1 7 PHE A 97 ? PHE A 96  . ? 1_555 ? 
6  AC1 7 HOH F .  ? HOH A 167 . ? 1_555 ? 
7  AC1 7 HOH F .  ? HOH A 175 . ? 1_555 ? 
8  AC2 6 LYS A 43 ? LYS A 42  . ? 5_545 ? 
9  AC2 6 THR A 66 ? THR A 65  . ? 1_555 ? 
10 AC2 6 LYS A 84 ? LYS A 83  . ? 1_555 ? 
11 AC2 6 HOH F .  ? HOH A 135 . ? 1_555 ? 
12 AC2 6 HOH F .  ? HOH A 150 . ? 5_545 ? 
13 AC2 6 HOH F .  ? HOH A 208 . ? 1_555 ? 
14 AC3 8 GLU A 29 ? GLU A 28  . ? 1_555 ? 
15 AC3 8 LYS A 43 ? LYS A 42  . ? 1_555 ? 
16 AC3 8 GLY A 44 ? GLY A 43  . ? 1_555 ? 
17 AC3 8 ARG A 45 ? ARG A 44  . ? 1_555 ? 
18 AC3 8 GLN A 46 ? GLN A 45  . ? 1_555 ? 
19 AC3 8 ALA A 47 ? ALA A 46  . ? 1_555 ? 
20 AC3 8 HOH F .  ? HOH A 204 . ? 1_555 ? 
21 AC3 8 HOH F .  ? HOH A 210 . ? 3_554 ? 
# 
_pdbx_entry_details.entry_id                   3LYG 
_pdbx_entry_details.compound_details           ? 
_pdbx_entry_details.source_details             ? 
_pdbx_entry_details.nonpolymer_details         ? 
_pdbx_entry_details.sequence_details           
;THE CONSTRUCT WAS EXPRESSED WITH A PURIFICATION TAG MGSDKIHHHHHHENLYFQG. THE TAG WAS REMOVED WITH TEV PROTEASE LEAVING ONLY A GLYCINE (0) FOLLOWED BY THE TARGET SEQUENCE.
;
_pdbx_entry_details.has_ligand_of_interest     ? 
_pdbx_entry_details.has_protein_modification   Y 
# 
loop_
_pdbx_validate_torsion.id 
_pdbx_validate_torsion.PDB_model_num 
_pdbx_validate_torsion.auth_comp_id 
_pdbx_validate_torsion.auth_asym_id 
_pdbx_validate_torsion.auth_seq_id 
_pdbx_validate_torsion.PDB_ins_code 
_pdbx_validate_torsion.label_alt_id 
_pdbx_validate_torsion.phi 
_pdbx_validate_torsion.psi 
1 1 LYS A 29  ? ? -95.60  48.15  
2 1 MSE A 34  ? ? -175.27 132.81 
3 1 ALA A 89  ? ? -170.29 135.92 
4 1 ASP A 111 ? ? -69.60  95.38  
# 
_pdbx_SG_project.project_name          'PSI, Protein Structure Initiative' 
_pdbx_SG_project.full_name_of_center   'Joint Center for Structural Genomics' 
_pdbx_SG_project.id                    1 
_pdbx_SG_project.initial_of_center     JCSG 
# 
loop_
_pdbx_struct_mod_residue.id 
_pdbx_struct_mod_residue.label_asym_id 
_pdbx_struct_mod_residue.label_comp_id 
_pdbx_struct_mod_residue.label_seq_id 
_pdbx_struct_mod_residue.auth_asym_id 
_pdbx_struct_mod_residue.auth_comp_id 
_pdbx_struct_mod_residue.auth_seq_id 
_pdbx_struct_mod_residue.PDB_ins_code 
_pdbx_struct_mod_residue.parent_comp_id 
_pdbx_struct_mod_residue.details 
1 A MSE 2  A MSE 1  ? MET SELENOMETHIONINE 
2 A MSE 31 A MSE 30 ? MET SELENOMETHIONINE 
3 A MSE 35 A MSE 34 ? MET SELENOMETHIONINE 
4 A MSE 88 A MSE 87 ? MET SELENOMETHIONINE 
# 
_pdbx_refine_tls.pdbx_refine_id   'X-RAY DIFFRACTION' 
_pdbx_refine_tls.id               1 
_pdbx_refine_tls.details          ? 
_pdbx_refine_tls.method           refined 
_pdbx_refine_tls.origin_x         -0.0832 
_pdbx_refine_tls.origin_y         -0.0056 
_pdbx_refine_tls.origin_z         -0.1543 
_pdbx_refine_tls.T[1][1]          0.0180 
_pdbx_refine_tls.T[2][2]          0.0106 
_pdbx_refine_tls.T[3][3]          0.0011 
_pdbx_refine_tls.T[1][2]          -0.0022 
_pdbx_refine_tls.T[1][3]          -0.0033 
_pdbx_refine_tls.T[2][3]          -0.0014 
_pdbx_refine_tls.L[1][1]          0.6821 
_pdbx_refine_tls.L[2][2]          0.4277 
_pdbx_refine_tls.L[3][3]          0.3282 
_pdbx_refine_tls.L[1][2]          0.0894 
_pdbx_refine_tls.L[1][3]          -0.0693 
_pdbx_refine_tls.L[2][3]          -0.1487 
_pdbx_refine_tls.S[1][1]          0.0189 
_pdbx_refine_tls.S[2][2]          -0.0064 
_pdbx_refine_tls.S[3][3]          -0.0125 
_pdbx_refine_tls.S[1][2]          -0.0260 
_pdbx_refine_tls.S[1][3]          0.0050 
_pdbx_refine_tls.S[2][3]          0.0078 
_pdbx_refine_tls.S[2][1]          0.0062 
_pdbx_refine_tls.S[3][1]          0.0433 
_pdbx_refine_tls.S[3][2]          0.0007 
# 
loop_
_pdbx_refine_tls_group.pdbx_refine_id 
_pdbx_refine_tls_group.id 
_pdbx_refine_tls_group.refine_tls_id 
_pdbx_refine_tls_group.beg_auth_asym_id 
_pdbx_refine_tls_group.beg_auth_seq_id 
_pdbx_refine_tls_group.end_auth_asym_id 
_pdbx_refine_tls_group.end_auth_seq_id 
_pdbx_refine_tls_group.selection_details 
_pdbx_refine_tls_group.beg_label_asym_id 
_pdbx_refine_tls_group.beg_label_seq_id 
_pdbx_refine_tls_group.end_label_asym_id 
_pdbx_refine_tls_group.end_label_seq_id 
_pdbx_refine_tls_group.selection 
'X-RAY DIFFRACTION' 1 1 A 0   A 119 ? . . . . ? 
'X-RAY DIFFRACTION' 2 1 A 120 A 120 ? . . . . ? 
# 
_phasing.method   MAD 
# 
loop_
_chem_comp_atom.comp_id 
_chem_comp_atom.atom_id 
_chem_comp_atom.type_symbol 
_chem_comp_atom.pdbx_aromatic_flag 
_chem_comp_atom.pdbx_stereo_config 
_chem_comp_atom.pdbx_ordinal 
ALA N    N  N N 1   
ALA CA   C  N S 2   
ALA C    C  N N 3   
ALA O    O  N N 4   
ALA CB   C  N N 5   
ALA OXT  O  N N 6   
ALA H    H  N N 7   
ALA H2   H  N N 8   
ALA HA   H  N N 9   
ALA HB1  H  N N 10  
ALA HB2  H  N N 11  
ALA HB3  H  N N 12  
ALA HXT  H  N N 13  
ARG N    N  N N 14  
ARG CA   C  N S 15  
ARG C    C  N N 16  
ARG O    O  N N 17  
ARG CB   C  N N 18  
ARG CG   C  N N 19  
ARG CD   C  N N 20  
ARG NE   N  N N 21  
ARG CZ   C  N N 22  
ARG NH1  N  N N 23  
ARG NH2  N  N N 24  
ARG OXT  O  N N 25  
ARG H    H  N N 26  
ARG H2   H  N N 27  
ARG HA   H  N N 28  
ARG HB2  H  N N 29  
ARG HB3  H  N N 30  
ARG HG2  H  N N 31  
ARG HG3  H  N N 32  
ARG HD2  H  N N 33  
ARG HD3  H  N N 34  
ARG HE   H  N N 35  
ARG HH11 H  N N 36  
ARG HH12 H  N N 37  
ARG HH21 H  N N 38  
ARG HH22 H  N N 39  
ARG HXT  H  N N 40  
ASN N    N  N N 41  
ASN CA   C  N S 42  
ASN C    C  N N 43  
ASN O    O  N N 44  
ASN CB   C  N N 45  
ASN CG   C  N N 46  
ASN OD1  O  N N 47  
ASN ND2  N  N N 48  
ASN OXT  O  N N 49  
ASN H    H  N N 50  
ASN H2   H  N N 51  
ASN HA   H  N N 52  
ASN HB2  H  N N 53  
ASN HB3  H  N N 54  
ASN HD21 H  N N 55  
ASN HD22 H  N N 56  
ASN HXT  H  N N 57  
ASP N    N  N N 58  
ASP CA   C  N S 59  
ASP C    C  N N 60  
ASP O    O  N N 61  
ASP CB   C  N N 62  
ASP CG   C  N N 63  
ASP OD1  O  N N 64  
ASP OD2  O  N N 65  
ASP OXT  O  N N 66  
ASP H    H  N N 67  
ASP H2   H  N N 68  
ASP HA   H  N N 69  
ASP HB2  H  N N 70  
ASP HB3  H  N N 71  
ASP HD2  H  N N 72  
ASP HXT  H  N N 73  
GLN N    N  N N 74  
GLN CA   C  N S 75  
GLN C    C  N N 76  
GLN O    O  N N 77  
GLN CB   C  N N 78  
GLN CG   C  N N 79  
GLN CD   C  N N 80  
GLN OE1  O  N N 81  
GLN NE2  N  N N 82  
GLN OXT  O  N N 83  
GLN H    H  N N 84  
GLN H2   H  N N 85  
GLN HA   H  N N 86  
GLN HB2  H  N N 87  
GLN HB3  H  N N 88  
GLN HG2  H  N N 89  
GLN HG3  H  N N 90  
GLN HE21 H  N N 91  
GLN HE22 H  N N 92  
GLN HXT  H  N N 93  
GLU N    N  N N 94  
GLU CA   C  N S 95  
GLU C    C  N N 96  
GLU O    O  N N 97  
GLU CB   C  N N 98  
GLU CG   C  N N 99  
GLU CD   C  N N 100 
GLU OE1  O  N N 101 
GLU OE2  O  N N 102 
GLU OXT  O  N N 103 
GLU H    H  N N 104 
GLU H2   H  N N 105 
GLU HA   H  N N 106 
GLU HB2  H  N N 107 
GLU HB3  H  N N 108 
GLU HG2  H  N N 109 
GLU HG3  H  N N 110 
GLU HE2  H  N N 111 
GLU HXT  H  N N 112 
GLY N    N  N N 113 
GLY CA   C  N N 114 
GLY C    C  N N 115 
GLY O    O  N N 116 
GLY OXT  O  N N 117 
GLY H    H  N N 118 
GLY H2   H  N N 119 
GLY HA2  H  N N 120 
GLY HA3  H  N N 121 
GLY HXT  H  N N 122 
GOL C1   C  N N 123 
GOL O1   O  N N 124 
GOL C2   C  N N 125 
GOL O2   O  N N 126 
GOL C3   C  N N 127 
GOL O3   O  N N 128 
GOL H11  H  N N 129 
GOL H12  H  N N 130 
GOL HO1  H  N N 131 
GOL H2   H  N N 132 
GOL HO2  H  N N 133 
GOL H31  H  N N 134 
GOL H32  H  N N 135 
GOL HO3  H  N N 136 
HOH O    O  N N 137 
HOH H1   H  N N 138 
HOH H2   H  N N 139 
ILE N    N  N N 140 
ILE CA   C  N S 141 
ILE C    C  N N 142 
ILE O    O  N N 143 
ILE CB   C  N S 144 
ILE CG1  C  N N 145 
ILE CG2  C  N N 146 
ILE CD1  C  N N 147 
ILE OXT  O  N N 148 
ILE H    H  N N 149 
ILE H2   H  N N 150 
ILE HA   H  N N 151 
ILE HB   H  N N 152 
ILE HG12 H  N N 153 
ILE HG13 H  N N 154 
ILE HG21 H  N N 155 
ILE HG22 H  N N 156 
ILE HG23 H  N N 157 
ILE HD11 H  N N 158 
ILE HD12 H  N N 159 
ILE HD13 H  N N 160 
ILE HXT  H  N N 161 
IMD N1   N  Y N 162 
IMD C2   C  Y N 163 
IMD N3   N  Y N 164 
IMD C4   C  Y N 165 
IMD C5   C  Y N 166 
IMD HN1  H  N N 167 
IMD H2   H  N N 168 
IMD HN3  H  N N 169 
IMD H4   H  N N 170 
IMD H5   H  N N 171 
LEU N    N  N N 172 
LEU CA   C  N S 173 
LEU C    C  N N 174 
LEU O    O  N N 175 
LEU CB   C  N N 176 
LEU CG   C  N N 177 
LEU CD1  C  N N 178 
LEU CD2  C  N N 179 
LEU OXT  O  N N 180 
LEU H    H  N N 181 
LEU H2   H  N N 182 
LEU HA   H  N N 183 
LEU HB2  H  N N 184 
LEU HB3  H  N N 185 
LEU HG   H  N N 186 
LEU HD11 H  N N 187 
LEU HD12 H  N N 188 
LEU HD13 H  N N 189 
LEU HD21 H  N N 190 
LEU HD22 H  N N 191 
LEU HD23 H  N N 192 
LEU HXT  H  N N 193 
LYS N    N  N N 194 
LYS CA   C  N S 195 
LYS C    C  N N 196 
LYS O    O  N N 197 
LYS CB   C  N N 198 
LYS CG   C  N N 199 
LYS CD   C  N N 200 
LYS CE   C  N N 201 
LYS NZ   N  N N 202 
LYS OXT  O  N N 203 
LYS H    H  N N 204 
LYS H2   H  N N 205 
LYS HA   H  N N 206 
LYS HB2  H  N N 207 
LYS HB3  H  N N 208 
LYS HG2  H  N N 209 
LYS HG3  H  N N 210 
LYS HD2  H  N N 211 
LYS HD3  H  N N 212 
LYS HE2  H  N N 213 
LYS HE3  H  N N 214 
LYS HZ1  H  N N 215 
LYS HZ2  H  N N 216 
LYS HZ3  H  N N 217 
LYS HXT  H  N N 218 
MSE N    N  N N 219 
MSE CA   C  N S 220 
MSE C    C  N N 221 
MSE O    O  N N 222 
MSE OXT  O  N N 223 
MSE CB   C  N N 224 
MSE CG   C  N N 225 
MSE SE   SE N N 226 
MSE CE   C  N N 227 
MSE H    H  N N 228 
MSE H2   H  N N 229 
MSE HA   H  N N 230 
MSE HXT  H  N N 231 
MSE HB2  H  N N 232 
MSE HB3  H  N N 233 
MSE HG2  H  N N 234 
MSE HG3  H  N N 235 
MSE HE1  H  N N 236 
MSE HE2  H  N N 237 
MSE HE3  H  N N 238 
PHE N    N  N N 239 
PHE CA   C  N S 240 
PHE C    C  N N 241 
PHE O    O  N N 242 
PHE CB   C  N N 243 
PHE CG   C  Y N 244 
PHE CD1  C  Y N 245 
PHE CD2  C  Y N 246 
PHE CE1  C  Y N 247 
PHE CE2  C  Y N 248 
PHE CZ   C  Y N 249 
PHE OXT  O  N N 250 
PHE H    H  N N 251 
PHE H2   H  N N 252 
PHE HA   H  N N 253 
PHE HB2  H  N N 254 
PHE HB3  H  N N 255 
PHE HD1  H  N N 256 
PHE HD2  H  N N 257 
PHE HE1  H  N N 258 
PHE HE2  H  N N 259 
PHE HZ   H  N N 260 
PHE HXT  H  N N 261 
PRO N    N  N N 262 
PRO CA   C  N S 263 
PRO C    C  N N 264 
PRO O    O  N N 265 
PRO CB   C  N N 266 
PRO CG   C  N N 267 
PRO CD   C  N N 268 
PRO OXT  O  N N 269 
PRO H    H  N N 270 
PRO HA   H  N N 271 
PRO HB2  H  N N 272 
PRO HB3  H  N N 273 
PRO HG2  H  N N 274 
PRO HG3  H  N N 275 
PRO HD2  H  N N 276 
PRO HD3  H  N N 277 
PRO HXT  H  N N 278 
SER N    N  N N 279 
SER CA   C  N S 280 
SER C    C  N N 281 
SER O    O  N N 282 
SER CB   C  N N 283 
SER OG   O  N N 284 
SER OXT  O  N N 285 
SER H    H  N N 286 
SER H2   H  N N 287 
SER HA   H  N N 288 
SER HB2  H  N N 289 
SER HB3  H  N N 290 
SER HG   H  N N 291 
SER HXT  H  N N 292 
SO4 S    S  N N 293 
SO4 O1   O  N N 294 
SO4 O2   O  N N 295 
SO4 O3   O  N N 296 
SO4 O4   O  N N 297 
THR N    N  N N 298 
THR CA   C  N S 299 
THR C    C  N N 300 
THR O    O  N N 301 
THR CB   C  N R 302 
THR OG1  O  N N 303 
THR CG2  C  N N 304 
THR OXT  O  N N 305 
THR H    H  N N 306 
THR H2   H  N N 307 
THR HA   H  N N 308 
THR HB   H  N N 309 
THR HG1  H  N N 310 
THR HG21 H  N N 311 
THR HG22 H  N N 312 
THR HG23 H  N N 313 
THR HXT  H  N N 314 
TRP N    N  N N 315 
TRP CA   C  N S 316 
TRP C    C  N N 317 
TRP O    O  N N 318 
TRP CB   C  N N 319 
TRP CG   C  Y N 320 
TRP CD1  C  Y N 321 
TRP CD2  C  Y N 322 
TRP NE1  N  Y N 323 
TRP CE2  C  Y N 324 
TRP CE3  C  Y N 325 
TRP CZ2  C  Y N 326 
TRP CZ3  C  Y N 327 
TRP CH2  C  Y N 328 
TRP OXT  O  N N 329 
TRP H    H  N N 330 
TRP H2   H  N N 331 
TRP HA   H  N N 332 
TRP HB2  H  N N 333 
TRP HB3  H  N N 334 
TRP HD1  H  N N 335 
TRP HE1  H  N N 336 
TRP HE3  H  N N 337 
TRP HZ2  H  N N 338 
TRP HZ3  H  N N 339 
TRP HH2  H  N N 340 
TRP HXT  H  N N 341 
TYR N    N  N N 342 
TYR CA   C  N S 343 
TYR C    C  N N 344 
TYR O    O  N N 345 
TYR CB   C  N N 346 
TYR CG   C  Y N 347 
TYR CD1  C  Y N 348 
TYR CD2  C  Y N 349 
TYR CE1  C  Y N 350 
TYR CE2  C  Y N 351 
TYR CZ   C  Y N 352 
TYR OH   O  N N 353 
TYR OXT  O  N N 354 
TYR H    H  N N 355 
TYR H2   H  N N 356 
TYR HA   H  N N 357 
TYR HB2  H  N N 358 
TYR HB3  H  N N 359 
TYR HD1  H  N N 360 
TYR HD2  H  N N 361 
TYR HE1  H  N N 362 
TYR HE2  H  N N 363 
TYR HH   H  N N 364 
TYR HXT  H  N N 365 
VAL N    N  N N 366 
VAL CA   C  N S 367 
VAL C    C  N N 368 
VAL O    O  N N 369 
VAL CB   C  N N 370 
VAL CG1  C  N N 371 
VAL CG2  C  N N 372 
VAL OXT  O  N N 373 
VAL H    H  N N 374 
VAL H2   H  N N 375 
VAL HA   H  N N 376 
VAL HB   H  N N 377 
VAL HG11 H  N N 378 
VAL HG12 H  N N 379 
VAL HG13 H  N N 380 
VAL HG21 H  N N 381 
VAL HG22 H  N N 382 
VAL HG23 H  N N 383 
VAL HXT  H  N N 384 
# 
loop_
_chem_comp_bond.comp_id 
_chem_comp_bond.atom_id_1 
_chem_comp_bond.atom_id_2 
_chem_comp_bond.value_order 
_chem_comp_bond.pdbx_aromatic_flag 
_chem_comp_bond.pdbx_stereo_config 
_chem_comp_bond.pdbx_ordinal 
ALA N   CA   sing N N 1   
ALA N   H    sing N N 2   
ALA N   H2   sing N N 3   
ALA CA  C    sing N N 4   
ALA CA  CB   sing N N 5   
ALA CA  HA   sing N N 6   
ALA C   O    doub N N 7   
ALA C   OXT  sing N N 8   
ALA CB  HB1  sing N N 9   
ALA CB  HB2  sing N N 10  
ALA CB  HB3  sing N N 11  
ALA OXT HXT  sing N N 12  
ARG N   CA   sing N N 13  
ARG N   H    sing N N 14  
ARG N   H2   sing N N 15  
ARG CA  C    sing N N 16  
ARG CA  CB   sing N N 17  
ARG CA  HA   sing N N 18  
ARG C   O    doub N N 19  
ARG C   OXT  sing N N 20  
ARG CB  CG   sing N N 21  
ARG CB  HB2  sing N N 22  
ARG CB  HB3  sing N N 23  
ARG CG  CD   sing N N 24  
ARG CG  HG2  sing N N 25  
ARG CG  HG3  sing N N 26  
ARG CD  NE   sing N N 27  
ARG CD  HD2  sing N N 28  
ARG CD  HD3  sing N N 29  
ARG NE  CZ   sing N N 30  
ARG NE  HE   sing N N 31  
ARG CZ  NH1  sing N N 32  
ARG CZ  NH2  doub N N 33  
ARG NH1 HH11 sing N N 34  
ARG NH1 HH12 sing N N 35  
ARG NH2 HH21 sing N N 36  
ARG NH2 HH22 sing N N 37  
ARG OXT HXT  sing N N 38  
ASN N   CA   sing N N 39  
ASN N   H    sing N N 40  
ASN N   H2   sing N N 41  
ASN CA  C    sing N N 42  
ASN CA  CB   sing N N 43  
ASN CA  HA   sing N N 44  
ASN C   O    doub N N 45  
ASN C   OXT  sing N N 46  
ASN CB  CG   sing N N 47  
ASN CB  HB2  sing N N 48  
ASN CB  HB3  sing N N 49  
ASN CG  OD1  doub N N 50  
ASN CG  ND2  sing N N 51  
ASN ND2 HD21 sing N N 52  
ASN ND2 HD22 sing N N 53  
ASN OXT HXT  sing N N 54  
ASP N   CA   sing N N 55  
ASP N   H    sing N N 56  
ASP N   H2   sing N N 57  
ASP CA  C    sing N N 58  
ASP CA  CB   sing N N 59  
ASP CA  HA   sing N N 60  
ASP C   O    doub N N 61  
ASP C   OXT  sing N N 62  
ASP CB  CG   sing N N 63  
ASP CB  HB2  sing N N 64  
ASP CB  HB3  sing N N 65  
ASP CG  OD1  doub N N 66  
ASP CG  OD2  sing N N 67  
ASP OD2 HD2  sing N N 68  
ASP OXT HXT  sing N N 69  
GLN N   CA   sing N N 70  
GLN N   H    sing N N 71  
GLN N   H2   sing N N 72  
GLN CA  C    sing N N 73  
GLN CA  CB   sing N N 74  
GLN CA  HA   sing N N 75  
GLN C   O    doub N N 76  
GLN C   OXT  sing N N 77  
GLN CB  CG   sing N N 78  
GLN CB  HB2  sing N N 79  
GLN CB  HB3  sing N N 80  
GLN CG  CD   sing N N 81  
GLN CG  HG2  sing N N 82  
GLN CG  HG3  sing N N 83  
GLN CD  OE1  doub N N 84  
GLN CD  NE2  sing N N 85  
GLN NE2 HE21 sing N N 86  
GLN NE2 HE22 sing N N 87  
GLN OXT HXT  sing N N 88  
GLU N   CA   sing N N 89  
GLU N   H    sing N N 90  
GLU N   H2   sing N N 91  
GLU CA  C    sing N N 92  
GLU CA  CB   sing N N 93  
GLU CA  HA   sing N N 94  
GLU C   O    doub N N 95  
GLU C   OXT  sing N N 96  
GLU CB  CG   sing N N 97  
GLU CB  HB2  sing N N 98  
GLU CB  HB3  sing N N 99  
GLU CG  CD   sing N N 100 
GLU CG  HG2  sing N N 101 
GLU CG  HG3  sing N N 102 
GLU CD  OE1  doub N N 103 
GLU CD  OE2  sing N N 104 
GLU OE2 HE2  sing N N 105 
GLU OXT HXT  sing N N 106 
GLY N   CA   sing N N 107 
GLY N   H    sing N N 108 
GLY N   H2   sing N N 109 
GLY CA  C    sing N N 110 
GLY CA  HA2  sing N N 111 
GLY CA  HA3  sing N N 112 
GLY C   O    doub N N 113 
GLY C   OXT  sing N N 114 
GLY OXT HXT  sing N N 115 
GOL C1  O1   sing N N 116 
GOL C1  C2   sing N N 117 
GOL C1  H11  sing N N 118 
GOL C1  H12  sing N N 119 
GOL O1  HO1  sing N N 120 
GOL C2  O2   sing N N 121 
GOL C2  C3   sing N N 122 
GOL C2  H2   sing N N 123 
GOL O2  HO2  sing N N 124 
GOL C3  O3   sing N N 125 
GOL C3  H31  sing N N 126 
GOL C3  H32  sing N N 127 
GOL O3  HO3  sing N N 128 
HOH O   H1   sing N N 129 
HOH O   H2   sing N N 130 
ILE N   CA   sing N N 131 
ILE N   H    sing N N 132 
ILE N   H2   sing N N 133 
ILE CA  C    sing N N 134 
ILE CA  CB   sing N N 135 
ILE CA  HA   sing N N 136 
ILE C   O    doub N N 137 
ILE C   OXT  sing N N 138 
ILE CB  CG1  sing N N 139 
ILE CB  CG2  sing N N 140 
ILE CB  HB   sing N N 141 
ILE CG1 CD1  sing N N 142 
ILE CG1 HG12 sing N N 143 
ILE CG1 HG13 sing N N 144 
ILE CG2 HG21 sing N N 145 
ILE CG2 HG22 sing N N 146 
ILE CG2 HG23 sing N N 147 
ILE CD1 HD11 sing N N 148 
ILE CD1 HD12 sing N N 149 
ILE CD1 HD13 sing N N 150 
ILE OXT HXT  sing N N 151 
IMD N1  C2   sing Y N 152 
IMD N1  C5   sing Y N 153 
IMD N1  HN1  sing N N 154 
IMD C2  N3   doub Y N 155 
IMD C2  H2   sing N N 156 
IMD N3  C4   sing Y N 157 
IMD N3  HN3  sing N N 158 
IMD C4  C5   doub Y N 159 
IMD C4  H4   sing N N 160 
IMD C5  H5   sing N N 161 
LEU N   CA   sing N N 162 
LEU N   H    sing N N 163 
LEU N   H2   sing N N 164 
LEU CA  C    sing N N 165 
LEU CA  CB   sing N N 166 
LEU CA  HA   sing N N 167 
LEU C   O    doub N N 168 
LEU C   OXT  sing N N 169 
LEU CB  CG   sing N N 170 
LEU CB  HB2  sing N N 171 
LEU CB  HB3  sing N N 172 
LEU CG  CD1  sing N N 173 
LEU CG  CD2  sing N N 174 
LEU CG  HG   sing N N 175 
LEU CD1 HD11 sing N N 176 
LEU CD1 HD12 sing N N 177 
LEU CD1 HD13 sing N N 178 
LEU CD2 HD21 sing N N 179 
LEU CD2 HD22 sing N N 180 
LEU CD2 HD23 sing N N 181 
LEU OXT HXT  sing N N 182 
LYS N   CA   sing N N 183 
LYS N   H    sing N N 184 
LYS N   H2   sing N N 185 
LYS CA  C    sing N N 186 
LYS CA  CB   sing N N 187 
LYS CA  HA   sing N N 188 
LYS C   O    doub N N 189 
LYS C   OXT  sing N N 190 
LYS CB  CG   sing N N 191 
LYS CB  HB2  sing N N 192 
LYS CB  HB3  sing N N 193 
LYS CG  CD   sing N N 194 
LYS CG  HG2  sing N N 195 
LYS CG  HG3  sing N N 196 
LYS CD  CE   sing N N 197 
LYS CD  HD2  sing N N 198 
LYS CD  HD3  sing N N 199 
LYS CE  NZ   sing N N 200 
LYS CE  HE2  sing N N 201 
LYS CE  HE3  sing N N 202 
LYS NZ  HZ1  sing N N 203 
LYS NZ  HZ2  sing N N 204 
LYS NZ  HZ3  sing N N 205 
LYS OXT HXT  sing N N 206 
MSE N   CA   sing N N 207 
MSE N   H    sing N N 208 
MSE N   H2   sing N N 209 
MSE CA  C    sing N N 210 
MSE CA  CB   sing N N 211 
MSE CA  HA   sing N N 212 
MSE C   O    doub N N 213 
MSE C   OXT  sing N N 214 
MSE OXT HXT  sing N N 215 
MSE CB  CG   sing N N 216 
MSE CB  HB2  sing N N 217 
MSE CB  HB3  sing N N 218 
MSE CG  SE   sing N N 219 
MSE CG  HG2  sing N N 220 
MSE CG  HG3  sing N N 221 
MSE SE  CE   sing N N 222 
MSE CE  HE1  sing N N 223 
MSE CE  HE2  sing N N 224 
MSE CE  HE3  sing N N 225 
PHE N   CA   sing N N 226 
PHE N   H    sing N N 227 
PHE N   H2   sing N N 228 
PHE CA  C    sing N N 229 
PHE CA  CB   sing N N 230 
PHE CA  HA   sing N N 231 
PHE C   O    doub N N 232 
PHE C   OXT  sing N N 233 
PHE CB  CG   sing N N 234 
PHE CB  HB2  sing N N 235 
PHE CB  HB3  sing N N 236 
PHE CG  CD1  doub Y N 237 
PHE CG  CD2  sing Y N 238 
PHE CD1 CE1  sing Y N 239 
PHE CD1 HD1  sing N N 240 
PHE CD2 CE2  doub Y N 241 
PHE CD2 HD2  sing N N 242 
PHE CE1 CZ   doub Y N 243 
PHE CE1 HE1  sing N N 244 
PHE CE2 CZ   sing Y N 245 
PHE CE2 HE2  sing N N 246 
PHE CZ  HZ   sing N N 247 
PHE OXT HXT  sing N N 248 
PRO N   CA   sing N N 249 
PRO N   CD   sing N N 250 
PRO N   H    sing N N 251 
PRO CA  C    sing N N 252 
PRO CA  CB   sing N N 253 
PRO CA  HA   sing N N 254 
PRO C   O    doub N N 255 
PRO C   OXT  sing N N 256 
PRO CB  CG   sing N N 257 
PRO CB  HB2  sing N N 258 
PRO CB  HB3  sing N N 259 
PRO CG  CD   sing N N 260 
PRO CG  HG2  sing N N 261 
PRO CG  HG3  sing N N 262 
PRO CD  HD2  sing N N 263 
PRO CD  HD3  sing N N 264 
PRO OXT HXT  sing N N 265 
SER N   CA   sing N N 266 
SER N   H    sing N N 267 
SER N   H2   sing N N 268 
SER CA  C    sing N N 269 
SER CA  CB   sing N N 270 
SER CA  HA   sing N N 271 
SER C   O    doub N N 272 
SER C   OXT  sing N N 273 
SER CB  OG   sing N N 274 
SER CB  HB2  sing N N 275 
SER CB  HB3  sing N N 276 
SER OG  HG   sing N N 277 
SER OXT HXT  sing N N 278 
SO4 S   O1   doub N N 279 
SO4 S   O2   doub N N 280 
SO4 S   O3   sing N N 281 
SO4 S   O4   sing N N 282 
THR N   CA   sing N N 283 
THR N   H    sing N N 284 
THR N   H2   sing N N 285 
THR CA  C    sing N N 286 
THR CA  CB   sing N N 287 
THR CA  HA   sing N N 288 
THR C   O    doub N N 289 
THR C   OXT  sing N N 290 
THR CB  OG1  sing N N 291 
THR CB  CG2  sing N N 292 
THR CB  HB   sing N N 293 
THR OG1 HG1  sing N N 294 
THR CG2 HG21 sing N N 295 
THR CG2 HG22 sing N N 296 
THR CG2 HG23 sing N N 297 
THR OXT HXT  sing N N 298 
TRP N   CA   sing N N 299 
TRP N   H    sing N N 300 
TRP N   H2   sing N N 301 
TRP CA  C    sing N N 302 
TRP CA  CB   sing N N 303 
TRP CA  HA   sing N N 304 
TRP C   O    doub N N 305 
TRP C   OXT  sing N N 306 
TRP CB  CG   sing N N 307 
TRP CB  HB2  sing N N 308 
TRP CB  HB3  sing N N 309 
TRP CG  CD1  doub Y N 310 
TRP CG  CD2  sing Y N 311 
TRP CD1 NE1  sing Y N 312 
TRP CD1 HD1  sing N N 313 
TRP CD2 CE2  doub Y N 314 
TRP CD2 CE3  sing Y N 315 
TRP NE1 CE2  sing Y N 316 
TRP NE1 HE1  sing N N 317 
TRP CE2 CZ2  sing Y N 318 
TRP CE3 CZ3  doub Y N 319 
TRP CE3 HE3  sing N N 320 
TRP CZ2 CH2  doub Y N 321 
TRP CZ2 HZ2  sing N N 322 
TRP CZ3 CH2  sing Y N 323 
TRP CZ3 HZ3  sing N N 324 
TRP CH2 HH2  sing N N 325 
TRP OXT HXT  sing N N 326 
TYR N   CA   sing N N 327 
TYR N   H    sing N N 328 
TYR N   H2   sing N N 329 
TYR CA  C    sing N N 330 
TYR CA  CB   sing N N 331 
TYR CA  HA   sing N N 332 
TYR C   O    doub N N 333 
TYR C   OXT  sing N N 334 
TYR CB  CG   sing N N 335 
TYR CB  HB2  sing N N 336 
TYR CB  HB3  sing N N 337 
TYR CG  CD1  doub Y N 338 
TYR CG  CD2  sing Y N 339 
TYR CD1 CE1  sing Y N 340 
TYR CD1 HD1  sing N N 341 
TYR CD2 CE2  doub Y N 342 
TYR CD2 HD2  sing N N 343 
TYR CE1 CZ   doub Y N 344 
TYR CE1 HE1  sing N N 345 
TYR CE2 CZ   sing Y N 346 
TYR CE2 HE2  sing N N 347 
TYR CZ  OH   sing N N 348 
TYR OH  HH   sing N N 349 
TYR OXT HXT  sing N N 350 
VAL N   CA   sing N N 351 
VAL N   H    sing N N 352 
VAL N   H2   sing N N 353 
VAL CA  C    sing N N 354 
VAL CA  CB   sing N N 355 
VAL CA  HA   sing N N 356 
VAL C   O    doub N N 357 
VAL C   OXT  sing N N 358 
VAL CB  CG1  sing N N 359 
VAL CB  CG2  sing N N 360 
VAL CB  HB   sing N N 361 
VAL CG1 HG11 sing N N 362 
VAL CG1 HG12 sing N N 363 
VAL CG1 HG13 sing N N 364 
VAL CG2 HG21 sing N N 365 
VAL CG2 HG22 sing N N 366 
VAL CG2 HG23 sing N N 367 
VAL OXT HXT  sing N N 368 
# 
_atom_sites.entry_id                    3LYG 
_atom_sites.fract_transf_matrix[1][1]   0.01640371 
_atom_sites.fract_transf_matrix[1][2]   -0.00338201 
_atom_sites.fract_transf_matrix[1][3]   -0.00481100 
_atom_sites.fract_transf_matrix[2][1]   -0.00562171 
_atom_sites.fract_transf_matrix[2][2]   -0.00483331 
_atom_sites.fract_transf_matrix[2][3]   -0.01577026 
_atom_sites.fract_transf_matrix[3][1]   0.00147109 
_atom_sites.fract_transf_matrix[3][2]   0.01397324 
_atom_sites.fract_transf_matrix[3][3]   -0.00480696 
_atom_sites.fract_transf_vector[1]      0.233493 
_atom_sites.fract_transf_vector[2]      0.251547 
_atom_sites.fract_transf_vector[3]      0.328844 
# 
loop_
_atom_type.symbol 
C  
N  
O  
S  
SE 
# 
loop_
_atom_site.group_PDB 
_atom_site.id 
_atom_site.type_symbol 
_atom_site.label_atom_id 
_atom_site.label_alt_id 
_atom_site.label_comp_id 
_atom_site.label_asym_id 
_atom_site.label_entity_id 
_atom_site.label_seq_id 
_atom_site.pdbx_PDB_ins_code 
_atom_site.Cartn_x 
_atom_site.Cartn_y 
_atom_site.Cartn_z 
_atom_site.occupancy 
_atom_site.B_iso_or_equiv 
_atom_site.pdbx_formal_charge 
_atom_site.auth_seq_id 
_atom_site.auth_comp_id 
_atom_site.auth_asym_id 
_atom_site.auth_atom_id 
_atom_site.pdbx_PDB_model_num 
ATOM   1    N  N   . GLY A 1 1   ? -15.696 6.191   15.602  1.00 46.02 ? 0   GLY A N   1 
ATOM   2    C  CA  . GLY A 1 1   ? -15.319 4.921   14.909  1.00 43.80 ? 0   GLY A CA  1 
ATOM   3    C  C   . GLY A 1 1   ? -13.884 4.547   15.240  1.00 41.17 ? 0   GLY A C   1 
ATOM   4    O  O   . GLY A 1 1   ? -13.240 5.171   16.094  1.00 39.66 ? 0   GLY A O   1 
HETATM 5    N  N   . MSE A 1 2   ? -13.382 3.520   14.568  1.00 39.44 ? 1   MSE A N   1 
HETATM 6    C  CA  . MSE A 1 2   ? -11.970 3.108   14.723  1.00 36.22 ? 1   MSE A CA  1 
HETATM 7    C  C   . MSE A 1 2   ? -11.039 4.152   14.113  1.00 31.29 ? 1   MSE A C   1 
HETATM 8    O  O   . MSE A 1 2   ? -11.405 4.830   13.148  1.00 29.79 ? 1   MSE A O   1 
HETATM 9    C  CB  . MSE A 1 2   ? -11.713 1.780   14.018  1.00 36.86 ? 1   MSE A CB  1 
HETATM 10   C  CG  . MSE A 1 2   ? -12.601 0.668   14.451  1.00 39.94 ? 1   MSE A CG  1 
HETATM 11   SE SE  . MSE A 1 2   ? -12.526 -0.668  13.076  0.75 38.69 ? 1   MSE A SE  1 
HETATM 12   C  CE  . MSE A 1 2   ? -10.784 -1.443  13.502  1.00 37.58 ? 1   MSE A CE  1 
ATOM   13   N  N   . ASN A 1 3   ? -9.844  4.280   14.669  1.00 24.68 ? 2   ASN A N   1 
ATOM   14   C  CA  . ASN A 1 3   ? -8.904  5.290   14.192  1.00 20.18 ? 2   ASN A CA  1 
ATOM   15   C  C   . ASN A 1 3   ? -8.240  4.857   12.884  1.00 16.07 ? 2   ASN A C   1 
ATOM   16   O  O   . ASN A 1 3   ? -7.607  3.800   12.803  1.00 17.03 ? 2   ASN A O   1 
ATOM   17   C  CB  . ASN A 1 3   ? -7.832  5.590   15.213  1.00 25.25 ? 2   ASN A CB  1 
ATOM   18   C  CG  . ASN A 1 3   ? -6.881  6.682   14.727  1.00 27.58 ? 2   ASN A CG  1 
ATOM   19   O  OD1 . ASN A 1 3   ? -5.785  6.385   14.271  1.00 20.22 ? 2   ASN A OD1 1 
ATOM   20   N  ND2 . ASN A 1 3   ? -7.322  7.944   14.784  1.00 31.38 ? 2   ASN A ND2 1 
ATOM   21   N  N   . LEU A 1 4   ? -8.395  5.684   11.860  1.00 11.58 ? 3   LEU A N   1 
ATOM   22   C  CA  . LEU A 1 4   ? -8.005  5.279   10.488  1.00 10.30 ? 3   LEU A CA  1 
ATOM   23   C  C   . LEU A 1 4   ? -6.503  5.249   10.305  1.00 9.20  ? 3   LEU A C   1 
ATOM   24   O  O   . LEU A 1 4   ? -5.956  4.371   9.608   1.00 10.24 ? 3   LEU A O   1 
ATOM   25   C  CB  . LEU A 1 4   ? -8.646  6.200   9.438   1.00 11.26 ? 3   LEU A CB  1 
ATOM   26   C  CG  . LEU A 1 4   ? -10.174 6.287   9.435   1.00 12.79 ? 3   LEU A CG  1 
ATOM   27   C  CD1 . LEU A 1 4   ? -10.649 7.175   8.275   1.00 13.05 ? 3   LEU A CD1 1 
ATOM   28   C  CD2 . LEU A 1 4   ? -10.880 4.964   9.393   1.00 14.63 ? 3   LEU A CD2 1 
ATOM   29   N  N   . ALA A 1 5   ? -5.791  6.208   10.924  1.00 10.19 ? 4   ALA A N   1 
ATOM   30   C  CA  . ALA A 1 5   ? -4.351  6.234   10.773  1.00 11.87 ? 4   ALA A CA  1 
ATOM   31   C  C   . ALA A 1 5   ? -3.774  4.975   11.368  1.00 12.47 ? 4   ALA A C   1 
ATOM   32   O  O   . ALA A 1 5   ? -2.824  4.392   10.840  1.00 12.38 ? 4   ALA A O   1 
ATOM   33   C  CB  . ALA A 1 5   ? -3.744  7.487   11.435  1.00 12.57 ? 4   ALA A CB  1 
ATOM   34   N  N   . ASN A 1 6   ? -4.325  4.555   12.491  1.00 11.61 ? 5   ASN A N   1 
ATOM   35   C  CA  . ASN A 1 6   ? -3.900  3.297   13.124  1.00 12.30 ? 5   ASN A CA  1 
ATOM   36   C  C   . ASN A 1 6   ? -4.149  2.085   12.216  1.00 9.54  ? 5   ASN A C   1 
ATOM   37   O  O   . ASN A 1 6   ? -3.275  1.207   12.050  1.00 10.52 ? 5   ASN A O   1 
ATOM   38   C  CB  . ASN A 1 6   ? -4.586  3.073   14.470  1.00 11.94 ? 5   ASN A CB  1 
ATOM   39   C  CG  . ASN A 1 6   ? -4.030  1.870   15.201  1.00 15.38 ? 5   ASN A CG  1 
ATOM   40   O  OD1 . ASN A 1 6   ? -2.830  1.799   15.420  1.00 16.68 ? 5   ASN A OD1 1 
ATOM   41   N  ND2 . ASN A 1 6   ? -4.883  0.927   15.556  1.00 18.37 ? 5   ASN A ND2 1 
ATOM   42   N  N   . ILE A 1 7   ? -5.319  2.028   11.610  1.00 11.25 ? 6   ILE A N   1 
ATOM   43   C  CA  . ILE A 1 7   ? -5.593  0.968   10.653  1.00 10.66 ? 6   ILE A CA  1 
ATOM   44   C  C   . ILE A 1 7   ? -4.504  0.906   9.581   1.00 10.15 ? 6   ILE A C   1 
ATOM   45   O  O   . ILE A 1 7   ? -4.025  -0.168  9.239   1.00 11.11 ? 6   ILE A O   1 
ATOM   46   C  CB  . ILE A 1 7   ? -7.033  1.050   10.044  1.00 11.98 ? 6   ILE A CB  1 
ATOM   47   C  CG1 . ILE A 1 7   ? -8.068  0.637   11.093  1.00 12.37 ? 6   ILE A CG1 1 
ATOM   48   C  CG2 . ILE A 1 7   ? -7.183  0.098   8.857   1.00 12.27 ? 6   ILE A CG2 1 
ATOM   49   C  CD1 . ILE A 1 7   ? -9.505  1.111   10.779  1.00 12.70 ? 6   ILE A CD1 1 
ATOM   50   N  N   . VAL A 1 8   ? -4.162  2.053   9.027   1.00 11.07 ? 7   VAL A N   1 
ATOM   51   C  CA  . VAL A 1 8   ? -3.123  2.120   7.992   1.00 9.90  ? 7   VAL A CA  1 
ATOM   52   C  C   . VAL A 1 8   ? -1.771  1.629   8.509   1.00 9.50  ? 7   VAL A C   1 
ATOM   53   O  O   . VAL A 1 8   ? -1.103  0.771   7.883   1.00 10.24 ? 7   VAL A O   1 
ATOM   54   C  CB  . VAL A 1 8   ? -3.070  3.512   7.358   1.00 10.74 ? 7   VAL A CB  1 
ATOM   55   C  CG1 . VAL A 1 8   ? -1.804  3.659   6.467   1.00 9.01  ? 7   VAL A CG1 1 
ATOM   56   C  CG2 . VAL A 1 8   ? -4.413  3.763   6.573   1.00 11.47 ? 7   VAL A CG2 1 
ATOM   57   N  N   . GLN A 1 9   ? -1.337  2.180   9.637   1.00 11.67 ? 8   GLN A N   1 
ATOM   58   C  CA  A GLN A 1 9   ? -0.081  1.743   10.257  0.50 11.02 ? 8   GLN A CA  1 
ATOM   59   C  CA  B GLN A 1 9   ? -0.094  1.763   10.259  0.50 12.43 ? 8   GLN A CA  1 
ATOM   60   C  C   . GLN A 1 9   ? 0.025   0.259   10.469  1.00 10.88 ? 8   GLN A C   1 
ATOM   61   O  O   . GLN A 1 9   ? 1.061   -0.365  10.154  1.00 12.00 ? 8   GLN A O   1 
ATOM   62   C  CB  A GLN A 1 9   ? 0.135   2.406   11.611  0.50 12.49 ? 8   GLN A CB  1 
ATOM   63   C  CB  B GLN A 1 9   ? 0.065   2.479   11.598  0.50 14.48 ? 8   GLN A CB  1 
ATOM   64   C  CG  A GLN A 1 9   ? 0.449   3.850   11.524  0.50 4.54  ? 8   GLN A CG  1 
ATOM   65   C  CG  B GLN A 1 9   ? 1.468   2.800   11.921  0.50 15.46 ? 8   GLN A CG  1 
ATOM   66   C  CD  A GLN A 1 9   ? 0.604   4.462   12.908  0.50 16.55 ? 8   GLN A CD  1 
ATOM   67   C  CD  B GLN A 1 9   ? 1.573   3.693   13.144  0.50 17.68 ? 8   GLN A CD  1 
ATOM   68   O  OE1 A GLN A 1 9   ? 0.049   5.513   13.195  0.50 23.53 ? 8   GLN A OE1 1 
ATOM   69   O  OE1 B GLN A 1 9   ? 1.068   3.358   14.222  0.50 17.34 ? 8   GLN A OE1 1 
ATOM   70   N  NE2 A GLN A 1 9   ? 1.388   3.805   13.770  0.50 20.52 ? 8   GLN A NE2 1 
ATOM   71   N  NE2 B GLN A 1 9   ? 2.207   4.843   12.977  0.50 16.73 ? 8   GLN A NE2 1 
ATOM   72   N  N   . ARG A 1 10  ? -1.004  -0.325  11.056  1.00 10.77 ? 9   ARG A N   1 
ATOM   73   C  CA  . ARG A 1 10  ? -0.999  -1.745  11.353  1.00 12.05 ? 9   ARG A CA  1 
ATOM   74   C  C   . ARG A 1 10  ? -0.970  -2.573  10.062  1.00 10.76 ? 9   ARG A C   1 
ATOM   75   O  O   . ARG A 1 10  ? -0.372  -3.642  10.017  1.00 11.96 ? 9   ARG A O   1 
ATOM   76   C  CB  . ARG A 1 10  ? -2.226  -2.073  12.173  1.00 11.76 ? 9   ARG A CB  1 
ATOM   77   C  CG  . ARG A 1 10  ? -2.359  -1.167  13.439  1.00 17.88 ? 9   ARG A CG  1 
ATOM   78   C  CD  . ARG A 1 10  ? -1.416  -1.460  14.509  1.00 18.36 ? 9   ARG A CD  1 
ATOM   79   N  NE  . ARG A 1 10  ? -0.037  -1.002  14.312  1.00 12.33 ? 9   ARG A NE  1 
ATOM   80   C  CZ  . ARG A 1 10  ? 0.492   0.115   14.817  1.00 7.57  ? 9   ARG A CZ  1 
ATOM   81   N  NH1 . ARG A 1 10  ? -0.261  1.045   15.440  1.00 9.50  ? 9   ARG A NH1 1 
ATOM   82   N  NH2 . ARG A 1 10  ? 1.787   0.351   14.673  1.00 11.74 ? 9   ARG A NH2 1 
ATOM   83   N  N   . GLY A 1 11  ? -1.618  -2.067  9.015   1.00 11.67 ? 10  GLY A N   1 
ATOM   84   C  CA  . GLY A 1 11  ? -1.600  -2.727  7.717   1.00 11.90 ? 10  GLY A CA  1 
ATOM   85   C  C   . GLY A 1 11  ? -0.218  -2.758  7.067   1.00 8.99  ? 10  GLY A C   1 
ATOM   86   O  O   . GLY A 1 11  ? 0.109   -3.760  6.433   1.00 10.60 ? 10  GLY A O   1 
ATOM   87   N  N   . TRP A 1 12  ? 0.602   -1.710  7.226   1.00 9.80  ? 11  TRP A N   1 
ATOM   88   C  CA  . TRP A 1 12  ? 1.982   -1.764  6.737   1.00 8.65  ? 11  TRP A CA  1 
ATOM   89   C  C   . TRP A 1 12  ? 2.741   -2.896  7.429   1.00 10.80 ? 11  TRP A C   1 
ATOM   90   O  O   . TRP A 1 12  ? 3.588   -3.535  6.825   1.00 10.83 ? 11  TRP A O   1 
ATOM   91   C  CB  . TRP A 1 12  ? 2.694   -0.429  6.959   1.00 9.19  ? 11  TRP A CB  1 
ATOM   92   C  CG  . TRP A 1 12  ? 2.288   0.619   6.009   1.00 8.06  ? 11  TRP A CG  1 
ATOM   93   C  CD1 . TRP A 1 12  ? 1.567   1.752   6.262   1.00 10.89 ? 11  TRP A CD1 1 
ATOM   94   C  CD2 . TRP A 1 12  ? 2.560   0.623   4.579   1.00 7.80  ? 11  TRP A CD2 1 
ATOM   95   N  NE1 . TRP A 1 12  ? 1.363   2.452   5.082   1.00 11.21 ? 11  TRP A NE1 1 
ATOM   96   C  CE2 . TRP A 1 12  ? 1.926   1.762   4.041   1.00 9.07  ? 11  TRP A CE2 1 
ATOM   97   C  CE3 . TRP A 1 12  ? 3.195   -0.262  3.716   1.00 9.31  ? 11  TRP A CE3 1 
ATOM   98   C  CZ2 . TRP A 1 12  ? 1.999   2.080   2.678   1.00 11.01 ? 11  TRP A CZ2 1 
ATOM   99   C  CZ3 . TRP A 1 12  ? 3.243   0.031   2.350   1.00 8.90  ? 11  TRP A CZ3 1 
ATOM   100  C  CH2 . TRP A 1 12  ? 2.651   1.199   1.854   1.00 10.02 ? 11  TRP A CH2 1 
ATOM   101  N  N   . GLU A 1 13  ? 2.456   -3.100  8.714   1.00 10.62 ? 12  GLU A N   1 
ATOM   102  C  CA  . GLU A 1 13  ? 3.111   -4.163  9.479   1.00 10.62 ? 12  GLU A CA  1 
ATOM   103  C  C   . GLU A 1 13  ? 2.662   -5.559  9.031   1.00 11.01 ? 12  GLU A C   1 
ATOM   104  O  O   . GLU A 1 13  ? 3.466   -6.482  8.893   1.00 10.27 ? 12  GLU A O   1 
ATOM   105  C  CB  . GLU A 1 13  ? 2.840   -3.945  10.958  1.00 9.85  ? 12  GLU A CB  1 
ATOM   106  C  CG  . GLU A 1 13  ? 3.481   -2.683  11.494  1.00 11.37 ? 12  GLU A CG  1 
ATOM   107  C  CD  . GLU A 1 13  ? 2.978   -2.291  12.856  1.00 9.93  ? 12  GLU A CD  1 
ATOM   108  O  OE1 . GLU A 1 13  ? 1.920   -2.794  13.322  1.00 11.24 ? 12  GLU A OE1 1 
ATOM   109  O  OE2 . GLU A 1 13  ? 3.679   -1.450  13.494  1.00 11.19 ? 12  GLU A OE2 1 
ATOM   110  N  N   . ALA A 1 14  ? 1.378   -5.693  8.781   1.00 11.86 ? 13  ALA A N   1 
ATOM   111  C  CA  . ALA A 1 14  ? 0.813   -6.952  8.295   1.00 12.19 ? 13  ALA A CA  1 
ATOM   112  C  C   . ALA A 1 14  ? 1.408   -7.281  6.942   1.00 9.95  ? 13  ALA A C   1 
ATOM   113  O  O   . ALA A 1 14  ? 1.759   -8.428  6.638   1.00 12.69 ? 13  ALA A O   1 
ATOM   114  C  CB  . ALA A 1 14  ? -0.710  -6.850  8.210   1.00 10.50 ? 13  ALA A CB  1 
ATOM   115  N  N   . LEU A 1 15  ? 1.499   -6.275  6.084   1.00 10.61 ? 14  LEU A N   1 
ATOM   116  C  CA  . LEU A 1 15  ? 2.098   -6.455  4.771   1.00 11.14 ? 14  LEU A CA  1 
ATOM   117  C  C   . LEU A 1 15  ? 3.546   -6.903  4.886   1.00 12.76 ? 14  LEU A C   1 
ATOM   118  O  O   . LEU A 1 15  ? 3.975   -7.880  4.264   1.00 13.70 ? 14  LEU A O   1 
ATOM   119  C  CB  . LEU A 1 15  ? 1.977   -5.180  3.949   1.00 11.99 ? 14  LEU A CB  1 
ATOM   120  C  CG  . LEU A 1 15  ? 2.390   -5.182  2.479   1.00 13.53 ? 14  LEU A CG  1 
ATOM   121  C  CD1 . LEU A 1 15  ? 1.433   -6.079  1.636   1.00 15.03 ? 14  LEU A CD1 1 
ATOM   122  C  CD2 . LEU A 1 15  ? 2.385   -3.726  1.943   1.00 14.58 ? 14  LEU A CD2 1 
ATOM   123  N  N   . GLY A 1 16  ? 4.300   -6.237  5.752   1.00 11.28 ? 15  GLY A N   1 
ATOM   124  C  CA  . GLY A 1 16  ? 5.681   -6.564  5.961   1.00 11.01 ? 15  GLY A CA  1 
ATOM   125  C  C   . GLY A 1 16  ? 5.886   -7.958  6.516   1.00 11.71 ? 15  GLY A C   1 
ATOM   126  O  O   . GLY A 1 16  ? 6.903   -8.600  6.205   1.00 14.15 ? 15  GLY A O   1 
ATOM   127  N  N   . ALA A 1 17  ? 4.927   -8.412  7.323   1.00 11.17 ? 16  ALA A N   1 
ATOM   128  C  CA  . ALA A 1 17  ? 4.989   -9.704  7.960   1.00 11.64 ? 16  ALA A CA  1 
ATOM   129  C  C   . ALA A 1 17  ? 4.384   -10.814 7.097   1.00 13.97 ? 16  ALA A C   1 
ATOM   130  O  O   . ALA A 1 17  ? 4.473   -11.982 7.460   1.00 15.09 ? 16  ALA A O   1 
ATOM   131  C  CB  . ALA A 1 17  ? 4.305   -9.673  9.323   1.00 14.28 ? 16  ALA A CB  1 
ATOM   132  N  N   . GLY A 1 18  ? 3.816   -10.470 5.948   1.00 14.25 ? 17  GLY A N   1 
ATOM   133  C  CA  . GLY A 1 18  ? 3.161   -11.467 5.099   1.00 13.74 ? 17  GLY A CA  1 
ATOM   134  C  C   . GLY A 1 18  ? 1.857   -12.007 5.659   1.00 14.79 ? 17  GLY A C   1 
ATOM   135  O  O   . GLY A 1 18  ? 1.381   -13.068 5.218   1.00 17.59 ? 17  GLY A O   1 
ATOM   136  N  N   . ASP A 1 19  ? 1.231   -11.280 6.580   1.00 13.32 ? 18  ASP A N   1 
ATOM   137  C  CA  . ASP A 1 19  ? -0.032  -11.665 7.201   1.00 12.58 ? 18  ASP A CA  1 
ATOM   138  C  C   . ASP A 1 19  ? -1.162  -11.119 6.346   1.00 14.07 ? 18  ASP A C   1 
ATOM   139  O  O   . ASP A 1 19  ? -1.922  -10.218 6.734   1.00 13.25 ? 18  ASP A O   1 
ATOM   140  C  CB  . ASP A 1 19  ? -0.131  -11.179 8.647   1.00 12.56 ? 18  ASP A CB  1 
ATOM   141  C  CG  . ASP A 1 19  ? -1.300  -11.796 9.380   1.00 17.46 ? 18  ASP A CG  1 
ATOM   142  O  OD1 . ASP A 1 19  ? -1.951  -12.676 8.778   1.00 21.12 ? 18  ASP A OD1 1 
ATOM   143  O  OD2 . ASP A 1 19  ? -1.606  -11.340 10.502  1.00 16.18 ? 18  ASP A OD2 1 
ATOM   144  N  N   . PHE A 1 20  ? -1.299  -11.738 5.177   1.00 12.95 ? 19  PHE A N   1 
ATOM   145  C  CA  . PHE A 1 20  ? -2.212  -11.218 4.169   1.00 11.46 ? 19  PHE A CA  1 
ATOM   146  C  C   . PHE A 1 20  ? -3.660  -11.483 4.509   1.00 12.77 ? 19  PHE A C   1 
ATOM   147  O  O   . PHE A 1 20  ? -4.536  -10.658 4.224   1.00 13.80 ? 19  PHE A O   1 
ATOM   148  C  CB  . PHE A 1 20  ? -1.912  -11.748 2.782   1.00 13.50 ? 19  PHE A CB  1 
ATOM   149  C  CG  . PHE A 1 20  ? -0.496  -11.557 2.343   1.00 11.63 ? 19  PHE A CG  1 
ATOM   150  C  CD1 . PHE A 1 20  ? 0.156   -10.350 2.535   1.00 11.11 ? 19  PHE A CD1 1 
ATOM   151  C  CD2 . PHE A 1 20  ? 0.198   -12.593 1.740   1.00 12.82 ? 19  PHE A CD2 1 
ATOM   152  C  CE1 . PHE A 1 20  ? 1.451   -10.164 2.101   1.00 12.84 ? 19  PHE A CE1 1 
ATOM   153  C  CE2 . PHE A 1 20  ? 1.534   -12.400 1.301   1.00 15.53 ? 19  PHE A CE2 1 
ATOM   154  C  CZ  . PHE A 1 20  ? 2.146   -11.200 1.510   1.00 16.60 ? 19  PHE A CZ  1 
ATOM   155  N  N   . ASP A 1 21  ? -3.932  -12.634 5.107   1.00 12.26 ? 20  ASP A N   1 
ATOM   156  C  CA  . ASP A 1 21  ? -5.270  -12.920 5.572   1.00 14.68 ? 20  ASP A CA  1 
ATOM   157  C  C   . ASP A 1 21  ? -5.784  -11.875 6.550   1.00 17.69 ? 20  ASP A C   1 
ATOM   158  O  O   . ASP A 1 21  ? -6.946  -11.468 6.463   1.00 20.03 ? 20  ASP A O   1 
ATOM   159  C  CB  . ASP A 1 21  ? -5.327  -14.298 6.221   1.00 19.78 ? 20  ASP A CB  1 
ATOM   160  C  CG  . ASP A 1 21  ? -5.195  -15.435 5.212   1.00 23.82 ? 20  ASP A CG  1 
ATOM   161  O  OD1 . ASP A 1 21  ? -5.313  -15.199 3.979   1.00 23.42 ? 20  ASP A OD1 1 
ATOM   162  O  OD2 . ASP A 1 21  ? -4.990  -16.574 5.684   1.00 28.10 ? 20  ASP A OD2 1 
ATOM   163  N  N   . THR A 1 22  ? -4.928  -11.409 7.457   1.00 15.43 ? 21  THR A N   1 
ATOM   164  C  CA  . THR A 1 22  ? -5.342  -10.381 8.401   1.00 13.49 ? 21  THR A CA  1 
ATOM   165  C  C   . THR A 1 22  ? -5.488  -9.045  7.678   1.00 11.31 ? 21  THR A C   1 
ATOM   166  O  O   . THR A 1 22  ? -6.473  -8.315  7.875   1.00 14.93 ? 21  THR A O   1 
ATOM   167  C  CB  . THR A 1 22  ? -4.330  -10.238 9.547   1.00 15.46 ? 21  THR A CB  1 
ATOM   168  O  OG1 . THR A 1 22  ? -4.337  -11.459 10.319  1.00 19.14 ? 21  THR A OG1 1 
ATOM   169  C  CG2 . THR A 1 22  ? -4.675  -9.078  10.462  1.00 17.89 ? 21  THR A CG2 1 
ATOM   170  N  N   . LEU A 1 23  ? -4.493  -8.731  6.875   1.00 12.12 ? 22  LEU A N   1 
ATOM   171  C  CA  . LEU A 1 23  ? -4.472  -7.465  6.139   1.00 12.50 ? 22  LEU A CA  1 
ATOM   172  C  C   . LEU A 1 23  ? -5.761  -7.205  5.368   1.00 12.96 ? 22  LEU A C   1 
ATOM   173  O  O   . LEU A 1 23  ? -6.317  -6.104  5.420   1.00 11.46 ? 22  LEU A O   1 
ATOM   174  C  CB  . LEU A 1 23  ? -3.291  -7.371  5.171   1.00 12.77 ? 22  LEU A CB  1 
ATOM   175  C  CG  . LEU A 1 23  ? -3.231  -6.112  4.265   1.00 12.69 ? 22  LEU A CG  1 
ATOM   176  C  CD1 . LEU A 1 23  ? -3.089  -4.845  5.113   1.00 14.07 ? 22  LEU A CD1 1 
ATOM   177  C  CD2 . LEU A 1 23  ? -2.069  -6.232  3.289   1.00 17.07 ? 22  LEU A CD2 1 
ATOM   178  N  N   . VAL A 1 24  ? -6.256  -8.213  4.658   1.00 12.30 ? 23  VAL A N   1 
ATOM   179  C  CA  . VAL A 1 24  ? -7.370  -7.946  3.770   1.00 12.83 ? 23  VAL A CA  1 
ATOM   180  C  C   . VAL A 1 24  ? -8.683  -7.740  4.523   1.00 15.16 ? 23  VAL A C   1 
ATOM   181  O  O   . VAL A 1 24  ? -9.615  -7.244  3.931   1.00 15.73 ? 23  VAL A O   1 
ATOM   182  C  CB  . VAL A 1 24  ? -7.494  -8.988  2.684   1.00 17.46 ? 23  VAL A CB  1 
ATOM   183  C  CG1 . VAL A 1 24  ? -6.221  -8.972  1.825   1.00 16.24 ? 23  VAL A CG1 1 
ATOM   184  C  CG2 . VAL A 1 24  ? -7.824  -10.341 3.251   1.00 16.78 ? 23  VAL A CG2 1 
ATOM   185  N  N   . THR A 1 25  ? -8.750  -8.070  5.814   1.00 13.24 ? 24  THR A N   1 
ATOM   186  C  CA  . THR A 1 25  ? -9.971  -7.767  6.536   1.00 14.37 ? 24  THR A CA  1 
ATOM   187  C  C   . THR A 1 25  ? -10.245 -6.265  6.687   1.00 11.69 ? 24  THR A C   1 
ATOM   188  O  O   . THR A 1 25  ? -11.384 -5.881  7.002   1.00 15.60 ? 24  THR A O   1 
ATOM   189  C  CB  . THR A 1 25  ? -10.075 -8.461  7.895   1.00 12.15 ? 24  THR A CB  1 
ATOM   190  O  OG1 . THR A 1 25  ? -9.156  -7.871  8.813   1.00 14.70 ? 24  THR A OG1 1 
ATOM   191  C  CG2 . THR A 1 25  ? -9.818  -9.999  7.773   1.00 16.08 ? 24  THR A CG2 1 
ATOM   192  N  N   . ASP A 1 26  ? -9.231  -5.437  6.427   1.00 12.55 ? 25  ASP A N   1 
ATOM   193  C  CA  . ASP A 1 26  ? -9.369  -3.984  6.468   1.00 13.43 ? 25  ASP A CA  1 
ATOM   194  C  C   . ASP A 1 26  ? -10.094 -3.415  5.253   1.00 12.68 ? 25  ASP A C   1 
ATOM   195  O  O   . ASP A 1 26  ? -10.329 -2.215  5.231   1.00 15.56 ? 25  ASP A O   1 
ATOM   196  C  CB  . ASP A 1 26  ? -7.995  -3.273  6.434   1.00 16.92 ? 25  ASP A CB  1 
ATOM   197  C  CG  . ASP A 1 26  ? -7.093  -3.510  7.646   1.00 21.70 ? 25  ASP A CG  1 
ATOM   198  O  OD1 . ASP A 1 26  ? -7.592  -3.852  8.711   1.00 16.99 ? 25  ASP A OD1 1 
ATOM   199  O  OD2 . ASP A 1 26  ? -5.842  -3.244  7.500   1.00 23.23 ? 25  ASP A OD2 1 
ATOM   200  N  N   . TYR A 1 27  ? -10.396 -4.243  4.240   1.00 10.40 ? 26  TYR A N   1 
ATOM   201  C  CA  . TYR A 1 27  ? -10.857 -3.764  2.945   1.00 9.72  ? 26  TYR A CA  1 
ATOM   202  C  C   . TYR A 1 27  ? -12.269 -4.258  2.651   1.00 10.22 ? 26  TYR A C   1 
ATOM   203  O  O   . TYR A 1 27  ? -12.665 -5.361  3.052   1.00 10.91 ? 26  TYR A O   1 
ATOM   204  C  CB  . TYR A 1 27  ? -9.960  -4.222  1.815   1.00 9.14  ? 26  TYR A CB  1 
ATOM   205  C  CG  . TYR A 1 27  ? -8.518  -3.750  1.825   1.00 8.17  ? 26  TYR A CG  1 
ATOM   206  C  CD1 . TYR A 1 27  ? -7.597  -4.313  2.705   1.00 12.37 ? 26  TYR A CD1 1 
ATOM   207  C  CD2 . TYR A 1 27  ? -8.061  -2.776  0.967   1.00 8.28  ? 26  TYR A CD2 1 
ATOM   208  C  CE1 . TYR A 1 27  ? -6.290  -3.940  2.740   1.00 13.61 ? 26  TYR A CE1 1 
ATOM   209  C  CE2 . TYR A 1 27  ? -6.717  -2.420  0.963   1.00 9.46  ? 26  TYR A CE2 1 
ATOM   210  C  CZ  . TYR A 1 27  ? -5.830  -2.989  1.858   1.00 10.58 ? 26  TYR A CZ  1 
ATOM   211  O  OH  . TYR A 1 27  ? -4.491  -2.644  1.832   1.00 13.24 ? 26  TYR A OH  1 
ATOM   212  N  N   . VAL A 1 28  ? -13.006 -3.437  1.903   1.00 11.14 ? 27  VAL A N   1 
ATOM   213  C  CA  . VAL A 1 28  ? -14.297 -3.866  1.387   1.00 10.54 ? 27  VAL A CA  1 
ATOM   214  C  C   . VAL A 1 28  ? -14.136 -4.783  0.191   1.00 10.33 ? 27  VAL A C   1 
ATOM   215  O  O   . VAL A 1 28  ? -13.074 -4.846  -0.469  1.00 11.57 ? 27  VAL A O   1 
ATOM   216  C  CB  . VAL A 1 28  ? -15.205 -2.678  0.990   1.00 11.55 ? 27  VAL A CB  1 
ATOM   217  C  CG1 . VAL A 1 28  ? -15.339 -1.710  2.173   1.00 12.94 ? 27  VAL A CG1 1 
ATOM   218  C  CG2 . VAL A 1 28  ? -14.697 -1.994  -0.268  1.00 12.22 ? 27  VAL A CG2 1 
ATOM   219  N  N   . GLU A 1 29  ? -15.194 -5.509  -0.120  1.00 11.42 ? 28  GLU A N   1 
ATOM   220  C  CA  A GLU A 1 29  ? -15.137 -6.466  -1.227  0.50 11.48 ? 28  GLU A CA  1 
ATOM   221  C  CA  B GLU A 1 29  ? -15.184 -6.458  -1.250  0.50 12.92 ? 28  GLU A CA  1 
ATOM   222  C  C   . GLU A 1 29  ? -14.909 -5.797  -2.601  1.00 12.96 ? 28  GLU A C   1 
ATOM   223  O  O   . GLU A 1 29  ? -14.124 -6.320  -3.422  1.00 13.42 ? 28  GLU A O   1 
ATOM   224  C  CB  A GLU A 1 29  ? -16.409 -7.307  -1.247  0.50 14.29 ? 28  GLU A CB  1 
ATOM   225  C  CB  B GLU A 1 29  ? -16.535 -7.167  -1.357  0.50 15.90 ? 28  GLU A CB  1 
ATOM   226  C  CG  A GLU A 1 29  ? -16.404 -8.398  -2.290  0.50 10.31 ? 28  GLU A CG  1 
ATOM   227  C  CG  B GLU A 1 29  ? -16.736 -8.261  -0.352  0.50 21.65 ? 28  GLU A CG  1 
ATOM   228  C  CD  A GLU A 1 29  ? -17.550 -9.364  -2.111  0.50 23.67 ? 28  GLU A CD  1 
ATOM   229  C  CD  B GLU A 1 29  ? -18.142 -8.872  -0.447  0.50 25.50 ? 28  GLU A CD  1 
ATOM   230  O  OE1 A GLU A 1 29  ? -17.477 -10.210 -1.191  0.50 31.44 ? 28  GLU A OE1 1 
ATOM   231  O  OE1 B GLU A 1 29  ? -18.832 -8.633  -1.465  0.50 20.94 ? 28  GLU A OE1 1 
ATOM   232  O  OE2 A GLU A 1 29  ? -18.523 -9.260  -2.884  0.50 26.76 ? 28  GLU A OE2 1 
ATOM   233  O  OE2 B GLU A 1 29  ? -18.549 -9.572  0.501   0.50 30.82 ? 28  GLU A OE2 1 
ATOM   234  N  N   . LYS A 1 30  ? -15.575 -4.664  -2.832  1.00 11.52 ? 29  LYS A N   1 
ATOM   235  C  CA  . LYS A 1 30  ? -15.519 -3.952  -4.108  1.00 14.12 ? 29  LYS A CA  1 
ATOM   236  C  C   . LYS A 1 30  ? -14.467 -2.849  -4.037  1.00 12.68 ? 29  LYS A C   1 
ATOM   237  O  O   . LYS A 1 30  ? -14.717 -1.687  -4.397  1.00 18.39 ? 29  LYS A O   1 
ATOM   238  C  CB  . LYS A 1 30  ? -16.885 -3.391  -4.475  1.00 15.46 ? 29  LYS A CB  1 
ATOM   239  C  CG  . LYS A 1 30  ? -17.929 -4.506  -4.754  1.00 18.13 ? 29  LYS A CG  1 
ATOM   240  C  CD  . LYS A 1 30  ? -19.303 -3.987  -5.186  1.00 29.37 ? 29  LYS A CD  1 
ATOM   241  C  CE  . LYS A 1 30  ? -20.075 -5.076  -5.993  1.00 40.45 ? 29  LYS A CE  1 
ATOM   242  N  NZ  . LYS A 1 30  ? -21.318 -4.616  -6.727  1.00 50.37 ? 29  LYS A NZ  1 
HETATM 243  N  N   . MSE A 1 31  ? -13.306 -3.230  -3.550  1.00 12.22 ? 30  MSE A N   1 
HETATM 244  C  CA  A MSE A 1 31  ? -12.185 -2.301  -3.428  0.80 9.85  ? 30  MSE A CA  1 
HETATM 245  C  CA  B MSE A 1 31  ? -12.176 -2.311  -3.427  0.20 11.60 ? 30  MSE A CA  1 
HETATM 246  C  C   . MSE A 1 31  ? -11.472 -2.152  -4.770  1.00 12.02 ? 30  MSE A C   1 
HETATM 247  O  O   . MSE A 1 31  ? -11.678 -2.954  -5.688  1.00 10.59 ? 30  MSE A O   1 
HETATM 248  C  CB  A MSE A 1 31  ? -11.173 -2.821  -2.407  0.80 11.00 ? 30  MSE A CB  1 
HETATM 249  C  CB  B MSE A 1 31  ? -11.179 -2.798  -2.355  0.20 12.17 ? 30  MSE A CB  1 
HETATM 250  C  CG  A MSE A 1 31  ? -10.525 -4.140  -2.849  0.80 11.39 ? 30  MSE A CG  1 
HETATM 251  C  CG  B MSE A 1 31  ? -10.445 -4.118  -2.662  0.20 12.80 ? 30  MSE A CG  1 
HETATM 252  SE SE  A MSE A 1 31  ? -9.095  -4.706  -1.754  0.60 6.83  ? 30  MSE A SE  1 
HETATM 253  SE SE  B MSE A 1 31  ? -8.781  -3.885  -3.651  0.15 17.46 ? 30  MSE A SE  1 
HETATM 254  C  CE  A MSE A 1 31  ? -7.676  -3.584  -2.480  0.80 8.75  ? 30  MSE A CE  1 
HETATM 255  C  CE  B MSE A 1 31  ? -7.849  -2.710  -2.396  0.20 9.08  ? 30  MSE A CE  1 
ATOM   256  N  N   . ILE A 1 32  ? -10.631 -1.138  -4.868  1.00 10.24 ? 31  ILE A N   1 
ATOM   257  C  CA  A ILE A 1 32  ? -9.741  -0.963  -6.018  0.50 9.22  ? 31  ILE A CA  1 
ATOM   258  C  CA  B ILE A 1 32  ? -9.764  -0.882  -6.031  0.50 10.86 ? 31  ILE A CA  1 
ATOM   259  C  C   . ILE A 1 32  ? -8.352  -0.588  -5.521  1.00 10.09 ? 31  ILE A C   1 
ATOM   260  O  O   . ILE A 1 32  ? -8.188  0.128   -4.533  1.00 10.74 ? 31  ILE A O   1 
ATOM   261  C  CB  A ILE A 1 32  ? -10.262 0.065   -7.075  0.50 10.02 ? 31  ILE A CB  1 
ATOM   262  C  CB  B ILE A 1 32  ? -10.231 0.348   -6.866  0.50 11.80 ? 31  ILE A CB  1 
ATOM   263  C  CG1 A ILE A 1 32  ? -10.430 1.464   -6.470  0.50 9.15  ? 31  ILE A CG1 1 
ATOM   264  C  CG1 B ILE A 1 32  ? -11.676 0.198   -7.294  0.50 19.30 ? 31  ILE A CG1 1 
ATOM   265  C  CG2 A ILE A 1 32  ? -11.552 -0.466  -7.682  0.50 13.74 ? 31  ILE A CG2 1 
ATOM   266  C  CG2 B ILE A 1 32  ? -9.423  0.492   -8.135  0.50 15.84 ? 31  ILE A CG2 1 
ATOM   267  C  CD1 A ILE A 1 32  ? -10.681 2.549   -7.501  0.50 14.17 ? 31  ILE A CD1 1 
ATOM   268  C  CD1 B ILE A 1 32  ? -11.971 0.953   -8.575  0.50 23.34 ? 31  ILE A CD1 1 
ATOM   269  N  N   . PHE A 1 33  ? -7.352  -1.160  -6.185  1.00 9.90  ? 32  PHE A N   1 
ATOM   270  C  CA  . PHE A 1 33  ? -5.954  -1.058  -5.823  1.00 12.08 ? 32  PHE A CA  1 
ATOM   271  C  C   . PHE A 1 33  ? -5.268  -0.506  -7.073  1.00 11.25 ? 32  PHE A C   1 
ATOM   272  O  O   . PHE A 1 33  ? -5.231  -1.204  -8.128  1.00 9.45  ? 32  PHE A O   1 
ATOM   273  C  CB  . PHE A 1 33  ? -5.461  -2.455  -5.524  1.00 11.33 ? 32  PHE A CB  1 
ATOM   274  C  CG  . PHE A 1 33  ? -4.008  -2.590  -5.251  1.00 10.46 ? 32  PHE A CG  1 
ATOM   275  C  CD1 . PHE A 1 33  ? -3.384  -1.869  -4.223  1.00 11.38 ? 32  PHE A CD1 1 
ATOM   276  C  CD2 . PHE A 1 33  ? -3.255  -3.523  -5.921  1.00 14.16 ? 32  PHE A CD2 1 
ATOM   277  C  CE1 . PHE A 1 33  ? -2.049  -2.048  -3.923  1.00 14.90 ? 32  PHE A CE1 1 
ATOM   278  C  CE2 . PHE A 1 33  ? -1.910  -3.707  -5.605  1.00 14.18 ? 32  PHE A CE2 1 
ATOM   279  C  CZ  . PHE A 1 33  ? -1.307  -2.985  -4.619  1.00 13.52 ? 32  PHE A CZ  1 
ATOM   280  N  N   . ILE A 1 34  ? -4.724  0.706   -6.963  1.00 10.24 ? 33  ILE A N   1 
ATOM   281  C  CA  . ILE A 1 34  ? -4.076  1.416   -8.074  1.00 10.00 ? 33  ILE A CA  1 
ATOM   282  C  C   . ILE A 1 34  ? -2.590  1.463   -7.745  1.00 9.08  ? 33  ILE A C   1 
ATOM   283  O  O   . ILE A 1 34  ? -2.166  2.182   -6.868  1.00 9.04  ? 33  ILE A O   1 
ATOM   284  C  CB  . ILE A 1 34  ? -4.639  2.838   -8.320  1.00 8.71  ? 33  ILE A CB  1 
ATOM   285  C  CG1 . ILE A 1 34  ? -6.183  2.789   -8.489  1.00 12.88 ? 33  ILE A CG1 1 
ATOM   286  C  CG2 . ILE A 1 34  ? -3.918  3.544   -9.549  1.00 9.98  ? 33  ILE A CG2 1 
ATOM   287  C  CD1 . ILE A 1 34  ? -6.967  3.143   -7.224  1.00 12.47 ? 33  ILE A CD1 1 
HETATM 288  N  N   . MSE A 1 35  ? -1.818  0.630   -8.428  1.00 10.22 ? 34  MSE A N   1 
HETATM 289  C  CA  . MSE A 1 35  ? -0.417  0.383   -8.049  1.00 9.52  ? 34  MSE A CA  1 
HETATM 290  C  C   . MSE A 1 35  ? 0.240   -0.522  -9.083  1.00 10.08 ? 34  MSE A C   1 
HETATM 291  O  O   . MSE A 1 35  ? -0.314  -1.574  -9.465  1.00 10.72 ? 34  MSE A O   1 
HETATM 292  C  CB  . MSE A 1 35  ? -0.409  -0.306  -6.698  1.00 8.82  ? 34  MSE A CB  1 
HETATM 293  C  CG  . MSE A 1 35  ? 0.893   -0.507  -6.056  1.00 11.03 ? 34  MSE A CG  1 
HETATM 294  SE SE  . MSE A 1 35  ? 1.992   -1.950  -6.684  0.75 9.32  ? 34  MSE A SE  1 
HETATM 295  C  CE  . MSE A 1 35  ? 3.487   -1.646  -5.510  1.00 16.24 ? 34  MSE A CE  1 
ATOM   296  N  N   . PRO A 1 36  ? 1.446   -0.155  -9.540  1.00 10.13 ? 35  PRO A N   1 
ATOM   297  C  CA  . PRO A 1 36  ? 2.238   1.010   -9.088  1.00 8.13  ? 35  PRO A CA  1 
ATOM   298  C  C   . PRO A 1 36  ? 1.942   2.313   -9.809  1.00 10.64 ? 35  PRO A C   1 
ATOM   299  O  O   . PRO A 1 36  ? 2.234   3.361   -9.284  1.00 13.34 ? 35  PRO A O   1 
ATOM   300  C  CB  . PRO A 1 36  ? 3.677   0.571   -9.385  1.00 10.93 ? 35  PRO A CB  1 
ATOM   301  C  CG  . PRO A 1 36  ? 3.556   -0.354  -10.507 1.00 12.74 ? 35  PRO A CG  1 
ATOM   302  C  CD  . PRO A 1 36  ? 2.258   -1.114  -10.308 1.00 11.56 ? 35  PRO A CD  1 
ATOM   303  N  N   . GLY A 1 37  ? 1.428   2.199   -11.023 1.00 11.81 ? 36  GLY A N   1 
ATOM   304  C  CA  . GLY A 1 37  ? 1.040   3.317   -11.877 1.00 10.98 ? 36  GLY A CA  1 
ATOM   305  C  C   . GLY A 1 37  ? -0.444  3.639   -11.817 1.00 11.33 ? 36  GLY A C   1 
ATOM   306  O  O   . GLY A 1 37  ? -1.266  2.819   -11.388 1.00 11.74 ? 36  GLY A O   1 
ATOM   307  N  N   . GLN A 1 38  ? -0.799  4.826   -12.308 1.00 9.97  ? 37  GLN A N   1 
ATOM   308  C  CA  . GLN A 1 38  ? -2.204  5.264   -12.296 1.00 12.21 ? 37  GLN A CA  1 
ATOM   309  C  C   . GLN A 1 38  ? -3.089  4.448   -13.272 1.00 10.23 ? 37  GLN A C   1 
ATOM   310  O  O   . GLN A 1 38  ? -4.303  4.367   -13.094 1.00 12.63 ? 37  GLN A O   1 
ATOM   311  C  CB  . GLN A 1 38  ? -2.311  6.740   -12.638 1.00 8.96  ? 37  GLN A CB  1 
ATOM   312  C  CG  . GLN A 1 38  ? -1.616  7.652   -11.610 1.00 9.88  ? 37  GLN A CG  1 
ATOM   313  C  CD  . GLN A 1 38  ? -2.146  7.446   -10.209 1.00 13.94 ? 37  GLN A CD  1 
ATOM   314  O  OE1 . GLN A 1 38  ? -3.342  7.651   -9.959  1.00 15.49 ? 37  GLN A OE1 1 
ATOM   315  N  NE2 . GLN A 1 38  ? -1.271  7.064   -9.305  1.00 12.37 ? 37  GLN A NE2 1 
ATOM   316  N  N   . ALA A 1 39  ? -2.464  3.777   -14.233 1.00 12.23 ? 38  ALA A N   1 
ATOM   317  C  CA  . ALA A 1 39  ? -3.198  2.982   -15.190 1.00 11.64 ? 38  ALA A CA  1 
ATOM   318  C  C   . ALA A 1 39  ? -3.302  1.517   -14.716 1.00 12.35 ? 38  ALA A C   1 
ATOM   319  O  O   . ALA A 1 39  ? -3.968  0.704   -15.353 1.00 13.31 ? 38  ALA A O   1 
ATOM   320  C  CB  . ALA A 1 39  ? -2.531  3.081   -16.558 1.00 12.44 ? 38  ALA A CB  1 
ATOM   321  N  N   . ASP A 1 40  ? -2.675  1.202   -13.580 1.00 11.15 ? 39  ASP A N   1 
ATOM   322  C  CA  . ASP A 1 40  ? -2.630  -0.169  -13.076 1.00 10.09 ? 39  ASP A CA  1 
ATOM   323  C  C   . ASP A 1 40  ? -3.752  -0.322  -12.029 1.00 10.92 ? 39  ASP A C   1 
ATOM   324  O  O   . ASP A 1 40  ? -3.507  -0.190  -10.831 1.00 11.42 ? 39  ASP A O   1 
ATOM   325  C  CB  . ASP A 1 40  ? -1.293  -0.443  -12.403 1.00 10.56 ? 39  ASP A CB  1 
ATOM   326  C  CG  . ASP A 1 40  ? -0.119  -0.468  -13.357 1.00 15.87 ? 39  ASP A CG  1 
ATOM   327  O  OD1 . ASP A 1 40  ? -0.189  -1.153  -14.385 1.00 17.64 ? 39  ASP A OD1 1 
ATOM   328  O  OD2 . ASP A 1 40  ? 0.866   0.222   -13.083 1.00 15.39 ? 39  ASP A OD2 1 
ATOM   329  N  N   . VAL A 1 41  ? -4.974  -0.530  -12.495 1.00 9.74  ? 40  VAL A N   1 
ATOM   330  C  CA  . VAL A 1 41  ? -6.166  -0.531  -11.667 1.00 9.18  ? 40  VAL A CA  1 
ATOM   331  C  C   . VAL A 1 41  ? -6.709  -1.958  -11.553 1.00 7.90  ? 40  VAL A C   1 
ATOM   332  O  O   . VAL A 1 41  ? -7.097  -2.563  -12.568 1.00 10.01 ? 40  VAL A O   1 
ATOM   333  C  CB  . VAL A 1 41  ? -7.234  0.419   -12.243 1.00 10.95 ? 40  VAL A CB  1 
ATOM   334  C  CG1 . VAL A 1 41  ? -8.463  0.373   -11.363 1.00 10.87 ? 40  VAL A CG1 1 
ATOM   335  C  CG2 . VAL A 1 41  ? -6.661  1.824   -12.307 1.00 11.27 ? 40  VAL A CG2 1 
ATOM   336  N  N   . LEU A 1 42  ? -6.590  -2.517  -10.358 1.00 8.83  ? 41  LEU A N   1 
ATOM   337  C  CA  . LEU A 1 42  ? -7.063  -3.853  -10.044 1.00 9.48  ? 41  LEU A CA  1 
ATOM   338  C  C   . LEU A 1 42  ? -8.352  -3.744  -9.201  1.00 9.79  ? 41  LEU A C   1 
ATOM   339  O  O   . LEU A 1 42  ? -8.343  -3.094  -8.176  1.00 9.68  ? 41  LEU A O   1 
ATOM   340  C  CB  . LEU A 1 42  ? -6.027  -4.594  -9.223  1.00 10.96 ? 41  LEU A CB  1 
ATOM   341  C  CG  . LEU A 1 42  ? -6.286  -6.075  -8.930  1.00 12.30 ? 41  LEU A CG  1 
ATOM   342  C  CD1 . LEU A 1 42  ? -6.242  -6.943  -10.228 1.00 15.61 ? 41  LEU A CD1 1 
ATOM   343  C  CD2 . LEU A 1 42  ? -5.300  -6.587  -7.898  1.00 13.66 ? 41  LEU A CD2 1 
ATOM   344  N  N   . LYS A 1 43  ? -9.396  -4.458  -9.605  1.00 11.02 ? 42  LYS A N   1 
ATOM   345  C  CA  . LYS A 1 43  ? -10.717 -4.409  -8.931  1.00 11.65 ? 42  LYS A CA  1 
ATOM   346  C  C   . LYS A 1 43  ? -10.959 -5.684  -8.141  1.00 11.35 ? 42  LYS A C   1 
ATOM   347  O  O   . LYS A 1 43  ? -10.769 -6.804  -8.643  1.00 12.27 ? 42  LYS A O   1 
ATOM   348  C  CB  . LYS A 1 43  ? -11.856 -4.200  -9.945  1.00 14.42 ? 42  LYS A CB  1 
ATOM   349  C  CG  . LYS A 1 43  ? -11.749 -2.917  -10.729 1.00 14.73 ? 42  LYS A CG  1 
ATOM   350  C  CD  . LYS A 1 43  ? -12.944 -2.617  -11.637 1.00 21.47 ? 42  LYS A CD  1 
ATOM   351  C  CE  . LYS A 1 43  ? -14.266 -2.608  -10.923 1.00 25.45 ? 42  LYS A CE  1 
ATOM   352  N  NZ  . LYS A 1 43  ? -15.395 -2.469  -11.866 1.00 44.83 ? 42  LYS A NZ  1 
ATOM   353  N  N   . GLY A 1 44  ? -11.370 -5.501  -6.894  1.00 11.89 ? 43  GLY A N   1 
ATOM   354  C  CA  . GLY A 1 44  ? -11.931 -6.540  -6.066  1.00 10.82 ? 43  GLY A CA  1 
ATOM   355  C  C   . GLY A 1 44  ? -10.965 -7.075  -5.026  1.00 10.25 ? 43  GLY A C   1 
ATOM   356  O  O   . GLY A 1 44  ? -9.729  -7.245  -5.289  1.00 9.60  ? 43  GLY A O   1 
ATOM   357  N  N   . ARG A 1 45  ? -11.496 -7.409  -3.855  1.00 10.43 ? 44  ARG A N   1 
ATOM   358  C  CA  . ARG A 1 45  ? -10.668 -7.872  -2.742  1.00 10.49 ? 44  ARG A CA  1 
ATOM   359  C  C   . ARG A 1 45  ? -10.040 -9.271  -2.986  1.00 11.11 ? 44  ARG A C   1 
ATOM   360  O  O   . ARG A 1 45  ? -8.928  -9.544  -2.600  1.00 12.53 ? 44  ARG A O   1 
ATOM   361  C  CB  . ARG A 1 45  ? -11.498 -7.883  -1.468  1.00 12.22 ? 44  ARG A CB  1 
ATOM   362  C  CG  . ARG A 1 45  ? -10.729 -8.161  -0.245  1.00 10.80 ? 44  ARG A CG  1 
ATOM   363  C  CD  . ARG A 1 45  ? -11.612 -7.973  1.001   1.00 14.90 ? 44  ARG A CD  1 
ATOM   364  N  NE  . ARG A 1 45  ? -12.718 -8.934  1.019   1.00 18.91 ? 44  ARG A NE  1 
ATOM   365  C  CZ  . ARG A 1 45  ? -13.867 -8.766  1.664   1.00 27.45 ? 44  ARG A CZ  1 
ATOM   366  N  NH1 . ARG A 1 45  ? -14.107 -7.677  2.374   1.00 21.78 ? 44  ARG A NH1 1 
ATOM   367  N  NH2 . ARG A 1 45  ? -14.799 -9.711  1.600   1.00 29.37 ? 44  ARG A NH2 1 
ATOM   368  N  N   . GLN A 1 46  ? -10.759 -10.177 -3.622  1.00 11.44 ? 45  GLN A N   1 
ATOM   369  C  CA  . GLN A 1 46  ? -10.186 -11.478 -3.994  1.00 10.06 ? 45  GLN A CA  1 
ATOM   370  C  C   . GLN A 1 46  ? -9.023  -11.336 -4.958  1.00 9.82  ? 45  GLN A C   1 
ATOM   371  O  O   . GLN A 1 46  ? -7.981  -11.979 -4.781  1.00 10.13 ? 45  GLN A O   1 
ATOM   372  C  CB  . GLN A 1 46  ? -11.273 -12.406 -4.526  1.00 13.69 ? 45  GLN A CB  1 
ATOM   373  C  CG  . GLN A 1 46  ? -10.967 -13.818 -4.520  1.00 21.29 ? 45  GLN A CG  1 
ATOM   374  C  CD  . GLN A 1 46  ? -12.229 -14.646 -4.720  1.00 20.77 ? 45  GLN A CD  1 
ATOM   375  O  OE1 . GLN A 1 46  ? -13.275 -14.160 -5.178  1.00 21.01 ? 45  GLN A OE1 1 
ATOM   376  N  NE2 . GLN A 1 46  ? -12.141 -15.879 -4.337  1.00 17.45 ? 45  GLN A NE2 1 
ATOM   377  N  N   . ALA A 1 47  ? -9.139  -10.440 -5.939  1.00 10.52 ? 46  ALA A N   1 
ATOM   378  C  CA  . ALA A 1 47  ? -8.055  -10.196 -6.885  1.00 10.60 ? 46  ALA A CA  1 
ATOM   379  C  C   . ALA A 1 47  ? -6.837  -9.565  -6.200  1.00 9.75  ? 46  ALA A C   1 
ATOM   380  O  O   . ALA A 1 47  ? -5.682  -9.870  -6.526  1.00 9.76  ? 46  ALA A O   1 
ATOM   381  C  CB  . ALA A 1 47  ? -8.558  -9.298  -8.063  1.00 10.62 ? 46  ALA A CB  1 
ATOM   382  N  N   . PHE A 1 48  ? -7.086  -8.674  -5.249  1.00 10.19 ? 47  PHE A N   1 
ATOM   383  C  CA  . PHE A 1 48  ? -6.047  -8.086  -4.425  1.00 9.87  ? 47  PHE A CA  1 
ATOM   384  C  C   . PHE A 1 48  ? -5.353  -9.148  -3.579  1.00 10.40 ? 47  PHE A C   1 
ATOM   385  O  O   . PHE A 1 48  ? -4.100  -9.260  -3.602  1.00 12.66 ? 47  PHE A O   1 
ATOM   386  C  CB  . PHE A 1 48  ? -6.681  -7.005  -3.519  1.00 9.32  ? 47  PHE A CB  1 
ATOM   387  C  CG  . PHE A 1 48  ? -5.742  -6.355  -2.590  1.00 9.19  ? 47  PHE A CG  1 
ATOM   388  C  CD1 . PHE A 1 48  ? -4.654  -5.638  -3.078  1.00 11.65 ? 47  PHE A CD1 1 
ATOM   389  C  CD2 . PHE A 1 48  ? -5.945  -6.390  -1.234  1.00 13.19 ? 47  PHE A CD2 1 
ATOM   390  C  CE1 . PHE A 1 48  ? -3.801  -4.976  -2.229  1.00 16.67 ? 47  PHE A CE1 1 
ATOM   391  C  CE2 . PHE A 1 48  ? -5.077  -5.699  -0.366  1.00 14.45 ? 47  PHE A CE2 1 
ATOM   392  C  CZ  . PHE A 1 48  ? -4.014  -5.038  -0.860  1.00 14.82 ? 47  PHE A CZ  1 
ATOM   393  N  N   . ARG A 1 49  ? -6.134  -9.978  -2.889  1.00 11.69 ? 48  ARG A N   1 
ATOM   394  C  CA  . ARG A 1 49  ? -5.568  -11.035 -2.070  1.00 8.43  ? 48  ARG A CA  1 
ATOM   395  C  C   . ARG A 1 49  ? -4.713  -12.002 -2.883  1.00 10.70 ? 48  ARG A C   1 
ATOM   396  O  O   . ARG A 1 49  ? -3.688  -12.495 -2.425  1.00 10.84 ? 48  ARG A O   1 
ATOM   397  C  CB  . ARG A 1 49  ? -6.686  -11.771 -1.316  1.00 9.36  ? 48  ARG A CB  1 
ATOM   398  C  CG  . ARG A 1 49  ? -6.200  -12.911 -0.410  1.00 13.01 ? 48  ARG A CG  1 
ATOM   399  C  CD  . ARG A 1 49  ? -5.322  -12.397 0.750   1.00 14.62 ? 48  ARG A CD  1 
ATOM   400  N  NE  . ARG A 1 49  ? -4.733  -13.515 1.487   1.00 12.61 ? 48  ARG A NE  1 
ATOM   401  C  CZ  . ARG A 1 49  ? -3.667  -14.232 1.107   1.00 11.64 ? 48  ARG A CZ  1 
ATOM   402  N  NH1 . ARG A 1 49  ? -3.015  -14.008 -0.022  1.00 14.60 ? 48  ARG A NH1 1 
ATOM   403  N  NH2 . ARG A 1 49  ? -3.247  -15.237 1.887   1.00 13.19 ? 48  ARG A NH2 1 
ATOM   404  N  N   . SER A 1 50  ? -5.164  -12.264 -4.104  1.00 9.75  ? 49  SER A N   1 
ATOM   405  C  CA  . SER A 1 50  ? -4.438  -13.124 -5.051  1.00 10.93 ? 49  SER A CA  1 
ATOM   406  C  C   . SER A 1 50  ? -3.092  -12.500 -5.423  1.00 9.46  ? 49  SER A C   1 
ATOM   407  O  O   . SER A 1 50  ? -2.047  -13.156 -5.355  1.00 12.18 ? 49  SER A O   1 
ATOM   408  C  CB  . SER A 1 50  ? -5.300  -13.335 -6.319  1.00 10.30 ? 49  SER A CB  1 
ATOM   409  O  OG  . SER A 1 50  ? -4.587  -14.050 -7.345  1.00 10.28 ? 49  SER A OG  1 
ATOM   410  N  N   . ALA A 1 51  ? -3.104  -11.217 -5.761  1.00 8.49  ? 50  ALA A N   1 
ATOM   411  C  CA  . ALA A 1 51  ? -1.882  -10.523 -6.121  1.00 10.89 ? 50  ALA A CA  1 
ATOM   412  C  C   . ALA A 1 51  ? -0.867  -10.514 -4.982  1.00 12.72 ? 50  ALA A C   1 
ATOM   413  O  O   . ALA A 1 51  ? 0.342   -10.693 -5.216  1.00 12.98 ? 50  ALA A O   1 
ATOM   414  C  CB  . ALA A 1 51  ? -2.164  -9.070  -6.619  1.00 11.19 ? 50  ALA A CB  1 
ATOM   415  N  N   . LEU A 1 52  ? -1.358  -10.452 -3.747  1.00 11.41 ? 51  LEU A N   1 
ATOM   416  C  CA  . LEU A 1 52  ? -0.468  -10.495 -2.589  1.00 11.82 ? 51  LEU A CA  1 
ATOM   417  C  C   . LEU A 1 52  ? 0.372   -11.773 -2.488  1.00 12.74 ? 51  LEU A C   1 
ATOM   418  O  O   . LEU A 1 52  ? 1.479   -11.753 -1.941  1.00 13.11 ? 51  LEU A O   1 
ATOM   419  C  CB  . LEU A 1 52  ? -1.264  -10.237 -1.300  1.00 11.51 ? 51  LEU A CB  1 
ATOM   420  C  CG  . LEU A 1 52  ? -1.884  -8.836  -1.095  1.00 14.92 ? 51  LEU A CG  1 
ATOM   421  C  CD1 . LEU A 1 52  ? -2.657  -8.797  0.198   1.00 15.25 ? 51  LEU A CD1 1 
ATOM   422  C  CD2 . LEU A 1 52  ? -0.749  -7.755  -1.087  1.00 16.70 ? 51  LEU A CD2 1 
ATOM   423  N  N   . ASP A 1 53  ? -0.131  -12.899 -3.019  1.00 12.25 ? 52  ASP A N   1 
ATOM   424  C  CA  . ASP A 1 53  ? 0.634   -14.118 -3.046  1.00 12.92 ? 52  ASP A CA  1 
ATOM   425  C  C   . ASP A 1 53  ? 1.855   -14.022 -3.954  1.00 11.37 ? 52  ASP A C   1 
ATOM   426  O  O   . ASP A 1 53  ? 2.665   -14.937 -3.973  1.00 15.16 ? 52  ASP A O   1 
ATOM   427  C  CB  . ASP A 1 53  ? -0.264  -15.274 -3.520  1.00 15.00 ? 52  ASP A CB  1 
ATOM   428  C  CG  . ASP A 1 53  ? -1.309  -15.692 -2.472  1.00 19.76 ? 52  ASP A CG  1 
ATOM   429  O  OD1 . ASP A 1 53  ? -1.005  -15.591 -1.263  1.00 16.96 ? 52  ASP A OD1 1 
ATOM   430  O  OD2 . ASP A 1 53  ? -2.430  -16.124 -2.892  1.00 22.81 ? 52  ASP A OD2 1 
ATOM   431  N  N   . ASN A 1 54  ? 1.988   -12.935 -4.731  1.00 11.90 ? 53  ASN A N   1 
ATOM   432  C  CA  . ASN A 1 54  ? 3.186   -12.698 -5.527  1.00 13.09 ? 53  ASN A CA  1 
ATOM   433  C  C   . ASN A 1 54  ? 3.883   -11.380 -5.128  1.00 12.33 ? 53  ASN A C   1 
ATOM   434  O  O   . ASN A 1 54  ? 4.585   -10.778 -5.911  1.00 16.32 ? 53  ASN A O   1 
ATOM   435  C  CB  . ASN A 1 54  ? 2.834   -12.715 -7.020  1.00 15.33 ? 53  ASN A CB  1 
ATOM   436  C  CG  . ASN A 1 54  ? 4.061   -12.822 -7.909  1.00 20.56 ? 53  ASN A CG  1 
ATOM   437  O  OD1 . ASN A 1 54  ? 4.951   -13.634 -7.636  1.00 19.37 ? 53  ASN A OD1 1 
ATOM   438  N  ND2 . ASN A 1 54  ? 4.147   -11.967 -8.948  1.00 20.81 ? 53  ASN A ND2 1 
ATOM   439  N  N   . LEU A 1 55  ? 3.716   -10.962 -3.873  1.00 14.27 ? 54  LEU A N   1 
ATOM   440  C  CA  . LEU A 1 55  ? 4.263   -9.697  -3.368  1.00 16.49 ? 54  LEU A CA  1 
ATOM   441  C  C   . LEU A 1 55  ? 5.757   -9.607  -3.493  1.00 19.44 ? 54  LEU A C   1 
ATOM   442  O  O   . LEU A 1 55  ? 6.312   -8.527  -3.797  1.00 16.32 ? 54  LEU A O   1 
ATOM   443  C  CB  . LEU A 1 55  ? 3.911   -9.482  -1.889  1.00 17.83 ? 54  LEU A CB  1 
ATOM   444  C  CG  . LEU A 1 55  ? 4.174   -8.069  -1.333  1.00 16.78 ? 54  LEU A CG  1 
ATOM   445  C  CD1 . LEU A 1 55  ? 3.273   -7.072  -1.927  1.00 17.60 ? 54  LEU A CD1 1 
ATOM   446  C  CD2 . LEU A 1 55  ? 4.055   -8.064  0.236   1.00 20.42 ? 54  LEU A CD2 1 
ATOM   447  N  N   . GLY A 1 56  ? 6.411   -10.735 -3.244  1.00 19.96 ? 55  GLY A N   1 
ATOM   448  C  CA  . GLY A 1 56  ? 7.868   -10.834 -3.385  1.00 19.19 ? 55  GLY A CA  1 
ATOM   449  C  C   . GLY A 1 56  ? 8.358   -10.330 -4.725  1.00 20.69 ? 55  GLY A C   1 
ATOM   450  O  O   . GLY A 1 56  ? 9.482   -9.814  -4.788  1.00 22.05 ? 55  GLY A O   1 
ATOM   451  N  N   . GLU A 1 57  ? 7.531   -10.459 -5.765  1.00 18.55 ? 56  GLU A N   1 
ATOM   452  C  CA  . GLU A 1 57  ? 7.806   -9.877  -7.095  1.00 21.22 ? 56  GLU A CA  1 
ATOM   453  C  C   . GLU A 1 57  ? 7.133   -8.562  -7.452  1.00 22.78 ? 56  GLU A C   1 
ATOM   454  O  O   . GLU A 1 57  ? 7.440   -7.987  -8.499  1.00 24.18 ? 56  GLU A O   1 
ATOM   455  C  CB  . GLU A 1 57  ? 7.453   -10.873 -8.230  1.00 25.01 ? 56  GLU A CB  1 
ATOM   456  C  CG  . GLU A 1 57  ? 7.926   -12.324 -8.013  1.00 35.08 ? 56  GLU A CG  1 
ATOM   457  C  CD  . GLU A 1 57  ? 9.434   -12.498 -8.011  1.00 43.91 ? 56  GLU A CD  1 
ATOM   458  O  OE1 . GLU A 1 57  ? 10.096  -12.063 -8.978  1.00 54.38 ? 56  GLU A OE1 1 
ATOM   459  O  OE2 . GLU A 1 57  ? 9.951   -13.088 -7.034  1.00 60.62 ? 56  GLU A OE2 1 
ATOM   460  N  N   . ILE A 1 58  ? 6.211   -8.087  -6.624  1.00 15.62 ? 57  ILE A N   1 
ATOM   461  C  CA  . ILE A 1 58  ? 5.576   -6.794  -6.770  1.00 11.54 ? 57  ILE A CA  1 
ATOM   462  C  C   . ILE A 1 58  ? 6.370   -5.627  -6.142  1.00 16.20 ? 57  ILE A C   1 
ATOM   463  O  O   . ILE A 1 58  ? 6.278   -4.447  -6.569  1.00 19.16 ? 57  ILE A O   1 
ATOM   464  C  CB  . ILE A 1 58  ? 4.220   -6.821  -6.083  1.00 13.17 ? 57  ILE A CB  1 
ATOM   465  C  CG1 . ILE A 1 58  ? 3.250   -7.728  -6.883  1.00 15.69 ? 57  ILE A CG1 1 
ATOM   466  C  CG2 . ILE A 1 58  ? 3.641   -5.406  -5.940  1.00 16.08 ? 57  ILE A CG2 1 
ATOM   467  C  CD1 . ILE A 1 58  ? 1.899   -7.951  -6.198  1.00 17.95 ? 57  ILE A CD1 1 
ATOM   468  N  N   . LEU A 1 59  ? 7.026   -5.936  -5.033  1.00 12.35 ? 58  LEU A N   1 
ATOM   469  C  CA  . LEU A 1 59  ? 7.943   -5.011  -4.387  1.00 12.99 ? 58  LEU A CA  1 
ATOM   470  C  C   . LEU A 1 59  ? 9.339   -5.441  -4.806  1.00 13.06 ? 58  LEU A C   1 
ATOM   471  O  O   . LEU A 1 59  ? 9.620   -6.637  -4.962  1.00 14.94 ? 58  LEU A O   1 
ATOM   472  C  CB  . LEU A 1 59  ? 7.826   -5.074  -2.861  1.00 14.49 ? 58  LEU A CB  1 
ATOM   473  C  CG  . LEU A 1 59  ? 6.441   -4.722  -2.304  1.00 13.51 ? 58  LEU A CG  1 
ATOM   474  C  CD1 . LEU A 1 59  ? 6.334   -4.950  -0.733  1.00 14.55 ? 58  LEU A CD1 1 
ATOM   475  C  CD2 . LEU A 1 59  ? 6.056   -3.271  -2.664  1.00 16.35 ? 58  LEU A CD2 1 
ATOM   476  N  N   . PRO A 1 60  ? 10.236  -4.461  -4.982  1.00 11.97 ? 59  PRO A N   1 
ATOM   477  C  CA  . PRO A 1 60  ? 11.570  -4.796  -5.478  1.00 13.43 ? 59  PRO A CA  1 
ATOM   478  C  C   . PRO A 1 60  ? 12.416  -5.598  -4.484  1.00 13.14 ? 59  PRO A C   1 
ATOM   479  O  O   . PRO A 1 60  ? 12.136  -5.600  -3.287  1.00 13.42 ? 59  PRO A O   1 
ATOM   480  C  CB  . PRO A 1 60  ? 12.181  -3.420  -5.821  1.00 15.26 ? 59  PRO A CB  1 
ATOM   481  C  CG  . PRO A 1 60  ? 11.405  -2.443  -5.107  1.00 13.79 ? 59  PRO A CG  1 
ATOM   482  C  CD  . PRO A 1 60  ? 10.045  -3.016  -4.808  1.00 13.23 ? 59  PRO A CD  1 
ATOM   483  N  N   . PRO A 1 61  ? 13.457  -6.283  -4.993  1.00 11.98 ? 60  PRO A N   1 
ATOM   484  C  CA  . PRO A 1 61  ? 14.314  -7.110  -4.164  1.00 14.35 ? 60  PRO A CA  1 
ATOM   485  C  C   . PRO A 1 61  ? 14.940  -6.262  -3.054  1.00 12.44 ? 60  PRO A C   1 
ATOM   486  O  O   . PRO A 1 61  ? 15.561  -5.221  -3.341  1.00 13.90 ? 60  PRO A O   1 
ATOM   487  C  CB  . PRO A 1 61  ? 15.390  -7.600  -5.142  1.00 14.22 ? 60  PRO A CB  1 
ATOM   488  C  CG  . PRO A 1 61  ? 14.807  -7.455  -6.471  1.00 18.05 ? 60  PRO A CG  1 
ATOM   489  C  CD  . PRO A 1 61  ? 13.803  -6.358  -6.434  1.00 13.84 ? 60  PRO A CD  1 
ATOM   490  N  N   . GLY A 1 62  ? 14.770  -6.712  -1.816  1.00 12.48 ? 61  GLY A N   1 
ATOM   491  C  CA  . GLY A 1 62  ? 15.309  -6.012  -0.651  1.00 14.00 ? 61  GLY A CA  1 
ATOM   492  C  C   . GLY A 1 62  ? 14.488  -4.810  -0.201  1.00 12.33 ? 61  GLY A C   1 
ATOM   493  O  O   . GLY A 1 62  ? 14.916  -4.050  0.673   1.00 12.95 ? 61  GLY A O   1 
ATOM   494  N  N   . PHE A 1 63  ? 13.288  -4.608  -0.757  1.00 11.85 ? 62  PHE A N   1 
ATOM   495  C  CA  . PHE A 1 63  ? 12.441  -3.488  -0.354  1.00 12.15 ? 62  PHE A CA  1 
ATOM   496  C  C   . PHE A 1 63  ? 12.259  -3.411  1.149   1.00 12.37 ? 62  PHE A C   1 
ATOM   497  O  O   . PHE A 1 63  ? 11.946  -4.410  1.777   1.00 11.75 ? 62  PHE A O   1 
ATOM   498  C  CB  . PHE A 1 63  ? 11.085  -3.583  -1.013  1.00 13.97 ? 62  PHE A CB  1 
ATOM   499  C  CG  . PHE A 1 63  ? 10.157  -2.472  -0.621  1.00 10.68 ? 62  PHE A CG  1 
ATOM   500  C  CD1 . PHE A 1 63  ? 10.167  -1.265  -1.308  1.00 10.91 ? 62  PHE A CD1 1 
ATOM   501  C  CD2 . PHE A 1 63  ? 9.256   -2.640  0.409   1.00 12.25 ? 62  PHE A CD2 1 
ATOM   502  C  CE1 . PHE A 1 63  ? 9.324   -0.225  -0.941  1.00 12.46 ? 62  PHE A CE1 1 
ATOM   503  C  CE2 . PHE A 1 63  ? 8.380   -1.659  0.750   1.00 10.34 ? 62  PHE A CE2 1 
ATOM   504  C  CZ  . PHE A 1 63  ? 8.396   -0.450  0.102   1.00 10.62 ? 62  PHE A CZ  1 
ATOM   505  N  N   . GLU A 1 64  ? 12.531  -2.247  1.724   1.00 11.64 ? 63  GLU A N   1 
ATOM   506  C  CA  . GLU A 1 64  ? 12.464  -2.069  3.174   1.00 11.72 ? 63  GLU A CA  1 
ATOM   507  C  C   . GLU A 1 64  ? 11.998  -0.647  3.440   1.00 11.74 ? 63  GLU A C   1 
ATOM   508  O  O   . GLU A 1 64  ? 12.487  0.296   2.820   1.00 13.06 ? 63  GLU A O   1 
ATOM   509  C  CB  . GLU A 1 64  ? 13.839  -2.327  3.733   1.00 14.40 ? 63  GLU A CB  1 
ATOM   510  C  CG  . GLU A 1 64  ? 14.019  -2.083  5.179   1.00 20.22 ? 63  GLU A CG  1 
ATOM   511  C  CD  . GLU A 1 64  ? 15.443  -2.394  5.646   1.00 25.76 ? 63  GLU A CD  1 
ATOM   512  O  OE1 . GLU A 1 64  ? 16.200  -3.133  4.946   1.00 25.15 ? 63  GLU A OE1 1 
ATOM   513  O  OE2 . GLU A 1 64  ? 15.785  -1.871  6.719   1.00 37.12 ? 63  GLU A OE2 1 
ATOM   514  N  N   . ILE A 1 65  ? 11.036  -0.488  4.337   1.00 11.66 ? 64  ILE A N   1 
ATOM   515  C  CA  . ILE A 1 65  ? 10.587  0.831   4.745   1.00 9.35  ? 64  ILE A CA  1 
ATOM   516  C  C   . ILE A 1 65  ? 11.500  1.374   5.852   1.00 11.39 ? 64  ILE A C   1 
ATOM   517  O  O   . ILE A 1 65  ? 11.763  0.709   6.884   1.00 13.82 ? 64  ILE A O   1 
ATOM   518  C  CB  . ILE A 1 65  ? 9.099   0.847   5.219   1.00 10.89 ? 64  ILE A CB  1 
ATOM   519  C  CG1 . ILE A 1 65  ? 8.186   0.402   4.057   1.00 11.65 ? 64  ILE A CG1 1 
ATOM   520  C  CG2 . ILE A 1 65  ? 8.728   2.237   5.810   1.00 13.27 ? 64  ILE A CG2 1 
ATOM   521  C  CD1 . ILE A 1 65  ? 6.724   0.278   4.437   1.00 14.26 ? 64  ILE A CD1 1 
ATOM   522  N  N   . THR A 1 66  ? 12.011  2.576   5.632   1.00 11.21 ? 65  THR A N   1 
ATOM   523  C  CA  . THR A 1 66  ? 12.913  3.217   6.577   1.00 12.06 ? 65  THR A CA  1 
ATOM   524  C  C   . THR A 1 66  ? 12.320  4.423   7.292   1.00 11.92 ? 65  THR A C   1 
ATOM   525  O  O   . THR A 1 66  ? 12.879  4.892   8.260   1.00 11.47 ? 65  THR A O   1 
ATOM   526  C  CB  . THR A 1 66  ? 14.188  3.695   5.849   1.00 13.96 ? 65  THR A CB  1 
ATOM   527  O  OG1 . THR A 1 66  ? 13.817  4.680   4.877   1.00 13.80 ? 65  THR A OG1 1 
ATOM   528  C  CG2 . THR A 1 66  ? 14.911  2.495   5.196   1.00 15.65 ? 65  THR A CG2 1 
ATOM   529  N  N   . GLY A 1 67  ? 11.202  4.937   6.797   1.00 10.79 ? 66  GLY A N   1 
ATOM   530  C  CA  . GLY A 1 67  ? 10.516  6.049   7.397   1.00 10.90 ? 66  GLY A CA  1 
ATOM   531  C  C   . GLY A 1 67  ? 9.044   5.888   7.047   1.00 12.33 ? 66  GLY A C   1 
ATOM   532  O  O   . GLY A 1 67  ? 8.703   5.421   5.941   1.00 10.87 ? 66  GLY A O   1 
ATOM   533  N  N   . LEU A 1 68  ? 8.171   6.299   7.951   1.00 10.10 ? 67  LEU A N   1 
ATOM   534  C  CA  . LEU A 1 68  ? 6.745   6.199   7.741   1.00 11.52 ? 67  LEU A CA  1 
ATOM   535  C  C   . LEU A 1 68  ? 6.013   7.217   8.581   1.00 11.69 ? 67  LEU A C   1 
ATOM   536  O  O   . LEU A 1 68  ? 6.321   7.396   9.771   1.00 9.06  ? 67  LEU A O   1 
ATOM   537  C  CB  . LEU A 1 68  ? 6.250   4.802   8.089   1.00 10.28 ? 67  LEU A CB  1 
ATOM   538  C  CG  . LEU A 1 68  ? 4.797   4.440   7.797   1.00 9.83  ? 67  LEU A CG  1 
ATOM   539  C  CD1 . LEU A 1 68  ? 4.488   4.446   6.244   1.00 8.34  ? 67  LEU A CD1 1 
ATOM   540  C  CD2 . LEU A 1 68  ? 4.403   3.070   8.439   1.00 11.41 ? 67  LEU A CD2 1 
ATOM   541  N  N   . ARG A 1 69  ? 5.055   7.876   7.979   1.00 9.10  ? 68  ARG A N   1 
ATOM   542  C  CA  . ARG A 1 69  ? 4.150   8.757   8.713   1.00 11.03 ? 68  ARG A CA  1 
ATOM   543  C  C   . ARG A 1 69  ? 2.837   8.908   7.946   1.00 10.53 ? 68  ARG A C   1 
ATOM   544  O  O   . ARG A 1 69  ? 2.775   8.641   6.728   1.00 11.61 ? 68  ARG A O   1 
ATOM   545  C  CB  . ARG A 1 69  ? 4.798   10.084  9.006   1.00 12.49 ? 68  ARG A CB  1 
ATOM   546  C  CG  . ARG A 1 69  ? 5.026   10.960  7.796   1.00 11.10 ? 68  ARG A CG  1 
ATOM   547  C  CD  . ARG A 1 69  ? 5.942   12.109  8.165   1.00 13.63 ? 68  ARG A CD  1 
ATOM   548  N  NE  . ARG A 1 69  ? 6.099   12.994  7.010   1.00 10.95 ? 68  ARG A NE  1 
ATOM   549  C  CZ  . ARG A 1 69  ? 6.975   12.804  6.028   1.00 14.29 ? 68  ARG A CZ  1 
ATOM   550  N  NH1 . ARG A 1 69  ? 7.828   11.793  6.061   1.00 17.06 ? 68  ARG A NH1 1 
ATOM   551  N  NH2 . ARG A 1 69  ? 6.986   13.633  4.975   1.00 10.96 ? 68  ARG A NH2 1 
ATOM   552  N  N   . GLN A 1 70  ? 1.791   9.254   8.688   1.00 10.25 ? 69  GLN A N   1 
ATOM   553  C  CA  . GLN A 1 70  ? 0.442   9.326   8.172   1.00 12.10 ? 69  GLN A CA  1 
ATOM   554  C  C   . GLN A 1 70  ? -0.075  10.767  8.229   1.00 13.47 ? 69  GLN A C   1 
ATOM   555  O  O   . GLN A 1 70  ? 0.149   11.479  9.224   1.00 14.02 ? 69  GLN A O   1 
ATOM   556  C  CB  . GLN A 1 70  ? -0.450  8.445   9.030   1.00 11.69 ? 69  GLN A CB  1 
ATOM   557  C  CG  . GLN A 1 70  ? 0.198   7.006   9.349   1.00 21.79 ? 69  GLN A CG  1 
ATOM   558  C  CD  . GLN A 1 70  ? 0.494   6.286   8.103   1.00 19.88 ? 69  GLN A CD  1 
ATOM   559  O  OE1 . GLN A 1 70  ? -0.212  6.459   7.123   1.00 25.68 ? 69  GLN A OE1 1 
ATOM   560  N  NE2 . GLN A 1 70  ? 1.540   5.531   8.083   1.00 18.13 ? 69  GLN A NE2 1 
ATOM   561  N  N   . LEU A 1 71  ? -0.734  11.196  7.162   1.00 10.70 ? 70  LEU A N   1 
ATOM   562  C  CA  . LEU A 1 71  ? -1.440  12.482  7.126   1.00 12.20 ? 70  LEU A CA  1 
ATOM   563  C  C   . LEU A 1 71  ? -2.941  12.200  6.990   1.00 13.88 ? 70  LEU A C   1 
ATOM   564  O  O   . LEU A 1 71  ? -3.369  11.203  6.367   1.00 11.77 ? 70  LEU A O   1 
ATOM   565  C  CB  . LEU A 1 71  ? -0.954  13.347  5.973   1.00 13.09 ? 70  LEU A CB  1 
ATOM   566  C  CG  . LEU A 1 71  ? 0.473   13.908  6.052   1.00 12.91 ? 70  LEU A CG  1 
ATOM   567  C  CD1 . LEU A 1 71  ? 1.511   12.854  5.655   1.00 15.31 ? 70  LEU A CD1 1 
ATOM   568  C  CD2 . LEU A 1 71  ? 0.638   15.210  5.234   1.00 18.25 ? 70  LEU A CD2 1 
ATOM   569  N  N   . GLU A 1 72  ? -3.736  13.093  7.542   1.00 16.31 ? 71  GLU A N   1 
ATOM   570  C  CA  . GLU A 1 72  ? -5.173  12.851  7.697   1.00 16.30 ? 71  GLU A CA  1 
ATOM   571  C  C   . GLU A 1 72  ? -6.033  13.754  6.855   1.00 14.99 ? 71  GLU A C   1 
ATOM   572  O  O   . GLU A 1 72  ? -5.769  14.963  6.743   1.00 13.82 ? 71  GLU A O   1 
ATOM   573  C  CB  . GLU A 1 72  ? -5.532  12.988  9.164   1.00 21.00 ? 71  GLU A CB  1 
ATOM   574  C  CG  . GLU A 1 72  ? -4.818  11.975  10.007  1.00 26.26 ? 71  GLU A CG  1 
ATOM   575  C  CD  . GLU A 1 72  ? -5.343  11.866  11.422  1.00 41.85 ? 71  GLU A CD  1 
ATOM   576  O  OE1 . GLU A 1 72  ? -5.946  12.833  11.916  1.00 42.35 ? 71  GLU A OE1 1 
ATOM   577  O  OE2 . GLU A 1 72  ? -5.121  10.814  12.051  1.00 46.90 ? 71  GLU A OE2 1 
ATOM   578  N  N   . GLY A 1 73  ? -7.032  13.151  6.211   1.00 12.82 ? 72  GLY A N   1 
ATOM   579  C  CA  . GLY A 1 73  ? -8.075  13.874  5.501   1.00 10.13 ? 72  GLY A CA  1 
ATOM   580  C  C   . GLY A 1 73  ? -9.450  13.451  6.033   1.00 12.48 ? 72  GLY A C   1 
ATOM   581  O  O   . GLY A 1 73  ? -9.562  12.914  7.127   1.00 13.41 ? 72  GLY A O   1 
ATOM   582  N  N   . GLU A 1 74  ? -10.485 13.717  5.243   1.00 12.32 ? 73  GLU A N   1 
ATOM   583  C  CA  A GLU A 1 74  ? -11.874 13.386  5.622   0.70 11.47 ? 73  GLU A CA  1 
ATOM   584  C  CA  B GLU A 1 74  ? -11.872 13.387  5.607   0.30 11.41 ? 73  GLU A CA  1 
ATOM   585  C  C   . GLU A 1 74  ? -12.165 11.911  5.275   1.00 10.84 ? 73  GLU A C   1 
ATOM   586  O  O   . GLU A 1 74  ? -12.442 11.551  4.113   1.00 12.73 ? 73  GLU A O   1 
ATOM   587  C  CB  A GLU A 1 74  ? -12.899 14.292  4.921   0.70 13.30 ? 73  GLU A CB  1 
ATOM   588  C  CB  B GLU A 1 74  ? -12.855 14.319  4.880   0.30 12.23 ? 73  GLU A CB  1 
ATOM   589  C  CG  A GLU A 1 74  ? -12.572 15.784  4.830   0.70 14.94 ? 73  GLU A CG  1 
ATOM   590  C  CG  B GLU A 1 74  ? -12.810 15.778  5.355   0.30 10.51 ? 73  GLU A CG  1 
ATOM   591  C  CD  A GLU A 1 74  ? -12.467 16.471  6.167   0.70 17.95 ? 73  GLU A CD  1 
ATOM   592  C  CD  B GLU A 1 74  ? -13.417 16.772  4.360   0.30 13.16 ? 73  GLU A CD  1 
ATOM   593  O  OE1 A GLU A 1 74  ? -12.617 15.790  7.213   0.70 13.00 ? 73  GLU A OE1 1 
ATOM   594  O  OE1 B GLU A 1 74  ? -14.144 16.362  3.432   0.30 20.59 ? 73  GLU A OE1 1 
ATOM   595  O  OE2 A GLU A 1 74  ? -12.269 17.715  6.175   0.70 20.91 ? 73  GLU A OE2 1 
ATOM   596  O  OE2 B GLU A 1 74  ? -13.144 17.981  4.492   0.30 23.68 ? 73  GLU A OE2 1 
ATOM   597  N  N   . ASN A 1 75  ? -12.076 11.056  6.289   1.00 10.61 ? 74  ASN A N   1 
ATOM   598  C  CA  . ASN A 1 75  ? -12.205 9.605   6.112   1.00 8.09  ? 74  ASN A CA  1 
ATOM   599  C  C   . ASN A 1 75  ? -11.210 9.007   5.138   1.00 8.68  ? 74  ASN A C   1 
ATOM   600  O  O   . ASN A 1 75  ? -11.509 8.049   4.426   1.00 9.89  ? 74  ASN A O   1 
ATOM   601  C  CB  . ASN A 1 75  ? -13.643 9.207   5.767   1.00 12.30 ? 74  ASN A CB  1 
ATOM   602  C  CG  . ASN A 1 75  ? -14.129 8.061   6.615   1.00 11.88 ? 74  ASN A CG  1 
ATOM   603  O  OD1 . ASN A 1 75  ? -14.091 8.135   7.847   1.00 14.82 ? 74  ASN A OD1 1 
ATOM   604  N  ND2 . ASN A 1 75  ? -14.571 6.987   5.978   1.00 7.65  ? 74  ASN A ND2 1 
ATOM   605  N  N   . GLU A 1 76  ? -10.025 9.604   5.100   1.00 9.50  ? 75  GLU A N   1 
ATOM   606  C  CA  . GLU A 1 76  ? -8.941  9.101   4.286   1.00 10.39 ? 75  GLU A CA  1 
ATOM   607  C  C   . GLU A 1 76  ? -7.615  9.425   4.947   1.00 12.05 ? 75  GLU A C   1 
ATOM   608  O  O   . GLU A 1 76  ? -7.513  10.325  5.801   1.00 10.38 ? 75  GLU A O   1 
ATOM   609  C  CB  . GLU A 1 76  ? -9.029  9.663   2.869   1.00 11.28 ? 75  GLU A CB  1 
ATOM   610  C  CG  . GLU A 1 76  ? -8.785  11.134  2.774   1.00 11.69 ? 75  GLU A CG  1 
ATOM   611  C  CD  . GLU A 1 76  ? -8.850  11.687  1.349   1.00 10.32 ? 75  GLU A CD  1 
ATOM   612  O  OE1 . GLU A 1 76  ? -9.053  10.900  0.384   1.00 11.08 ? 75  GLU A OE1 1 
ATOM   613  O  OE2 . GLU A 1 76  ? -8.614  12.921  1.218   1.00 15.47 ? 75  GLU A OE2 1 
ATOM   614  N  N   . ILE A 1 77  ? -6.602  8.669   4.556   1.00 11.73 ? 76  ILE A N   1 
ATOM   615  C  CA  . ILE A 1 77  ? -5.258  8.771   5.079   1.00 10.79 ? 76  ILE A CA  1 
ATOM   616  C  C   . ILE A 1 77  ? -4.263  8.725   3.915   1.00 10.84 ? 76  ILE A C   1 
ATOM   617  O  O   . ILE A 1 77  ? -4.473  7.975   2.946   1.00 9.88  ? 76  ILE A O   1 
ATOM   618  C  CB  . ILE A 1 77  ? -4.946  7.544   6.003   1.00 10.67 ? 76  ILE A CB  1 
ATOM   619  C  CG1 . ILE A 1 77  ? -5.867  7.540   7.219   1.00 10.18 ? 76  ILE A CG1 1 
ATOM   620  C  CG2 . ILE A 1 77  ? -3.414  7.475   6.382   1.00 9.63  ? 76  ILE A CG2 1 
ATOM   621  C  CD1 . ILE A 1 77  ? -5.569  8.591   8.206   1.00 10.13 ? 76  ILE A CD1 1 
ATOM   622  N  N   . VAL A 1 78  ? -3.184  9.502   4.021   1.00 9.62  ? 77  VAL A N   1 
ATOM   623  C  CA  . VAL A 1 78  ? -2.022  9.376   3.147   1.00 9.80  ? 77  VAL A CA  1 
ATOM   624  C  C   . VAL A 1 78  ? -0.820  8.946   3.975   1.00 12.21 ? 77  VAL A C   1 
ATOM   625  O  O   . VAL A 1 78  ? -0.562  9.522   5.005   1.00 12.71 ? 77  VAL A O   1 
ATOM   626  C  CB  . VAL A 1 78  ? -1.700  10.662  2.371   1.00 10.62 ? 77  VAL A CB  1 
ATOM   627  C  CG1 . VAL A 1 78  ? -0.262  10.629  1.789   1.00 14.96 ? 77  VAL A CG1 1 
ATOM   628  C  CG2 . VAL A 1 78  ? -2.714  10.890  1.285   1.00 13.80 ? 77  VAL A CG2 1 
ATOM   629  N  N   . SER A 1 79  ? -0.148  7.897   3.529   1.00 9.47  ? 78  SER A N   1 
ATOM   630  C  CA  . SER A 1 79  ? 1.168   7.488   4.047   1.00 8.85  ? 78  SER A CA  1 
ATOM   631  C  C   . SER A 1 79  ? 2.254   8.084   3.199   1.00 9.21  ? 78  SER A C   1 
ATOM   632  O  O   . SER A 1 79  ? 2.242   7.968   1.983   1.00 9.21  ? 78  SER A O   1 
ATOM   633  C  CB  . SER A 1 79  ? 1.351   5.959   4.024   1.00 9.13  ? 78  SER A CB  1 
ATOM   634  O  OG  . SER A 1 79  ? 0.452   5.294   4.884   1.00 9.78  ? 78  SER A OG  1 
ATOM   635  N  N   . ILE A 1 80  ? 3.236   8.686   3.844   1.00 8.41  ? 79  ILE A N   1 
ATOM   636  C  CA  . ILE A 1 80  ? 4.491   8.987   3.166   1.00 8.96  ? 79  ILE A CA  1 
ATOM   637  C  C   . ILE A 1 80  ? 5.456   7.893   3.582   1.00 11.77 ? 79  ILE A C   1 
ATOM   638  O  O   . ILE A 1 80  ? 5.730   7.700   4.783   1.00 11.14 ? 79  ILE A O   1 
ATOM   639  C  CB  . ILE A 1 80  ? 5.092   10.368  3.526   1.00 10.64 ? 79  ILE A CB  1 
ATOM   640  C  CG1 . ILE A 1 80  ? 4.088   11.554  3.361   1.00 12.96 ? 79  ILE A CG1 1 
ATOM   641  C  CG2 . ILE A 1 80  ? 6.376   10.593  2.728   1.00 9.06  ? 79  ILE A CG2 1 
ATOM   642  C  CD1 . ILE A 1 80  ? 3.484   11.676  1.936   1.00 10.46 ? 79  ILE A CD1 1 
ATOM   643  N  N   . VAL A 1 81  ? 6.027   7.227   2.586   1.00 9.82  ? 80  VAL A N   1 
ATOM   644  C  CA  . VAL A 1 81  ? 6.830   6.050   2.793   1.00 9.45  ? 80  VAL A CA  1 
ATOM   645  C  C   . VAL A 1 81  ? 8.247   6.317   2.293   1.00 12.73 ? 80  VAL A C   1 
ATOM   646  O  O   . VAL A 1 81  ? 8.473   6.536   1.093   1.00 10.71 ? 80  VAL A O   1 
ATOM   647  C  CB  . VAL A 1 81  ? 6.246   4.837   2.042   1.00 9.74  ? 80  VAL A CB  1 
ATOM   648  C  CG1 . VAL A 1 81  ? 7.127   3.559   2.275   1.00 11.36 ? 80  VAL A CG1 1 
ATOM   649  C  CG2 . VAL A 1 81  ? 4.783   4.556   2.420   1.00 8.78  ? 80  VAL A CG2 1 
ATOM   650  N  N   . GLU A 1 82  ? 9.205   6.315   3.208   1.00 9.48  ? 81  GLU A N   1 
ATOM   651  C  CA  A GLU A 1 82  ? 10.595  6.400   2.845   0.50 9.25  ? 81  GLU A CA  1 
ATOM   652  C  CA  B GLU A 1 82  ? 10.604  6.381   2.835   0.50 10.05 ? 81  GLU A CA  1 
ATOM   653  C  C   . GLU A 1 82  ? 11.124  4.961   2.785   1.00 10.97 ? 81  GLU A C   1 
ATOM   654  O  O   . GLU A 1 82  ? 10.862  4.144   3.691   1.00 11.39 ? 81  GLU A O   1 
ATOM   655  C  CB  A GLU A 1 82  ? 11.339  7.263   3.868   0.50 9.93  ? 81  GLU A CB  1 
ATOM   656  C  CB  B GLU A 1 82  ? 11.412  7.222   3.821   0.50 11.06 ? 81  GLU A CB  1 
ATOM   657  C  CG  A GLU A 1 82  ? 12.704  7.719   3.442   0.50 8.30  ? 81  GLU A CG  1 
ATOM   658  C  CG  B GLU A 1 82  ? 11.145  8.683   3.682   0.50 14.41 ? 81  GLU A CG  1 
ATOM   659  C  CD  A GLU A 1 82  ? 13.162  8.984   4.192   0.50 11.39 ? 81  GLU A CD  1 
ATOM   660  C  CD  B GLU A 1 82  ? 11.444  9.484   4.944   0.50 17.24 ? 81  GLU A CD  1 
ATOM   661  O  OE1 A GLU A 1 82  ? 12.326  9.763   4.715   0.50 17.68 ? 81  GLU A OE1 1 
ATOM   662  O  OE1 B GLU A 1 82  ? 10.876  9.192   6.012   0.50 31.22 ? 81  GLU A OE1 1 
ATOM   663  O  OE2 A GLU A 1 82  ? 14.373  9.190   4.228   0.50 11.41 ? 81  GLU A OE2 1 
ATOM   664  O  OE2 B GLU A 1 82  ? 12.239  10.421  4.838   0.50 11.09 ? 81  GLU A OE2 1 
ATOM   665  N  N   . TRP A 1 83  ? 11.847  4.637   1.710   1.00 9.65  ? 82  TRP A N   1 
ATOM   666  C  CA  . TRP A 1 83  ? 12.198  3.272   1.449   1.00 8.39  ? 82  TRP A CA  1 
ATOM   667  C  C   . TRP A 1 83  ? 13.559  3.151   0.838   1.00 10.68 ? 82  TRP A C   1 
ATOM   668  O  O   . TRP A 1 83  ? 14.135  4.125   0.374   1.00 11.38 ? 82  TRP A O   1 
ATOM   669  C  CB  . TRP A 1 83  ? 11.137  2.558   0.585   1.00 10.56 ? 82  TRP A CB  1 
ATOM   670  C  CG  . TRP A 1 83  ? 10.952  3.116   -0.784  1.00 11.33 ? 82  TRP A CG  1 
ATOM   671  C  CD1 . TRP A 1 83  ? 10.203  4.193   -1.129  1.00 9.98  ? 82  TRP A CD1 1 
ATOM   672  C  CD2 . TRP A 1 83  ? 11.516  2.606   -2.000  1.00 8.58  ? 82  TRP A CD2 1 
ATOM   673  N  NE1 . TRP A 1 83  ? 10.281  4.406   -2.482  1.00 12.00 ? 82  TRP A NE1 1 
ATOM   674  C  CE2 . TRP A 1 83  ? 11.070  3.446   -3.045  1.00 8.69  ? 82  TRP A CE2 1 
ATOM   675  C  CE3 . TRP A 1 83  ? 12.363  1.539   -2.311  1.00 9.36  ? 82  TRP A CE3 1 
ATOM   676  C  CZ2 . TRP A 1 83  ? 11.432  3.240   -4.363  1.00 11.86 ? 82  TRP A CZ2 1 
ATOM   677  C  CZ3 . TRP A 1 83  ? 12.728  1.333   -3.611  1.00 9.53  ? 82  TRP A CZ3 1 
ATOM   678  C  CH2 . TRP A 1 83  ? 12.260  2.178   -4.638  1.00 9.29  ? 82  TRP A CH2 1 
ATOM   679  N  N   . LYS A 1 84  ? 14.052  1.926   0.887   1.00 9.72  ? 83  LYS A N   1 
ATOM   680  C  CA  . LYS A 1 84  ? 15.275  1.560   0.181   1.00 10.73 ? 83  LYS A CA  1 
ATOM   681  C  C   . LYS A 1 84  ? 15.117  0.128   -0.345  1.00 10.88 ? 83  LYS A C   1 
ATOM   682  O  O   . LYS A 1 84  ? 14.198  -0.615  0.027   1.00 11.67 ? 83  LYS A O   1 
ATOM   683  C  CB  . LYS A 1 84  ? 16.493  1.687   1.084   1.00 10.27 ? 83  LYS A CB  1 
ATOM   684  C  CG  . LYS A 1 84  ? 16.479  0.735   2.262   1.00 12.85 ? 83  LYS A CG  1 
ATOM   685  C  CD  . LYS A 1 84  ? 17.737  0.886   3.089   1.00 17.13 ? 83  LYS A CD  1 
ATOM   686  C  CE  . LYS A 1 84  ? 17.704  -0.031  4.318   1.00 21.31 ? 83  LYS A CE  1 
ATOM   687  N  NZ  . LYS A 1 84  ? 18.853  0.194   5.288   1.00 24.76 ? 83  LYS A NZ  1 
ATOM   688  N  N   . SER A 1 85  ? 16.057  -0.282  -1.184  1.00 10.38 ? 84  SER A N   1 
ATOM   689  C  CA  . SER A 1 85  ? 16.062  -1.665  -1.666  1.00 11.55 ? 84  SER A CA  1 
ATOM   690  C  C   . SER A 1 85  ? 17.458  -2.045  -2.098  1.00 10.50 ? 84  SER A C   1 
ATOM   691  O  O   . SER A 1 85  ? 18.367  -1.236  -1.999  1.00 11.39 ? 84  SER A O   1 
ATOM   692  C  CB  . SER A 1 85  ? 15.039  -1.838  -2.794  1.00 12.10 ? 84  SER A CB  1 
ATOM   693  O  OG  . SER A 1 85  ? 15.434  -1.149  -3.982  1.00 10.14 ? 84  SER A OG  1 
ATOM   694  N  N   . ASP A 1 86  ? 17.623  -3.258  -2.638  1.00 10.69 ? 85  ASP A N   1 
ATOM   695  C  CA  . ASP A 1 86  ? 18.959  -3.708  -3.044  1.00 12.26 ? 85  ASP A CA  1 
ATOM   696  C  C   . ASP A 1 86  ? 19.596  -2.735  -4.028  1.00 12.21 ? 85  ASP A C   1 
ATOM   697  O  O   . ASP A 1 86  ? 20.816  -2.504  -3.982  1.00 12.98 ? 85  ASP A O   1 
ATOM   698  C  CB  . ASP A 1 86  ? 18.893  -5.087  -3.699  1.00 13.83 ? 85  ASP A CB  1 
ATOM   699  C  CG  . ASP A 1 86  ? 18.572  -6.200  -2.727  1.00 17.45 ? 85  ASP A CG  1 
ATOM   700  O  OD1 . ASP A 1 86  ? 18.615  -6.004  -1.496  1.00 15.10 ? 85  ASP A OD1 1 
ATOM   701  O  OD2 . ASP A 1 86  ? 18.303  -7.295  -3.238  1.00 19.69 ? 85  ASP A OD2 1 
ATOM   702  N  N   . LYS A 1 87  ? 18.780  -2.198  -4.937  1.00 11.52 ? 86  LYS A N   1 
ATOM   703  C  CA  A LYS A 1 87  ? 19.266  -1.331  -6.012  0.50 10.43 ? 86  LYS A CA  1 
ATOM   704  C  CA  B LYS A 1 87  ? 19.249  -1.327  -6.018  0.50 10.23 ? 86  LYS A CA  1 
ATOM   705  C  C   . LYS A 1 87  ? 18.907  0.145   -5.794  1.00 12.02 ? 86  LYS A C   1 
ATOM   706  O  O   . LYS A 1 87  ? 19.040  0.978   -6.711  1.00 12.25 ? 86  LYS A O   1 
ATOM   707  C  CB  A LYS A 1 87  ? 18.738  -1.844  -7.350  0.50 11.21 ? 86  LYS A CB  1 
ATOM   708  C  CB  B LYS A 1 87  ? 18.655  -1.800  -7.334  0.50 10.89 ? 86  LYS A CB  1 
ATOM   709  C  CG  A LYS A 1 87  ? 19.203  -3.265  -7.669  0.50 14.46 ? 86  LYS A CG  1 
ATOM   710  C  CG  B LYS A 1 87  ? 19.083  -3.197  -7.699  0.50 13.97 ? 86  LYS A CG  1 
ATOM   711  C  CD  A LYS A 1 87  ? 18.813  -3.676  -9.086  0.50 19.49 ? 86  LYS A CD  1 
ATOM   712  C  CD  B LYS A 1 87  ? 18.435  -3.631  -8.992  0.50 14.97 ? 86  LYS A CD  1 
ATOM   713  C  CE  A LYS A 1 87  ? 19.298  -5.103  -9.424  0.50 17.57 ? 86  LYS A CE  1 
ATOM   714  C  CE  B LYS A 1 87  ? 18.736  -5.097  -9.258  0.50 18.10 ? 86  LYS A CE  1 
ATOM   715  N  NZ  A LYS A 1 87  ? 20.725  -5.379  -9.056  0.50 18.33 ? 86  LYS A NZ  1 
ATOM   716  N  NZ  B LYS A 1 87  ? 18.225  -5.518  -10.578 0.50 22.60 ? 86  LYS A NZ  1 
HETATM 717  N  N   . MSE A 1 88  ? 18.443  0.486   -4.601  1.00 12.87 ? 87  MSE A N   1 
HETATM 718  C  CA  . MSE A 1 88  ? 18.020  1.881   -4.334  1.00 9.43  ? 87  MSE A CA  1 
HETATM 719  C  C   . MSE A 1 88  ? 18.511  2.305   -2.970  1.00 10.22 ? 87  MSE A C   1 
HETATM 720  O  O   . MSE A 1 88  ? 18.051  1.768   -1.942  1.00 11.84 ? 87  MSE A O   1 
HETATM 721  C  CB  . MSE A 1 88  ? 16.488  2.018   -4.424  1.00 9.96  ? 87  MSE A CB  1 
HETATM 722  C  CG  . MSE A 1 88  ? 15.916  3.403   -4.097  1.00 9.54  ? 87  MSE A CG  1 
HETATM 723  SE SE  . MSE A 1 88  ? 16.673  4.876   -5.160  0.75 8.91  ? 87  MSE A SE  1 
HETATM 724  C  CE  . MSE A 1 88  ? 16.379  4.030   -6.845  1.00 13.52 ? 87  MSE A CE  1 
ATOM   725  N  N   . ILE A 1 89  ? 19.401  3.288   -2.926  1.00 9.25  ? 88  ILE A N   1 
ATOM   726  C  CA  A ILE A 1 89  ? 19.925  3.714   -1.629  0.50 10.04 ? 88  ILE A CA  1 
ATOM   727  C  CA  B ILE A 1 89  ? 19.946  3.798   -1.646  0.50 11.19 ? 88  ILE A CA  1 
ATOM   728  C  C   . ILE A 1 89  ? 18.855  4.424   -0.795  1.00 11.37 ? 88  ILE A C   1 
ATOM   729  O  O   . ILE A 1 89  ? 18.838  4.258   0.423   1.00 11.99 ? 88  ILE A O   1 
ATOM   730  C  CB  A ILE A 1 89  ? 21.231  4.511   -1.746  0.50 9.34  ? 88  ILE A CB  1 
ATOM   731  C  CB  B ILE A 1 89  ? 21.085  4.835   -1.852  0.50 13.69 ? 88  ILE A CB  1 
ATOM   732  C  CG1 A ILE A 1 89  ? 21.013  5.900   -2.385  0.50 7.14  ? 88  ILE A CG1 1 
ATOM   733  C  CG1 B ILE A 1 89  ? 22.369  4.108   -2.235  0.50 16.17 ? 88  ILE A CG1 1 
ATOM   734  C  CG2 A ILE A 1 89  ? 22.257  3.702   -2.549  0.50 11.79 ? 88  ILE A CG2 1 
ATOM   735  C  CG2 B ILE A 1 89  ? 21.316  5.733   -0.568  0.50 10.54 ? 88  ILE A CG2 1 
ATOM   736  C  CD1 A ILE A 1 89  ? 22.383  6.621   -2.729  0.50 17.13 ? 88  ILE A CD1 1 
ATOM   737  C  CD1 B ILE A 1 89  ? 22.485  2.739   -1.572  0.50 18.91 ? 88  ILE A CD1 1 
ATOM   738  N  N   . ALA A 1 90  ? 17.992  5.185   -1.438  1.00 8.95  ? 89  ALA A N   1 
ATOM   739  C  CA  . ALA A 1 90  ? 16.875  5.876   -0.752  1.00 11.17 ? 89  ALA A CA  1 
ATOM   740  C  C   . ALA A 1 90  ? 15.898  6.489   -1.717  1.00 11.95 ? 89  ALA A C   1 
ATOM   741  O  O   . ALA A 1 90  ? 16.286  7.101   -2.694  1.00 9.22  ? 89  ALA A O   1 
ATOM   742  C  CB  . ALA A 1 90  ? 17.440  6.967   0.143   1.00 10.24 ? 89  ALA A CB  1 
ATOM   743  N  N   . SER A 1 91  ? 14.602  6.314   -1.443  1.00 10.62 ? 90  SER A N   1 
ATOM   744  C  CA  . SER A 1 91  ? 13.573  6.954   -2.229  1.00 8.97  ? 90  SER A CA  1 
ATOM   745  C  C   . SER A 1 91  ? 12.343  7.135   -1.321  1.00 7.98  ? 90  SER A C   1 
ATOM   746  O  O   . SER A 1 91  ? 12.387  6.838   -0.127  1.00 9.44  ? 90  SER A O   1 
ATOM   747  C  CB  . SER A 1 91  ? 13.277  6.146   -3.487  1.00 11.55 ? 90  SER A CB  1 
ATOM   748  O  OG  . SER A 1 91  ? 12.358  6.845   -4.315  1.00 11.03 ? 90  SER A OG  1 
ATOM   749  N  N   . GLN A 1 92  ? 11.306  7.721   -1.897  1.00 9.01  ? 91  GLN A N   1 
ATOM   750  C  CA  . GLN A 1 92  ? 10.026  7.964   -1.238  1.00 10.04 ? 91  GLN A CA  1 
ATOM   751  C  C   . GLN A 1 92  ? 8.914   7.691   -2.189  1.00 10.08 ? 91  GLN A C   1 
ATOM   752  O  O   . GLN A 1 92  ? 9.053   7.844   -3.434  1.00 10.64 ? 91  GLN A O   1 
ATOM   753  C  CB  . GLN A 1 92  ? 9.963   9.435   -0.786  1.00 10.48 ? 91  GLN A CB  1 
ATOM   754  C  CG  . GLN A 1 92  ? 10.997  9.787   0.216   1.00 12.12 ? 91  GLN A CG  1 
ATOM   755  C  CD  . GLN A 1 92  ? 10.775  11.125  0.926   1.00 13.09 ? 91  GLN A CD  1 
ATOM   756  O  OE1 . GLN A 1 92  ? 9.633   11.522  1.141   1.00 13.79 ? 91  GLN A OE1 1 
ATOM   757  N  NE2 . GLN A 1 92  ? 11.869  11.820  1.286   1.00 11.66 ? 91  GLN A NE2 1 
ATOM   758  N  N   . LEU A 1 93  ? 7.771   7.285   -1.617  1.00 9.87  ? 92  LEU A N   1 
ATOM   759  C  CA  . LEU A 1 93  ? 6.538   7.180   -2.371  1.00 9.08  ? 92  LEU A CA  1 
ATOM   760  C  C   . LEU A 1 93  ? 5.409   7.569   -1.418  1.00 10.74 ? 92  LEU A C   1 
ATOM   761  O  O   . LEU A 1 93  ? 5.611   7.716   -0.211  1.00 9.34  ? 92  LEU A O   1 
ATOM   762  C  CB  . LEU A 1 93  ? 6.330   5.784   -2.925  1.00 10.14 ? 92  LEU A CB  1 
ATOM   763  C  CG  . LEU A 1 93  ? 6.332   4.590   -1.982  1.00 11.26 ? 92  LEU A CG  1 
ATOM   764  C  CD1 . LEU A 1 93  ? 4.904   4.397   -1.417  1.00 11.13 ? 92  LEU A CD1 1 
ATOM   765  C  CD2 . LEU A 1 93  ? 6.748   3.278   -2.690  1.00 12.34 ? 92  LEU A CD2 1 
ATOM   766  N  N   . SER A 1 94  ? 4.230   7.764   -1.960  1.00 9.95  ? 93  SER A N   1 
ATOM   767  C  CA  . SER A 1 94  ? 3.077   7.979   -1.093  1.00 9.46  ? 93  SER A CA  1 
ATOM   768  C  C   . SER A 1 94  ? 1.938   7.052   -1.467  1.00 8.69  ? 93  SER A C   1 
ATOM   769  O  O   . SER A 1 94  ? 1.825   6.588   -2.625  1.00 8.77  ? 93  SER A O   1 
ATOM   770  C  CB  . SER A 1 94  ? 2.651   9.454   -1.096  1.00 11.16 ? 93  SER A CB  1 
ATOM   771  O  OG  . SER A 1 94  ? 2.106   9.821   -2.341  1.00 12.03 ? 93  SER A OG  1 
ATOM   772  N  N   . VAL A 1 95  ? 1.050   6.779   -0.496  1.00 8.51  ? 94  VAL A N   1 
ATOM   773  C  CA  . VAL A 1 95  ? -0.116  5.923   -0.703  1.00 8.47  ? 94  VAL A CA  1 
ATOM   774  C  C   . VAL A 1 95  ? -1.354  6.584   -0.053  1.00 8.22  ? 94  VAL A C   1 
ATOM   775  O  O   . VAL A 1 95  ? -1.328  6.965   1.116   1.00 9.47  ? 94  VAL A O   1 
ATOM   776  C  CB  . VAL A 1 95  ? 0.076   4.542   -0.125  1.00 8.55  ? 94  VAL A CB  1 
ATOM   777  C  CG1 . VAL A 1 95  ? -1.124  3.664   -0.531  1.00 11.34 ? 94  VAL A CG1 1 
ATOM   778  C  CG2 . VAL A 1 95  ? 1.378   3.919   -0.608  1.00 10.08 ? 94  VAL A CG2 1 
ATOM   779  N  N   . LEU A 1 96  ? -2.403  6.746   -0.837  1.00 8.62  ? 95  LEU A N   1 
ATOM   780  C  CA  . LEU A 1 96  ? -3.696  7.224   -0.341  1.00 8.11  ? 95  LEU A CA  1 
ATOM   781  C  C   . LEU A 1 96  ? -4.620  6.034   -0.073  1.00 9.52  ? 95  LEU A C   1 
ATOM   782  O  O   . LEU A 1 96  ? -4.757  5.119   -0.913  1.00 9.63  ? 95  LEU A O   1 
ATOM   783  C  CB  . LEU A 1 96  ? -4.339  8.085   -1.402  1.00 9.91  ? 95  LEU A CB  1 
ATOM   784  C  CG  . LEU A 1 96  ? -5.785  8.512   -1.153  1.00 11.33 ? 95  LEU A CG  1 
ATOM   785  C  CD1 . LEU A 1 96  ? -5.829  9.537   -0.001  1.00 12.13 ? 95  LEU A CD1 1 
ATOM   786  C  CD2 . LEU A 1 96  ? -6.356  9.072   -2.448  1.00 13.03 ? 95  LEU A CD2 1 
ATOM   787  N  N   . PHE A 1 97  ? -5.274  6.091   1.081   1.00 9.16  ? 96  PHE A N   1 
ATOM   788  C  CA  . PHE A 1 97  ? -6.258  5.104   1.484   1.00 9.17  ? 96  PHE A CA  1 
ATOM   789  C  C   . PHE A 1 97  ? -7.578  5.833   1.784   1.00 9.86  ? 96  PHE A C   1 
ATOM   790  O  O   . PHE A 1 97  ? -7.632  6.643   2.720   1.00 8.96  ? 96  PHE A O   1 
ATOM   791  C  CB  . PHE A 1 97  ? -5.818  4.347   2.733   1.00 9.76  ? 96  PHE A CB  1 
ATOM   792  C  CG  . PHE A 1 97  ? -4.452  3.722   2.659   1.00 8.74  ? 96  PHE A CG  1 
ATOM   793  C  CD1 . PHE A 1 97  ? -3.330  4.441   3.036   1.00 10.25 ? 96  PHE A CD1 1 
ATOM   794  C  CD2 . PHE A 1 97  ? -4.298  2.406   2.267   1.00 10.36 ? 96  PHE A CD2 1 
ATOM   795  C  CE1 . PHE A 1 97  ? -2.069  3.879   2.972   1.00 10.46 ? 96  PHE A CE1 1 
ATOM   796  C  CE2 . PHE A 1 97  ? -3.031  1.816   2.214   1.00 10.38 ? 96  PHE A CE2 1 
ATOM   797  C  CZ  . PHE A 1 97  ? -1.917  2.574   2.591   1.00 8.75  ? 96  PHE A CZ  1 
ATOM   798  N  N   . LYS A 1 98  ? -8.612  5.554   0.976   1.00 10.05 ? 97  LYS A N   1 
ATOM   799  C  CA  . LYS A 1 98  ? -9.956  6.109   1.214   1.00 8.28  ? 97  LYS A CA  1 
ATOM   800  C  C   . LYS A 1 98  ? -10.830 5.047   1.864   1.00 9.48  ? 97  LYS A C   1 
ATOM   801  O  O   . LYS A 1 98  ? -10.773 3.888   1.470   1.00 9.05  ? 97  LYS A O   1 
ATOM   802  C  CB  . LYS A 1 98  ? -10.589 6.661   -0.077  1.00 8.46  ? 97  LYS A CB  1 
ATOM   803  C  CG  . LYS A 1 98  ? -9.792  7.720   -0.804  1.00 9.09  ? 97  LYS A CG  1 
ATOM   804  C  CD  . LYS A 1 98  ? -10.556 8.282   -2.002  1.00 10.80 ? 97  LYS A CD  1 
ATOM   805  C  CE  . LYS A 1 98  ? -11.685 9.253   -1.560  1.00 11.36 ? 97  LYS A CE  1 
ATOM   806  N  NZ  . LYS A 1 98  ? -11.280 10.653  -1.208  1.00 9.98  ? 97  LYS A NZ  1 
ATOM   807  N  N   . PHE A 1 99  ? -11.662 5.431   2.826   1.00 9.73  ? 98  PHE A N   1 
ATOM   808  C  CA  . PHE A 1 99  ? -12.419 4.502   3.627   1.00 8.72  ? 98  PHE A CA  1 
ATOM   809  C  C   . PHE A 1 99  ? -13.925 4.673   3.447   1.00 11.65 ? 98  PHE A C   1 
ATOM   810  O  O   . PHE A 1 99  ? -14.431 5.788   3.239   1.00 11.02 ? 98  PHE A O   1 
ATOM   811  C  CB  . PHE A 1 99  ? -12.082 4.723   5.105   1.00 10.60 ? 98  PHE A CB  1 
ATOM   812  C  CG  . PHE A 1 99  ? -10.719 4.240   5.530   1.00 9.05  ? 98  PHE A CG  1 
ATOM   813  C  CD1 . PHE A 1 99  ? -9.562  5.006   5.308   1.00 9.71  ? 98  PHE A CD1 1 
ATOM   814  C  CD2 . PHE A 1 99  ? -10.598 3.008   6.208   1.00 9.92  ? 98  PHE A CD2 1 
ATOM   815  C  CE1 . PHE A 1 99  ? -8.328  4.555   5.733   1.00 12.12 ? 98  PHE A CE1 1 
ATOM   816  C  CE2 . PHE A 1 99  ? -9.356  2.573   6.673   1.00 11.50 ? 98  PHE A CE2 1 
ATOM   817  C  CZ  . PHE A 1 99  ? -8.227  3.332   6.400   1.00 11.18 ? 98  PHE A CZ  1 
ATOM   818  N  N   . GLU A 1 100 ? -14.587 3.529   3.457   1.00 10.46 ? 99  GLU A N   1 
ATOM   819  C  CA  . GLU A 1 100 ? -16.021 3.420   3.463   1.00 10.77 ? 99  GLU A CA  1 
ATOM   820  C  C   . GLU A 1 100 ? -16.301 2.937   4.851   1.00 11.20 ? 99  GLU A C   1 
ATOM   821  O  O   . GLU A 1 100 ? -15.992 1.792   5.211   1.00 9.48  ? 99  GLU A O   1 
ATOM   822  C  CB  . GLU A 1 100 ? -16.460 2.442   2.369   1.00 13.12 ? 99  GLU A CB  1 
ATOM   823  C  CG  . GLU A 1 100 ? -17.921 2.107   2.312   1.00 16.32 ? 99  GLU A CG  1 
ATOM   824  C  CD  . GLU A 1 100 ? -18.183 0.922   1.373   1.00 20.60 ? 99  GLU A CD  1 
ATOM   825  O  OE1 . GLU A 1 100 ? -17.685 0.922   0.232   1.00 19.20 ? 99  GLU A OE1 1 
ATOM   826  O  OE2 . GLU A 1 100 ? -18.850 -0.035  1.813   1.00 20.18 ? 99  GLU A OE2 1 
ATOM   827  N  N   . GLY A 1 101 ? -16.823 3.826   5.680   1.00 11.67 ? 100 GLY A N   1 
ATOM   828  C  CA  . GLY A 1 101 ? -16.888 3.546   7.105   1.00 14.97 ? 100 GLY A CA  1 
ATOM   829  C  C   . GLY A 1 101 ? -15.452 3.418   7.620   1.00 14.52 ? 100 GLY A C   1 
ATOM   830  O  O   . GLY A 1 101 ? -14.627 4.326   7.435   1.00 13.50 ? 100 GLY A O   1 
ATOM   831  N  N   . ASP A 1 102 ? -15.140 2.282   8.228   1.00 11.71 ? 101 ASP A N   1 
ATOM   832  C  CA  . ASP A 1 102 ? -13.810 2.027   8.744   1.00 11.70 ? 101 ASP A CA  1 
ATOM   833  C  C   . ASP A 1 102 ? -13.032 0.997   7.891   1.00 13.25 ? 101 ASP A C   1 
ATOM   834  O  O   . ASP A 1 102 ? -12.022 0.450   8.346   1.00 14.01 ? 101 ASP A O   1 
ATOM   835  C  CB  . ASP A 1 102 ? -13.896 1.543   10.203  1.00 13.86 ? 101 ASP A CB  1 
ATOM   836  C  CG  . ASP A 1 102 ? -14.433 2.609   11.144  1.00 24.84 ? 101 ASP A CG  1 
ATOM   837  O  OD1 . ASP A 1 102 ? -14.302 3.823   10.832  1.00 26.22 ? 101 ASP A OD1 1 
ATOM   838  O  OD2 . ASP A 1 102 ? -14.988 2.212   12.201  1.00 34.18 ? 101 ASP A OD2 1 
ATOM   839  N  N   . GLN A 1 103 ? -13.469 0.772   6.642   1.00 12.67 ? 102 GLN A N   1 
ATOM   840  C  CA  . GLN A 1 103 ? -12.776 -0.148  5.732   1.00 11.35 ? 102 GLN A CA  1 
ATOM   841  C  C   . GLN A 1 103 ? -12.303 0.564   4.484   1.00 9.81  ? 102 GLN A C   1 
ATOM   842  O  O   . GLN A 1 103 ? -12.930 1.528   4.010   1.00 12.06 ? 102 GLN A O   1 
ATOM   843  C  CB  . GLN A 1 103 ? -13.672 -1.326  5.338   1.00 13.57 ? 102 GLN A CB  1 
ATOM   844  C  CG  . GLN A 1 103 ? -13.900 -2.278  6.505   1.00 19.34 ? 102 GLN A CG  1 
ATOM   845  C  CD  . GLN A 1 103 ? -14.701 -3.436  6.048   1.00 23.56 ? 102 GLN A CD  1 
ATOM   846  O  OE1 . GLN A 1 103 ? -15.848 -3.261  5.670   1.00 25.32 ? 102 GLN A OE1 1 
ATOM   847  N  NE2 . GLN A 1 103 ? -14.074 -4.621  5.985   1.00 22.82 ? 102 GLN A NE2 1 
ATOM   848  N  N   . ILE A 1 104 ? -11.177 0.085   3.939   1.00 10.01 ? 103 ILE A N   1 
ATOM   849  C  CA  . ILE A 1 104 ? -10.569 0.769   2.828   1.00 9.28  ? 103 ILE A CA  1 
ATOM   850  C  C   . ILE A 1 104 ? -11.329 0.322   1.562   1.00 8.97  ? 103 ILE A C   1 
ATOM   851  O  O   . ILE A 1 104 ? -11.566 -0.883  1.392   1.00 11.26 ? 103 ILE A O   1 
ATOM   852  C  CB  . ILE A 1 104 ? -9.088  0.319   2.669   1.00 8.67  ? 103 ILE A CB  1 
ATOM   853  C  CG1 . ILE A 1 104 ? -8.242  0.666   3.891   1.00 12.99 ? 103 ILE A CG1 1 
ATOM   854  C  CG2 . ILE A 1 104 ? -8.455  0.869   1.392   1.00 9.85  ? 103 ILE A CG2 1 
ATOM   855  C  CD1 . ILE A 1 104 ? -6.862  -0.072  3.911   1.00 11.29 ? 103 ILE A CD1 1 
ATOM   856  N  N   . TYR A 1 105 ? -11.728 1.267   0.712   1.00 9.11  ? 104 TYR A N   1 
ATOM   857  C  CA  . TYR A 1 105 ? -12.313 0.944   -0.608  1.00 8.82  ? 104 TYR A CA  1 
ATOM   858  C  C   . TYR A 1 105 ? -11.413 1.341   -1.801  1.00 8.71  ? 104 TYR A C   1 
ATOM   859  O  O   . TYR A 1 105 ? -11.587 0.808   -2.902  1.00 11.44 ? 104 TYR A O   1 
ATOM   860  C  CB  . TYR A 1 105 ? -13.736 1.530   -0.798  1.00 9.58  ? 104 TYR A CB  1 
ATOM   861  C  CG  . TYR A 1 105 ? -13.762 2.996   -1.100  1.00 9.13  ? 104 TYR A CG  1 
ATOM   862  C  CD1 . TYR A 1 105 ? -13.771 3.943   -0.085  1.00 8.02  ? 104 TYR A CD1 1 
ATOM   863  C  CD2 . TYR A 1 105 ? -13.805 3.455   -2.427  1.00 12.19 ? 104 TYR A CD2 1 
ATOM   864  C  CE1 . TYR A 1 105 ? -13.827 5.282   -0.394  1.00 10.50 ? 104 TYR A CE1 1 
ATOM   865  C  CE2 . TYR A 1 105 ? -13.835 4.782   -2.719  1.00 12.43 ? 104 TYR A CE2 1 
ATOM   866  C  CZ  . TYR A 1 105 ? -13.845 5.697   -1.694  1.00 10.20 ? 104 TYR A CZ  1 
ATOM   867  O  OH  . TYR A 1 105 ? -13.860 7.027   -2.031  1.00 10.56 ? 104 TYR A OH  1 
ATOM   868  N  N   . GLU A 1 106 ? -10.453 2.231   -1.583  1.00 9.05  ? 105 GLU A N   1 
ATOM   869  C  CA  . GLU A 1 106 ? -9.515  2.670   -2.611  1.00 10.12 ? 105 GLU A CA  1 
ATOM   870  C  C   . GLU A 1 106 ? -8.150  2.828   -2.007  1.00 11.27 ? 105 GLU A C   1 
ATOM   871  O  O   . GLU A 1 106 ? -7.976  3.597   -1.029  1.00 11.73 ? 105 GLU A O   1 
ATOM   872  C  CB  . GLU A 1 106 ? -9.960  3.996   -3.209  1.00 13.33 ? 105 GLU A CB  1 
ATOM   873  C  CG  . GLU A 1 106 ? -8.981  4.480   -4.314  1.00 13.32 ? 105 GLU A CG  1 
ATOM   874  C  CD  . GLU A 1 106 ? -9.484  5.688   -5.115  1.00 25.87 ? 105 GLU A CD  1 
ATOM   875  O  OE1 . GLU A 1 106 ? -10.683 5.767   -5.386  1.00 25.62 ? 105 GLU A OE1 1 
ATOM   876  O  OE2 . GLU A 1 106 ? -8.662  6.551   -5.432  1.00 25.01 ? 105 GLU A OE2 1 
ATOM   877  N  N   . GLU A 1 107 ? -7.181  2.109   -2.585  1.00 10.20 ? 106 GLU A N   1 
ATOM   878  C  CA  . GLU A 1 107 ? -5.786  2.215   -2.197  1.00 11.32 ? 106 GLU A CA  1 
ATOM   879  C  C   . GLU A 1 107 ? -5.033  2.624   -3.463  1.00 10.83 ? 106 GLU A C   1 
ATOM   880  O  O   . GLU A 1 107 ? -5.023  1.880   -4.440  1.00 11.39 ? 106 GLU A O   1 
ATOM   881  C  CB  . GLU A 1 107 ? -5.232  0.887   -1.666  1.00 11.61 ? 106 GLU A CB  1 
ATOM   882  C  CG  . GLU A 1 107 ? -3.775  0.941   -1.418  1.00 9.28  ? 106 GLU A CG  1 
ATOM   883  C  CD  . GLU A 1 107 ? -3.254  -0.224  -0.646  1.00 13.91 ? 106 GLU A CD  1 
ATOM   884  O  OE1 . GLU A 1 107 ? -4.038  -0.857  0.092   1.00 13.62 ? 106 GLU A OE1 1 
ATOM   885  O  OE2 . GLU A 1 107 ? -2.030  -0.503  -0.734  1.00 16.34 ? 106 GLU A OE2 1 
ATOM   886  N  N   . ARG A 1 108 ? -4.477  3.821   -3.443  1.00 8.98  ? 107 ARG A N   1 
ATOM   887  C  CA  . ARG A 1 108 ? -3.889  4.457   -4.648  1.00 8.72  ? 107 ARG A CA  1 
ATOM   888  C  C   . ARG A 1 108 ? -2.459  4.879   -4.339  1.00 8.32  ? 107 ARG A C   1 
ATOM   889  O  O   . ARG A 1 108 ? -2.230  5.784   -3.507  1.00 10.11 ? 107 ARG A O   1 
ATOM   890  C  CB  . ARG A 1 108 ? -4.681  5.690   -5.070  1.00 9.52  ? 107 ARG A CB  1 
ATOM   891  C  CG  . ARG A 1 108 ? -4.156  6.382   -6.301  1.00 9.82  ? 107 ARG A CG  1 
ATOM   892  C  CD  . ARG A 1 108 ? -5.048  7.552   -6.699  1.00 10.17 ? 107 ARG A CD  1 
ATOM   893  N  NE  . ARG A 1 108 ? -6.392  7.087   -7.069  1.00 13.28 ? 107 ARG A NE  1 
ATOM   894  C  CZ  . ARG A 1 108 ? -6.770  6.752   -8.288  1.00 13.79 ? 107 ARG A CZ  1 
ATOM   895  N  NH1 . ARG A 1 108 ? -5.931  6.825   -9.320  1.00 15.73 ? 107 ARG A NH1 1 
ATOM   896  N  NH2 . ARG A 1 108 ? -8.018  6.311   -8.467  1.00 15.54 ? 107 ARG A NH2 1 
ATOM   897  N  N   . TRP A 1 109 ? -1.505  4.220   -4.977  1.00 9.44  ? 108 TRP A N   1 
ATOM   898  C  CA  . TRP A 1 109 ? -0.091  4.504   -4.830  1.00 7.78  ? 108 TRP A CA  1 
ATOM   899  C  C   . TRP A 1 109 ? 0.316   5.624   -5.794  1.00 10.64 ? 108 TRP A C   1 
ATOM   900  O  O   . TRP A 1 109 ? -0.107  5.636   -6.943  1.00 11.58 ? 108 TRP A O   1 
ATOM   901  C  CB  . TRP A 1 109 ? 0.708   3.226   -5.072  1.00 9.79  ? 108 TRP A CB  1 
ATOM   902  C  CG  . TRP A 1 109 ? 0.605   2.219   -3.999  1.00 10.72 ? 108 TRP A CG  1 
ATOM   903  C  CD1 . TRP A 1 109 ? -0.536  1.735   -3.443  1.00 14.61 ? 108 TRP A CD1 1 
ATOM   904  C  CD2 . TRP A 1 109 ? 1.687   1.519   -3.373  1.00 10.53 ? 108 TRP A CD2 1 
ATOM   905  N  NE1 . TRP A 1 109 ? -0.235  0.806   -2.470  1.00 12.16 ? 108 TRP A NE1 1 
ATOM   906  C  CE2 . TRP A 1 109 ? 1.130   0.642   -2.428  1.00 13.51 ? 108 TRP A CE2 1 
ATOM   907  C  CE3 . TRP A 1 109 ? 3.083   1.577   -3.495  1.00 11.79 ? 108 TRP A CE3 1 
ATOM   908  C  CZ2 . TRP A 1 109 ? 1.908   -0.170  -1.610  1.00 12.41 ? 108 TRP A CZ2 1 
ATOM   909  C  CZ3 . TRP A 1 109 ? 3.867   0.707   -2.719  1.00 14.90 ? 108 TRP A CZ3 1 
ATOM   910  C  CH2 . TRP A 1 109 ? 3.274   -0.147  -1.775  1.00 9.24  ? 108 TRP A CH2 1 
ATOM   911  N  N   . PHE A 1 110 ? 1.115   6.565   -5.292  1.00 11.16 ? 109 PHE A N   1 
ATOM   912  C  CA  . PHE A 1 110 ? 1.755   7.592   -6.094  1.00 10.46 ? 109 PHE A CA  1 
ATOM   913  C  C   . PHE A 1 110 ? 3.262   7.321   -6.096  1.00 10.05 ? 109 PHE A C   1 
ATOM   914  O  O   . PHE A 1 110 ? 3.957   7.555   -5.090  1.00 11.00 ? 109 PHE A O   1 
ATOM   915  C  CB  . PHE A 1 110 ? 1.459   8.961   -5.532  1.00 9.88  ? 109 PHE A CB  1 
ATOM   916  C  CG  . PHE A 1 110 ? -0.008  9.308   -5.569  1.00 9.92  ? 109 PHE A CG  1 
ATOM   917  C  CD1 . PHE A 1 110 ? -0.608  9.654   -6.758  1.00 10.81 ? 109 PHE A CD1 1 
ATOM   918  C  CD2 . PHE A 1 110 ? -0.770  9.204   -4.467  1.00 8.79  ? 109 PHE A CD2 1 
ATOM   919  C  CE1 . PHE A 1 110 ? -1.981  9.952   -6.799  1.00 12.63 ? 109 PHE A CE1 1 
ATOM   920  C  CE2 . PHE A 1 110 ? -2.149  9.567   -4.482  1.00 11.88 ? 109 PHE A CE2 1 
ATOM   921  C  CZ  . PHE A 1 110 ? -2.728  9.899   -5.666  1.00 9.56  ? 109 PHE A CZ  1 
ATOM   922  N  N   . VAL A 1 111 ? 3.714   6.771   -7.199  1.00 10.69 ? 110 VAL A N   1 
ATOM   923  C  CA  . VAL A 1 111 ? 5.073   6.164   -7.316  1.00 10.38 ? 110 VAL A CA  1 
ATOM   924  C  C   . VAL A 1 111 ? 5.728   6.758   -8.568  1.00 11.55 ? 110 VAL A C   1 
ATOM   925  O  O   . VAL A 1 111 ? 5.113   6.805   -9.636  1.00 10.56 ? 110 VAL A O   1 
ATOM   926  C  CB  . VAL A 1 111 ? 4.971   4.626   -7.433  1.00 13.12 ? 110 VAL A CB  1 
ATOM   927  C  CG1 . VAL A 1 111 ? 6.347   3.990   -7.720  1.00 14.06 ? 110 VAL A CG1 1 
ATOM   928  C  CG2 . VAL A 1 111 ? 4.340   3.989   -6.166  1.00 11.90 ? 110 VAL A CG2 1 
ATOM   929  N  N   . ASP A 1 112 ? 7.000   7.158   -8.434  1.00 10.09 ? 111 ASP A N   1 
ATOM   930  C  CA  . ASP A 1 112 ? 7.853   7.426   -9.612  1.00 9.93  ? 111 ASP A CA  1 
ATOM   931  C  C   . ASP A 1 112 ? 8.124   6.087   -10.259 1.00 8.55  ? 111 ASP A C   1 
ATOM   932  O  O   . ASP A 1 112 ? 9.030   5.321   -9.863  1.00 10.66 ? 111 ASP A O   1 
ATOM   933  C  CB  . ASP A 1 112 ? 9.128   8.103   -9.125  1.00 10.41 ? 111 ASP A CB  1 
ATOM   934  C  CG  . ASP A 1 112 ? 10.129  8.406   -10.226 1.00 14.66 ? 111 ASP A CG  1 
ATOM   935  O  OD1 . ASP A 1 112 ? 10.027  7.854   -11.360 1.00 9.22  ? 111 ASP A OD1 1 
ATOM   936  O  OD2 . ASP A 1 112 ? 11.105  9.118   -9.869  1.00 10.65 ? 111 ASP A OD2 1 
ATOM   937  N  N   . THR A 1 113 ? 7.292   5.791   -11.258 1.00 9.86  ? 112 THR A N   1 
ATOM   938  C  CA  . THR A 1 113 ? 7.273   4.508   -11.934 1.00 8.90  ? 112 THR A CA  1 
ATOM   939  C  C   . THR A 1 113 ? 8.526   4.242   -12.772 1.00 9.78  ? 112 THR A C   1 
ATOM   940  O  O   . THR A 1 113 ? 8.947   3.074   -12.897 1.00 9.91  ? 112 THR A O   1 
ATOM   941  C  CB  . THR A 1 113 ? 6.029   4.404   -12.813 1.00 8.55  ? 112 THR A CB  1 
ATOM   942  O  OG1 . THR A 1 113 ? 5.854   5.633   -13.547 1.00 10.84 ? 112 THR A OG1 1 
ATOM   943  C  CG2 . THR A 1 113 ? 4.780   4.112   -11.937 1.00 9.62  ? 112 THR A CG2 1 
ATOM   944  N  N   . GLU A 1 114 ? 9.100   5.262   -13.422 1.00 8.14  ? 113 GLU A N   1 
ATOM   945  C  CA  . GLU A 1 114 ? 10.386  5.070   -14.100 1.00 7.87  ? 113 GLU A CA  1 
ATOM   946  C  C   . GLU A 1 114 ? 11.441  4.560   -13.158 1.00 10.40 ? 113 GLU A C   1 
ATOM   947  O  O   . GLU A 1 114 ? 12.187  3.621   -13.453 1.00 10.18 ? 113 GLU A O   1 
ATOM   948  C  CB  . GLU A 1 114 ? 10.876  6.370   -14.733 1.00 8.92  ? 113 GLU A CB  1 
ATOM   949  C  CG  . GLU A 1 114 ? 10.063  6.806   -15.939 1.00 8.54  ? 113 GLU A CG  1 
ATOM   950  C  CD  . GLU A 1 114 ? 10.548  8.038   -16.576 1.00 17.87 ? 113 GLU A CD  1 
ATOM   951  O  OE1 . GLU A 1 114 ? 10.882  8.991   -15.850 1.00 16.03 ? 113 GLU A OE1 1 
ATOM   952  O  OE2 . GLU A 1 114 ? 10.551  8.084   -17.836 1.00 17.36 ? 113 GLU A OE2 1 
ATOM   953  N  N   . GLN A 1 115 ? 11.528  5.186   -11.987 1.00 9.97  ? 114 GLN A N   1 
ATOM   954  C  CA  . GLN A 1 115 ? 12.463  4.726   -10.974 1.00 8.00  ? 114 GLN A CA  1 
ATOM   955  C  C   . GLN A 1 115 ? 12.094  3.341   -10.443 1.00 10.37 ? 114 GLN A C   1 
ATOM   956  O  O   . GLN A 1 115 ? 12.944  2.443   -10.317 1.00 10.72 ? 114 GLN A O   1 
ATOM   957  C  CB  . GLN A 1 115 ? 12.546  5.764   -9.853  1.00 9.67  ? 114 GLN A CB  1 
ATOM   958  C  CG  . GLN A 1 115 ? 13.570  5.411   -8.815  1.00 11.82 ? 114 GLN A CG  1 
ATOM   959  C  CD  . GLN A 1 115 ? 13.452  6.261   -7.542  1.00 12.48 ? 114 GLN A CD  1 
ATOM   960  O  OE1 . GLN A 1 115 ? 12.422  6.168   -6.804  1.00 13.05 ? 114 GLN A OE1 1 
ATOM   961  N  NE2 . GLN A 1 115 ? 14.464  7.084   -7.264  1.00 10.24 ? 114 GLN A NE2 1 
ATOM   962  N  N   . TRP A 1 116 ? 10.828  3.177   -10.103 1.00 9.99  ? 115 TRP A N   1 
ATOM   963  C  CA  . TRP A 1 116 ? 10.361  1.924   -9.493  1.00 10.44 ? 115 TRP A CA  1 
ATOM   964  C  C   . TRP A 1 116 ? 10.741  0.712   -10.333 1.00 10.96 ? 115 TRP A C   1 
ATOM   965  O  O   . TRP A 1 116 ? 11.309  -0.265  -9.825  1.00 12.51 ? 115 TRP A O   1 
ATOM   966  C  CB  . TRP A 1 116 ? 8.863   2.005   -9.338  1.00 10.64 ? 115 TRP A CB  1 
ATOM   967  C  CG  . TRP A 1 116 ? 8.183   0.876   -8.607  1.00 9.77  ? 115 TRP A CG  1 
ATOM   968  C  CD1 . TRP A 1 116 ? 7.387   -0.061  -9.159  1.00 12.94 ? 115 TRP A CD1 1 
ATOM   969  C  CD2 . TRP A 1 116 ? 8.188   0.632   -7.190  1.00 9.74  ? 115 TRP A CD2 1 
ATOM   970  N  NE1 . TRP A 1 116 ? 6.896   -0.897  -8.177  1.00 13.00 ? 115 TRP A NE1 1 
ATOM   971  C  CE2 . TRP A 1 116 ? 7.374   -0.491  -6.962  1.00 14.66 ? 115 TRP A CE2 1 
ATOM   972  C  CE3 . TRP A 1 116 ? 8.807   1.246   -6.112  1.00 10.44 ? 115 TRP A CE3 1 
ATOM   973  C  CZ2 . TRP A 1 116 ? 7.172   -1.011  -5.701  1.00 12.73 ? 115 TRP A CZ2 1 
ATOM   974  C  CZ3 . TRP A 1 116 ? 8.596   0.727   -4.838  1.00 13.47 ? 115 TRP A CZ3 1 
ATOM   975  C  CH2 . TRP A 1 116 ? 7.782   -0.391  -4.653  1.00 15.38 ? 115 TRP A CH2 1 
ATOM   976  N  N   . LYS A 1 117 ? 10.442  0.780   -11.628 1.00 12.74 ? 116 LYS A N   1 
ATOM   977  C  CA  . LYS A 1 117 ? 10.635  -0.359  -12.501 1.00 14.70 ? 116 LYS A CA  1 
ATOM   978  C  C   . LYS A 1 117 ? 12.120  -0.706  -12.661 1.00 13.20 ? 116 LYS A C   1 
ATOM   979  O  O   . LYS A 1 117 ? 12.478  -1.862  -12.870 1.00 15.70 ? 116 LYS A O   1 
ATOM   980  C  CB  . LYS A 1 117 ? 9.897   -0.137  -13.792 1.00 15.10 ? 116 LYS A CB  1 
ATOM   981  C  CG  . LYS A 1 117 ? 8.409   -0.316  -13.457 1.00 21.47 ? 116 LYS A CG  1 
ATOM   982  C  CD  . LYS A 1 117 ? 7.495   0.023   -14.531 1.00 25.83 ? 116 LYS A CD  1 
ATOM   983  C  CE  . LYS A 1 117 ? 6.054   -0.071  -13.996 1.00 23.68 ? 116 LYS A CE  1 
ATOM   984  N  NZ  . LYS A 1 117 ? 5.207   0.253   -15.131 1.00 18.43 ? 116 LYS A NZ  1 
ATOM   985  N  N   . SER A 1 118 ? 12.984  0.277   -12.451 1.00 12.45 ? 117 SER A N   1 
ATOM   986  C  CA  . SER A 1 118 ? 14.398  0.045   -12.638 1.00 11.16 ? 117 SER A CA  1 
ATOM   987  C  C   . SER A 1 118 ? 15.069  -0.727  -11.519 1.00 11.21 ? 117 SER A C   1 
ATOM   988  O  O   . SER A 1 118 ? 16.205  -1.153  -11.705 1.00 11.87 ? 117 SER A O   1 
ATOM   989  C  CB  . SER A 1 118 ? 15.125  1.374   -12.840 1.00 13.25 ? 117 SER A CB  1 
ATOM   990  O  OG  . SER A 1 118 ? 15.241  2.096   -11.645 1.00 11.36 ? 117 SER A OG  1 
ATOM   991  N  N   . VAL A 1 119 ? 14.429  -0.848  -10.356 1.00 11.42 ? 118 VAL A N   1 
ATOM   992  C  CA  . VAL A 1 119 ? 15.068  -1.472  -9.212  1.00 10.89 ? 118 VAL A CA  1 
ATOM   993  C  C   . VAL A 1 119 ? 14.670  -2.926  -9.003  1.00 11.77 ? 118 VAL A C   1 
ATOM   994  O  O   . VAL A 1 119 ? 15.065  -3.533  -8.016  1.00 12.02 ? 118 VAL A O   1 
ATOM   995  C  CB  . VAL A 1 119 ? 14.910  -0.649  -7.921  1.00 12.84 ? 118 VAL A CB  1 
ATOM   996  C  CG1 . VAL A 1 119 ? 15.591  0.775   -8.125  1.00 15.32 ? 118 VAL A CG1 1 
ATOM   997  C  CG2 . VAL A 1 119 ? 13.469  -0.559  -7.541  1.00 15.39 ? 118 VAL A CG2 1 
ATOM   998  N  N   . PHE A 1 120 ? 13.994  -3.495  -9.985  1.00 14.61 ? 119 PHE A N   1 
ATOM   999  C  CA  . PHE A 1 120 ? 13.687  -4.928  -9.927  1.00 18.84 ? 119 PHE A CA  1 
ATOM   1000 C  C   . PHE A 1 120 ? 14.815  -5.759  -10.473 1.00 22.81 ? 119 PHE A C   1 
ATOM   1001 O  O   . PHE A 1 120 ? 15.716  -5.268  -11.170 1.00 25.40 ? 119 PHE A O   1 
ATOM   1002 C  CB  . PHE A 1 120 ? 12.369  -5.220  -10.617 1.00 17.40 ? 119 PHE A CB  1 
ATOM   1003 C  CG  . PHE A 1 120 ? 11.178  -4.770  -9.820  1.00 17.79 ? 119 PHE A CG  1 
ATOM   1004 C  CD1 . PHE A 1 120 ? 10.799  -3.419  -9.800  1.00 15.05 ? 119 PHE A CD1 1 
ATOM   1005 C  CD2 . PHE A 1 120 ? 10.423  -5.672  -9.061  1.00 14.17 ? 119 PHE A CD2 1 
ATOM   1006 C  CE1 . PHE A 1 120 ? 9.716   -2.995  -9.055  1.00 15.03 ? 119 PHE A CE1 1 
ATOM   1007 C  CE2 . PHE A 1 120 ? 9.327   -5.254  -8.321  1.00 12.57 ? 119 PHE A CE2 1 
ATOM   1008 C  CZ  . PHE A 1 120 ? 8.950   -3.907  -8.320  1.00 14.32 ? 119 PHE A CZ  1 
ATOM   1009 O  OXT . PHE A 1 120 ? 14.831  -6.958  -10.196 1.00 25.10 ? 119 PHE A OXT 1 
HETATM 1010 N  N1  . IMD B 2 .   ? -2.345  -0.771  4.740   1.00 16.81 ? 120 IMD A N1  1 
HETATM 1011 C  C2  . IMD B 2 .   ? -2.522  -1.436  3.584   1.00 18.11 ? 120 IMD A C2  1 
HETATM 1012 N  N3  . IMD B 2 .   ? -1.398  -1.414  2.856   1.00 18.29 ? 120 IMD A N3  1 
HETATM 1013 C  C4  . IMD B 2 .   ? -0.479  -0.699  3.562   1.00 17.54 ? 120 IMD A C4  1 
HETATM 1014 C  C5  . IMD B 2 .   ? -1.081  -0.277  4.714   1.00 14.80 ? 120 IMD A C5  1 
HETATM 1015 O  O1  . UNL C 3 .   ? 8.331   -2.399  6.765   1.00 24.45 ? 121 UNL A O1  1 
HETATM 1016 O  O2  . UNL C 3 .   ? 8.902   -2.970  5.769   1.00 30.30 ? 121 UNL A O2  1 
HETATM 1017 O  O3  . UNL C 3 .   ? 10.149  -2.975  5.631   1.00 18.62 ? 121 UNL A O3  1 
HETATM 1018 O  O4  . UNL C 3 .   ? 8.065   -3.628  4.697   1.00 27.58 ? 121 UNL A O4  1 
HETATM 1019 O  O5  . UNL C 3 .   ? 6.708   -3.303  4.635   1.00 28.79 ? 121 UNL A O5  1 
HETATM 1020 O  O6  . UNL C 3 .   ? 5.903   -3.866  3.660   1.00 28.24 ? 121 UNL A O6  1 
HETATM 1021 O  O7  . UNL C 3 .   ? 6.430   -4.758  2.737   1.00 26.04 ? 121 UNL A O7  1 
HETATM 1022 O  O8  . UNL C 3 .   ? 7.784   -5.112  2.793   1.00 27.77 ? 121 UNL A O8  1 
HETATM 1023 O  O9  . UNL C 3 .   ? 8.620   -4.520  3.785   1.00 27.15 ? 121 UNL A O9  1 
HETATM 1024 S  S   . SO4 D 4 .   ? 18.537  3.749   6.412   0.50 32.52 ? 122 SO4 A S   1 
HETATM 1025 O  O1  . SO4 D 4 .   ? 19.814  4.074   7.045   0.50 39.23 ? 122 SO4 A O1  1 
HETATM 1026 O  O2  . SO4 D 4 .   ? 18.064  2.447   6.893   0.50 25.64 ? 122 SO4 A O2  1 
HETATM 1027 O  O3  . SO4 D 4 .   ? 17.552  4.784   6.718   0.50 36.91 ? 122 SO4 A O3  1 
HETATM 1028 O  O4  . SO4 D 4 .   ? 18.761  3.691   4.970   0.50 30.34 ? 122 SO4 A O4  1 
HETATM 1029 C  C1  A GOL E 5 .   ? -13.467 -9.735  -5.079  0.50 29.33 ? 123 GOL A C1  1 
HETATM 1030 C  C1  B GOL E 5 .   ? -13.314 -10.017 -5.059  0.50 26.92 ? 123 GOL A C1  1 
HETATM 1031 O  O1  A GOL E 5 .   ? -14.276 -10.181 -4.003  0.50 37.69 ? 123 GOL A O1  1 
HETATM 1032 O  O1  B GOL E 5 .   ? -14.270 -9.323  -4.310  0.50 32.67 ? 123 GOL A O1  1 
HETATM 1033 C  C2  A GOL E 5 .   ? -13.896 -10.188 -6.479  0.50 30.35 ? 123 GOL A C2  1 
HETATM 1034 C  C2  B GOL E 5 .   ? -13.632 -10.282 -6.529  0.50 24.74 ? 123 GOL A C2  1 
HETATM 1035 O  O2  A GOL E 5 .   ? -14.397 -9.152  -7.283  0.50 29.63 ? 123 GOL A O2  1 
HETATM 1036 O  O2  B GOL E 5 .   ? -14.269 -11.540 -6.679  0.50 31.96 ? 123 GOL A O2  1 
HETATM 1037 C  C3  A GOL E 5 .   ? -12.704 -10.697 -7.248  0.50 36.24 ? 123 GOL A C3  1 
HETATM 1038 C  C3  B GOL E 5 .   ? -12.358 -10.444 -7.329  0.50 36.75 ? 123 GOL A C3  1 
HETATM 1039 O  O3  A GOL E 5 .   ? -11.609 -9.816  -7.084  0.50 17.31 ? 123 GOL A O3  1 
HETATM 1040 O  O3  B GOL E 5 .   ? -11.620 -9.271  -7.488  0.50 28.41 ? 123 GOL A O3  1 
HETATM 1041 O  O   . HOH F 6 .   ? 7.899   -11.151 6.141   1.00 35.44 ? 124 HOH A O   1 
HETATM 1042 O  O   . HOH F 6 .   ? 8.117   -4.518  -12.130 1.00 36.44 ? 125 HOH A O   1 
HETATM 1043 O  O   . HOH F 6 .   ? 15.791  11.562  5.069   1.00 39.07 ? 126 HOH A O   1 
HETATM 1044 O  O   . HOH F 6 .   ? -5.951  -16.769 -0.059  1.00 37.56 ? 127 HOH A O   1 
HETATM 1045 O  O   . HOH F 6 .   ? -1.287  4.423   15.040  1.00 38.20 ? 128 HOH A O   1 
HETATM 1046 O  O   . HOH F 6 .   ? 9.235   -8.520  2.928   1.00 37.27 ? 129 HOH A O   1 
HETATM 1047 O  O   . HOH F 6 .   ? -7.803  -13.774 2.770   1.00 35.77 ? 130 HOH A O   1 
HETATM 1048 O  O   . HOH F 6 .   ? 9.037   -7.785  -0.685  1.00 35.06 ? 131 HOH A O   1 
HETATM 1049 O  O   . HOH F 6 .   ? 12.340  -10.751 -5.524  1.00 37.38 ? 132 HOH A O   1 
HETATM 1050 O  O   . HOH F 6 .   ? 14.086  -0.236  7.974   1.00 38.25 ? 133 HOH A O   1 
HETATM 1051 O  O   . HOH F 6 .   ? -10.570 8.139   -7.388  1.00 38.82 ? 134 HOH A O   1 
HETATM 1052 O  O   . HOH F 6 .   ? 16.127  1.681   8.352   1.00 35.54 ? 135 HOH A O   1 
HETATM 1053 O  O   . HOH F 6 .   ? -19.848 -5.255  -1.450  1.00 40.40 ? 136 HOH A O   1 
HETATM 1054 O  O   . HOH F 6 .   ? 19.705  -4.518  0.319   1.00 39.07 ? 137 HOH A O   1 
HETATM 1055 O  O   . HOH F 6 .   ? -1.886  10.406  11.997  1.00 39.14 ? 138 HOH A O   1 
HETATM 1056 O  O   . HOH F 6 .   ? -8.921  5.168   -11.358 1.00 38.19 ? 139 HOH A O   1 
HETATM 1057 O  O   . HOH F 6 .   ? -10.572 3.594   -10.742 1.00 41.33 ? 140 HOH A O   1 
HETATM 1058 O  O   . HOH F 6 .   ? 1.147   -16.038 0.091   1.00 36.98 ? 141 HOH A O   1 
HETATM 1059 O  O   . HOH F 6 .   ? -10.397 8.623   15.467  1.00 37.10 ? 142 HOH A O   1 
HETATM 1060 O  O   . HOH F 6 .   ? -7.832  -1.140  14.301  1.00 41.30 ? 143 HOH A O   1 
HETATM 1061 O  O   . HOH F 6 .   ? -17.544 5.559   9.977   1.00 38.84 ? 144 HOH A O   1 
HETATM 1062 O  O   . HOH F 6 .   ? 3.970   11.196  12.665  1.00 40.38 ? 145 HOH A O   1 
HETATM 1063 O  O   . HOH F 6 .   ? -9.108  -2.077  16.958  1.00 44.35 ? 146 HOH A O   1 
HETATM 1064 O  O   . HOH F 6 .   ? 21.518  -0.079  -2.154  1.00 44.72 ? 147 HOH A O   1 
HETATM 1065 O  O   . HOH F 6 .   ? -12.082 8.337   12.326  1.00 43.84 ? 148 HOH A O   1 
HETATM 1066 O  O   . HOH F 6 .   ? 5.550   -7.095  -10.771 1.00 46.96 ? 149 HOH A O   1 
HETATM 1067 O  O   . HOH F 6 .   ? -14.400 1.093   -10.042 1.00 43.48 ? 150 HOH A O   1 
HETATM 1068 O  O   A HOH F 6 .   ? 12.709  -8.666  -8.949  0.50 17.44 ? 151 HOH A O   1 
HETATM 1069 O  O   B HOH F 6 .   ? 10.556  -9.322  -9.511  0.50 20.01 ? 151 HOH A O   1 
HETATM 1070 O  O   . HOH F 6 .   ? 25.211  -3.525  -5.008  1.00 40.04 ? 152 HOH A O   1 
HETATM 1071 O  O   . HOH F 6 .   ? -9.824  13.280  10.038  1.00 41.92 ? 153 HOH A O   1 
HETATM 1072 O  O   . HOH F 6 .   ? 17.411  -2.326  -14.557 1.00 47.13 ? 154 HOH A O   1 
HETATM 1073 O  O   . HOH F 6 .   ? 15.335  8.616   -4.874  1.00 11.10 ? 155 HOH A O   1 
HETATM 1074 O  O   . HOH F 6 .   ? 10.012  4.895   -7.212  1.00 11.32 ? 156 HOH A O   1 
HETATM 1075 O  O   . HOH F 6 .   ? -13.423 11.878  0.162   1.00 11.70 ? 157 HOH A O   1 
HETATM 1076 O  O   . HOH F 6 .   ? 16.098  -3.309  -5.526  1.00 11.57 ? 158 HOH A O   1 
HETATM 1077 O  O   . HOH F 6 .   ? 13.358  10.203  -10.921 1.00 12.07 ? 159 HOH A O   1 
HETATM 1078 O  O   . HOH F 6 .   ? -7.275  -5.143  -13.572 1.00 12.50 ? 160 HOH A O   1 
HETATM 1079 O  O   . HOH F 6 .   ? 17.827  2.817   -10.737 1.00 12.54 ? 161 HOH A O   1 
HETATM 1080 O  O   . HOH F 6 .   ? 5.611   -6.500  10.771  1.00 13.37 ? 162 HOH A O   1 
HETATM 1081 O  O   . HOH F 6 .   ? 19.749  1.299   -9.266  1.00 13.17 ? 163 HOH A O   1 
HETATM 1082 O  O   . HOH F 6 .   ? 11.705  9.278   -13.143 1.00 13.74 ? 164 HOH A O   1 
HETATM 1083 O  O   . HOH F 6 .   ? -5.177  -15.666 -2.434  1.00 13.78 ? 165 HOH A O   1 
HETATM 1084 O  O   . HOH F 6 .   ? -12.451 10.074  1.868   1.00 13.93 ? 166 HOH A O   1 
HETATM 1085 O  O   . HOH F 6 .   ? -4.387  -1.059  6.589   1.00 14.35 ? 167 HOH A O   1 
HETATM 1086 O  O   . HOH F 6 .   ? -2.928  -2.703  -9.395  1.00 15.21 ? 168 HOH A O   1 
HETATM 1087 O  O   . HOH F 6 .   ? 6.702   9.623   11.917  1.00 14.76 ? 169 HOH A O   1 
HETATM 1088 O  O   . HOH F 6 .   ? 3.564   5.755   10.881  1.00 15.08 ? 170 HOH A O   1 
HETATM 1089 O  O   A HOH F 6 .   ? -8.254  -4.758  -5.730  0.80 12.13 ? 171 HOH A O   1 
HETATM 1090 O  O   . HOH F 6 .   ? 8.201   6.740   -5.937  1.00 15.79 ? 172 HOH A O   1 
HETATM 1091 O  O   . HOH F 6 .   ? 1.561   6.024   -9.293  1.00 15.73 ? 173 HOH A O   1 
HETATM 1092 O  O   . HOH F 6 .   ? -7.558  -14.600 -3.570  1.00 15.04 ? 174 HOH A O   1 
HETATM 1093 O  O   . HOH F 6 .   ? -1.164  -2.480  0.499   1.00 16.28 ? 175 HOH A O   1 
HETATM 1094 O  O   . HOH F 6 .   ? 9.199   13.170  3.095   1.00 15.83 ? 176 HOH A O   1 
HETATM 1095 O  O   . HOH F 6 .   ? 8.191   8.548   5.602   1.00 15.57 ? 177 HOH A O   1 
HETATM 1096 O  O   . HOH F 6 .   ? -17.919 -3.632  -1.219  1.00 16.22 ? 178 HOH A O   1 
HETATM 1097 O  O   . HOH F 6 .   ? 5.183   -3.296  -8.734  1.00 17.86 ? 179 HOH A O   1 
HETATM 1098 O  O   . HOH F 6 .   ? -14.027 -3.169  -7.263  1.00 16.61 ? 180 HOH A O   1 
HETATM 1099 O  O   . HOH F 6 .   ? -9.968  14.637  2.604   1.00 16.87 ? 181 HOH A O   1 
HETATM 1100 O  O   . HOH F 6 .   ? -3.600  -5.179  9.548   1.00 18.04 ? 182 HOH A O   1 
HETATM 1101 O  O   . HOH F 6 .   ? 6.797   -3.777  10.681  1.00 17.87 ? 183 HOH A O   1 
HETATM 1102 O  O   . HOH F 6 .   ? 18.809  8.079   -3.494  1.00 18.13 ? 184 HOH A O   1 
HETATM 1103 O  O   . HOH F 6 .   ? 3.658   -13.310 -1.260  1.00 17.42 ? 185 HOH A O   1 
HETATM 1104 O  O   . HOH F 6 .   ? -4.939  -2.639  10.070  1.00 18.22 ? 186 HOH A O   1 
HETATM 1105 O  O   . HOH F 6 .   ? 9.549   10.478  4.143   1.00 18.38 ? 187 HOH A O   1 
HETATM 1106 O  O   . HOH F 6 .   ? -6.281  -6.174  9.793   1.00 17.94 ? 188 HOH A O   1 
HETATM 1107 O  O   . HOH F 6 .   ? 12.891  3.144   -16.045 1.00 17.71 ? 189 HOH A O   1 
HETATM 1108 O  O   . HOH F 6 .   ? 6.283   14.767  10.867  1.00 18.50 ? 190 HOH A O   1 
HETATM 1109 O  O   . HOH F 6 .   ? -18.069 -0.804  -1.761  1.00 19.12 ? 191 HOH A O   1 
HETATM 1110 O  O   . HOH F 6 .   ? -1.215  -8.869  11.371  1.00 19.77 ? 192 HOH A O   1 
HETATM 1111 O  O   . HOH F 6 .   ? 2.240   9.231   11.614  1.00 19.05 ? 193 HOH A O   1 
HETATM 1112 O  O   . HOH F 6 .   ? 6.372   -1.325  12.658  1.00 19.09 ? 194 HOH A O   1 
HETATM 1113 O  O   . HOH F 6 .   ? -7.803  1.571   14.610  1.00 20.53 ? 195 HOH A O   1 
HETATM 1114 O  O   . HOH F 6 .   ? 14.960  3.777   9.692   1.00 19.42 ? 196 HOH A O   1 
HETATM 1115 O  O   . HOH F 6 .   ? 3.108   1.463   -14.030 1.00 20.24 ? 197 HOH A O   1 
HETATM 1116 O  O   . HOH F 6 .   ? -11.253 10.990  9.058   1.00 20.19 ? 198 HOH A O   1 
HETATM 1117 O  O   . HOH F 6 .   ? -1.944  -5.337  -8.763  1.00 20.52 ? 199 HOH A O   1 
HETATM 1118 O  O   . HOH F 6 .   ? -9.803  8.297   12.421  1.00 19.87 ? 200 HOH A O   1 
HETATM 1119 O  O   . HOH F 6 .   ? -6.420  5.473   -11.858 1.00 21.18 ? 201 HOH A O   1 
HETATM 1120 O  O   . HOH F 6 .   ? -11.224 11.332  -3.997  1.00 21.49 ? 202 HOH A O   1 
HETATM 1121 O  O   . HOH F 6 .   ? 15.339  5.457   2.898   1.00 20.80 ? 203 HOH A O   1 
HETATM 1122 O  O   . HOH F 6 .   ? -15.492 -7.664  -5.745  1.00 20.56 ? 204 HOH A O   1 
HETATM 1123 O  O   . HOH F 6 .   ? -15.021 -5.607  -7.785  1.00 20.98 ? 205 HOH A O   1 
HETATM 1124 O  O   . HOH F 6 .   ? -2.278  -5.864  11.840  1.00 21.97 ? 206 HOH A O   1 
HETATM 1125 O  O   . HOH F 6 .   ? -17.675 3.076   -1.007  1.00 21.93 ? 207 HOH A O   1 
HETATM 1126 O  O   . HOH F 6 .   ? 17.822  4.876   3.020   1.00 21.24 ? 208 HOH A O   1 
HETATM 1127 O  O   . HOH F 6 .   ? -13.911 20.105  5.112   1.00 21.27 ? 209 HOH A O   1 
HETATM 1128 O  O   . HOH F 6 .   ? -13.276 7.615   -4.520  1.00 21.38 ? 210 HOH A O   1 
HETATM 1129 O  O   . HOH F 6 .   ? 11.297  -8.503  -6.545  1.00 21.81 ? 211 HOH A O   1 
HETATM 1130 O  O   . HOH F 6 .   ? 19.964  0.254   -0.161  1.00 20.67 ? 212 HOH A O   1 
HETATM 1131 O  O   . HOH F 6 .   ? -17.536 -5.407  1.831   1.00 21.68 ? 213 HOH A O   1 
HETATM 1132 O  O   . HOH F 6 .   ? -13.445 -18.033 -3.930  1.00 22.97 ? 214 HOH A O   1 
HETATM 1133 O  O   . HOH F 6 .   ? 5.712   -13.550 -2.858  1.00 23.72 ? 215 HOH A O   1 
HETATM 1134 O  O   . HOH F 6 .   ? -13.803 0.719   -4.734  1.00 24.70 ? 216 HOH A O   1 
HETATM 1135 O  O   . HOH F 6 .   ? -2.417  -17.831 -0.101  1.00 22.94 ? 217 HOH A O   1 
HETATM 1136 O  O   . HOH F 6 .   ? -1.985  -14.864 5.407   1.00 23.89 ? 218 HOH A O   1 
HETATM 1137 O  O   . HOH F 6 .   ? -5.501  8.104   -12.333 1.00 23.06 ? 219 HOH A O   1 
HETATM 1138 O  O   . HOH F 6 .   ? 2.250   12.727  10.646  1.00 23.60 ? 220 HOH A O   1 
HETATM 1139 O  O   . HOH F 6 .   ? -8.457  10.221  8.646   1.00 25.15 ? 221 HOH A O   1 
HETATM 1140 O  O   . HOH F 6 .   ? 2.848   -1.570  -14.324 1.00 24.06 ? 222 HOH A O   1 
HETATM 1141 O  O   . HOH F 6 .   ? 10.919  -6.831  0.975   1.00 25.03 ? 223 HOH A O   1 
HETATM 1142 O  O   . HOH F 6 .   ? -9.394  -3.187  9.782   1.00 25.28 ? 224 HOH A O   1 
HETATM 1143 O  O   . HOH F 6 .   ? -14.779 6.197   9.766   1.00 23.92 ? 225 HOH A O   1 
HETATM 1144 O  O   . HOH F 6 .   ? 9.589   -7.626  5.527   1.00 25.37 ? 226 HOH A O   1 
HETATM 1145 O  O   . HOH F 6 .   ? -7.156  8.880   11.695  1.00 25.74 ? 227 HOH A O   1 
HETATM 1146 O  O   . HOH F 6 .   ? 14.649  -3.560  -13.194 1.00 25.97 ? 228 HOH A O   1 
HETATM 1147 O  O   . HOH F 6 .   ? 20.707  2.540   1.491   1.00 26.14 ? 229 HOH A O   1 
HETATM 1148 O  O   . HOH F 6 .   ? 0.480   -4.067  -10.255 1.00 26.26 ? 230 HOH A O   1 
HETATM 1149 O  O   . HOH F 6 .   ? 6.021   -9.286  2.989   1.00 27.08 ? 231 HOH A O   1 
HETATM 1150 O  O   . HOH F 6 .   ? 18.949  -7.507  -5.956  1.00 27.23 ? 232 HOH A O   1 
HETATM 1151 O  O   . HOH F 6 .   ? -17.421 -0.467  5.609   1.00 28.26 ? 233 HOH A O   1 
HETATM 1152 O  O   . HOH F 6 .   ? -14.716 -15.684 -7.226  1.00 26.81 ? 234 HOH A O   1 
HETATM 1153 O  O   . HOH F 6 .   ? 10.505  -3.899  -13.981 1.00 28.12 ? 235 HOH A O   1 
HETATM 1154 O  O   . HOH F 6 .   ? 22.819  -2.998  -5.910  1.00 27.29 ? 236 HOH A O   1 
HETATM 1155 O  O   . HOH F 6 .   ? 14.608  10.413  -0.297  1.00 28.17 ? 237 HOH A O   1 
HETATM 1156 O  O   . HOH F 6 .   ? 2.505   -14.868 3.638   1.00 27.65 ? 238 HOH A O   1 
HETATM 1157 O  O   . HOH F 6 .   ? 17.014  -3.753  2.284   1.00 26.77 ? 239 HOH A O   1 
HETATM 1158 O  O   . HOH F 6 .   ? 6.573   -4.044  -15.790 1.00 40.48 ? 240 HOH A O   1 
HETATM 1159 O  O   . HOH F 6 .   ? 10.661  -8.087  -2.844  1.00 28.26 ? 241 HOH A O   1 
HETATM 1160 O  O   . HOH F 6 .   ? 17.997  -3.236  -12.179 1.00 28.27 ? 242 HOH A O   1 
HETATM 1161 O  O   . HOH F 6 .   ? -11.566 -2.054  9.576   1.00 29.60 ? 243 HOH A O   1 
HETATM 1162 O  O   . HOH F 6 .   ? -8.419  -3.230  12.178  1.00 31.35 ? 244 HOH A O   1 
HETATM 1163 O  O   . HOH F 6 .   ? 5.981   -1.869  -16.998 1.00 30.85 ? 245 HOH A O   1 
HETATM 1164 O  O   . HOH F 6 .   ? 21.432  -6.030  -6.707  1.00 29.19 ? 246 HOH A O   1 
HETATM 1165 O  O   . HOH F 6 .   ? 6.382   -3.008  -11.361 1.00 29.66 ? 247 HOH A O   1 
HETATM 1166 O  O   . HOH F 6 .   ? -18.941 -2.859  1.518   1.00 29.77 ? 248 HOH A O   1 
HETATM 1167 O  O   . HOH F 6 .   ? 17.308  -9.544  -2.188  1.00 30.74 ? 249 HOH A O   1 
HETATM 1168 O  O   . HOH F 6 .   ? -4.386  -5.715  12.977  1.00 30.59 ? 250 HOH A O   1 
HETATM 1169 O  O   . HOH F 6 .   ? 6.461   -13.997 -5.253  1.00 29.78 ? 251 HOH A O   1 
HETATM 1170 O  O   . HOH F 6 .   ? -17.528 -4.626  -8.700  1.00 30.37 ? 252 HOH A O   1 
HETATM 1171 O  O   . HOH F 6 .   ? -17.167 0.279   8.788   1.00 30.93 ? 253 HOH A O   1 
HETATM 1172 O  O   . HOH F 6 .   ? 20.275  9.503   -1.660  1.00 31.82 ? 254 HOH A O   1 
HETATM 1173 O  O   . HOH F 6 .   ? -5.372  -3.060  15.019  1.00 33.08 ? 255 HOH A O   1 
HETATM 1174 O  O   . HOH F 6 .   ? 10.515  -1.378  8.306   1.00 31.59 ? 256 HOH A O   1 
HETATM 1175 O  O   . HOH F 6 .   ? -13.349 9.197   10.071  1.00 31.64 ? 257 HOH A O   1 
HETATM 1176 O  O   . HOH F 6 .   ? -8.936  -12.713 5.296   1.00 33.17 ? 258 HOH A O   1 
HETATM 1177 O  O   . HOH F 6 .   ? -10.091 -5.785  10.200  1.00 34.58 ? 259 HOH A O   1 
HETATM 1178 O  O   . HOH F 6 .   ? -0.262  8.155   12.598  1.00 33.95 ? 260 HOH A O   1 
HETATM 1179 O  O   . HOH F 6 .   ? -3.541  -14.291 9.863   1.00 32.68 ? 261 HOH A O   1 
HETATM 1180 O  O   . HOH F 6 .   ? -15.468 -0.902  -7.586  1.00 34.75 ? 262 HOH A O   1 
HETATM 1181 O  O   . HOH F 6 .   ? -13.238 6.129   12.183  1.00 36.17 ? 263 HOH A O   1 
HETATM 1182 O  O   . HOH F 6 .   ? 3.964   -3.513  -12.528 1.00 34.28 ? 264 HOH A O   1 
HETATM 1183 O  O   . HOH F 6 .   ? 10.846  -5.161  5.960   1.00 35.12 ? 265 HOH A O   1 
HETATM 1184 O  O   . HOH F 6 .   ? 10.092  6.043   -19.407 1.00 36.45 ? 266 HOH A O   1 
HETATM 1185 O  O   . HOH F 6 .   ? -8.539  -9.208  11.407  1.00 33.53 ? 267 HOH A O   1 
HETATM 1186 O  O   . HOH F 6 .   ? 5.868   12.412  11.806  1.00 33.13 ? 268 HOH A O   1 
HETATM 1187 O  O   . HOH F 6 .   ? -18.002 -4.971  -11.464 1.00 35.06 ? 269 HOH A O   1 
HETATM 1188 O  O   . HOH F 6 .   ? -7.647  -7.028  12.157  1.00 35.34 ? 270 HOH A O   1 
HETATM 1189 O  O   . HOH F 6 .   ? 13.011  -5.707  3.924   1.00 34.45 ? 271 HOH A O   1 
HETATM 1190 O  O   . HOH F 6 .   ? -13.006 5.178   -6.271  1.00 36.13 ? 272 HOH A O   1 
HETATM 1191 O  O   . HOH F 6 .   ? -5.926  -3.083  12.258  1.00 36.87 ? 273 HOH A O   1 
# 
